data_3UW8
#
_entry.id   3UW8
#
_cell.length_a   315.410
_cell.length_b   81.120
_cell.length_c   75.020
_cell.angle_alpha   90.00
_cell.angle_beta   99.84
_cell.angle_gamma   90.00
#
_symmetry.space_group_name_H-M   'C 1 2 1'
#
loop_
_entity.id
_entity.type
_entity.pdbx_description
1 polymer 'Catalase-peroxidase 2'
2 non-polymer 'PROTOPORPHYRIN IX CONTAINING FE'
3 water water
#
_entity_poly.entity_id   1
_entity_poly.type   'polypeptide(L)'
_entity_poly.pdbx_seq_one_letter_code
;MAETPNSDMSGATGGRSKRPKSNQDWWPSKLNLEILDQNARDVGPVEDDFDYAEEFQKLDLEAVKSDLEELMTSSQDWWP
ADYGHYGPLFIRMAWHSAGTYRTADGRGGAAGGRQRFAPINSWPDNANLDKARRLLLPIKQKYGQKISWADLMILAGNVA
IESMGFKTFGYAGGREDAFEEDKAVNWGPEDEFETQERFDEPGEIQEGLGASVMGLIYVNPEGPDGNPDPEASAKNIRQT
FDRMAMNDKETAALIAGGHTFGKVHGADDPEENLGPEPEAAPIEQQGLGWQNKNGNSKGGEMITTGIEGPWTQSPTEWDM
GYINNLLDYEWEPEKGPGGAWQWAPKSEELKNSVPDAHDPDEKQTPMMLTTDIALKRDPDYREVMETFQENPMEFGMNFA
KAWYKLTHRDMGPPERFLGPEVPDEEMIWQDPLPDADYDLIGDEEIAELKEEILDSDLSVSQLVKTAWASASTYRDSDKR
GGANGARLRLEPQKNWEVNEPEQLETVLGTLENIQTEFNDSRSDGTQVSLADLIVLGGNAAVEQAAANAGYDVEIPFEPG
RVDAGPEHTDAPSFDALKPKVDGVRNYIQDDITRPAEEVLVDNADLLNLTASELTALIGGMRSIGANYQDTDLGVFTDEP
ETLTNDFFVNLLDMGTEWEPAADSEHRYKGLDRDTGEVKWEATRIDLIFGSNDRLRAISEVYGSADAEKKLVHDFVDTWS
KVMKLDRFDLEHHHHHH
;
_entity_poly.pdbx_strand_id   A,B
#
loop_
_chem_comp.id
_chem_comp.type
_chem_comp.name
_chem_comp.formula
HEM non-polymer 'PROTOPORPHYRIN IX CONTAINING FE' 'C34 H32 Fe N4 O4'
#
# COMPACT_ATOMS: atom_id res chain seq x y z
N LYS A 18 20.00 3.51 -4.58
CA LYS A 18 18.88 3.12 -5.50
C LYS A 18 17.56 2.89 -4.75
N ARG A 19 16.61 2.25 -5.43
CA ARG A 19 15.29 1.95 -4.86
C ARG A 19 15.21 0.49 -4.40
N PRO A 20 14.21 0.18 -3.53
CA PRO A 20 14.05 -1.20 -3.03
C PRO A 20 13.61 -2.16 -4.12
N LYS A 21 13.02 -3.27 -3.71
CA LYS A 21 12.54 -4.29 -4.63
C LYS A 21 11.36 -5.01 -3.97
N SER A 22 10.16 -4.79 -4.50
CA SER A 22 8.93 -5.39 -3.97
C SER A 22 8.92 -6.92 -3.93
N ASN A 23 8.02 -7.46 -3.11
CA ASN A 23 7.89 -8.88 -2.97
C ASN A 23 7.29 -9.52 -4.23
N GLN A 24 6.58 -8.72 -5.03
CA GLN A 24 5.98 -9.20 -6.27
C GLN A 24 7.07 -9.50 -7.30
N ASP A 25 8.26 -8.92 -7.08
CA ASP A 25 9.40 -9.13 -7.96
C ASP A 25 10.07 -10.47 -7.71
N TRP A 26 10.17 -10.85 -6.44
CA TRP A 26 10.78 -12.11 -6.06
C TRP A 26 9.85 -13.30 -6.30
N TRP A 27 8.54 -13.07 -6.12
CA TRP A 27 7.53 -14.11 -6.32
C TRP A 27 6.29 -13.54 -7.02
N PRO A 28 6.29 -13.59 -8.36
CA PRO A 28 5.20 -13.08 -9.21
C PRO A 28 3.80 -13.52 -8.77
N SER A 29 3.66 -14.77 -8.36
CA SER A 29 2.37 -15.31 -7.95
C SER A 29 1.90 -14.93 -6.54
N LYS A 30 2.65 -14.03 -5.88
CA LYS A 30 2.26 -13.63 -4.54
C LYS A 30 0.92 -12.90 -4.58
N LEU A 31 -0.01 -13.37 -3.76
CA LEU A 31 -1.33 -12.78 -3.68
C LEU A 31 -1.12 -11.29 -3.55
N ASN A 32 -1.91 -10.50 -4.26
CA ASN A 32 -1.75 -9.06 -4.17
C ASN A 32 -2.73 -8.47 -3.17
N LEU A 33 -2.40 -8.57 -1.89
CA LEU A 33 -3.29 -8.05 -0.85
C LEU A 33 -3.27 -6.53 -0.73
N GLU A 34 -2.37 -5.87 -1.47
CA GLU A 34 -2.27 -4.42 -1.42
C GLU A 34 -3.55 -3.76 -1.91
N ILE A 35 -4.34 -4.47 -2.72
CA ILE A 35 -5.57 -3.87 -3.20
C ILE A 35 -6.56 -3.76 -2.06
N LEU A 36 -6.43 -4.62 -1.05
CA LEU A 36 -7.35 -4.57 0.09
C LEU A 36 -6.89 -3.52 1.09
N ASP A 37 -5.58 -3.31 1.14
CA ASP A 37 -5.03 -2.31 2.05
C ASP A 37 -5.54 -0.92 1.65
N GLN A 38 -5.77 -0.72 0.36
CA GLN A 38 -6.27 0.57 -0.13
C GLN A 38 -7.64 0.85 0.53
N ASN A 39 -8.30 -0.20 1.02
CA ASN A 39 -9.61 -0.06 1.65
C ASN A 39 -9.56 0.20 3.13
N ALA A 40 -8.38 0.02 3.70
CA ALA A 40 -8.16 0.24 5.11
C ALA A 40 -8.15 1.73 5.35
N ARG A 41 -7.19 2.42 4.76
CA ARG A 41 -7.08 3.87 4.94
C ARG A 41 -7.54 4.70 3.75
N ASP A 42 -7.43 6.01 3.88
CA ASP A 42 -7.82 6.90 2.80
C ASP A 42 -6.72 7.89 2.58
N VAL A 43 -5.75 7.56 1.74
CA VAL A 43 -4.65 8.47 1.48
C VAL A 43 -5.19 9.80 1.00
N GLY A 44 -4.53 10.88 1.38
CA GLY A 44 -5.01 12.19 1.00
C GLY A 44 -5.21 13.00 2.26
N PRO A 45 -5.37 14.32 2.14
CA PRO A 45 -5.56 15.21 3.28
C PRO A 45 -7.02 15.57 3.53
N VAL A 46 -7.93 14.73 3.04
CA VAL A 46 -9.34 14.99 3.21
C VAL A 46 -9.85 14.40 4.53
N GLU A 47 -10.56 15.22 5.28
CA GLU A 47 -11.14 14.82 6.56
C GLU A 47 -11.95 13.54 6.40
N ASP A 48 -12.04 12.75 7.46
CA ASP A 48 -12.81 11.50 7.43
C ASP A 48 -14.31 11.82 7.42
N ASP A 49 -14.69 12.86 8.18
CA ASP A 49 -16.09 13.28 8.27
C ASP A 49 -16.47 14.28 7.16
N PHE A 50 -15.68 14.30 6.09
CA PHE A 50 -15.95 15.19 4.98
C PHE A 50 -16.97 14.57 4.02
N ASP A 51 -18.13 15.20 3.95
CA ASP A 51 -19.20 14.74 3.08
C ASP A 51 -19.16 15.54 1.77
N TYR A 52 -18.60 14.94 0.71
CA TYR A 52 -18.50 15.61 -0.59
C TYR A 52 -19.84 16.05 -1.15
N ALA A 53 -20.86 15.25 -0.88
CA ALA A 53 -22.19 15.53 -1.34
C ALA A 53 -22.61 16.89 -0.81
N GLU A 54 -22.40 17.11 0.49
CA GLU A 54 -22.78 18.36 1.11
C GLU A 54 -22.01 19.53 0.54
N GLU A 55 -20.75 19.29 0.20
CA GLU A 55 -19.93 20.35 -0.34
C GLU A 55 -20.43 20.75 -1.73
N PHE A 56 -20.66 19.76 -2.58
CA PHE A 56 -21.16 20.03 -3.92
C PHE A 56 -22.50 20.72 -3.77
N GLN A 57 -23.28 20.27 -2.79
CA GLN A 57 -24.59 20.86 -2.54
C GLN A 57 -24.51 22.38 -2.37
N LYS A 58 -23.31 22.88 -2.04
CA LYS A 58 -23.10 24.31 -1.83
C LYS A 58 -22.57 25.00 -3.09
N LEU A 59 -22.01 24.23 -4.00
CA LEU A 59 -21.45 24.76 -5.24
C LEU A 59 -22.46 25.56 -6.02
N ASP A 60 -22.00 26.57 -6.76
CA ASP A 60 -22.93 27.31 -7.60
C ASP A 60 -22.57 26.90 -9.02
N LEU A 61 -23.08 25.75 -9.41
CA LEU A 61 -22.85 25.15 -10.71
C LEU A 61 -22.82 26.15 -11.87
N GLU A 62 -23.74 27.12 -11.88
CA GLU A 62 -23.75 28.09 -12.98
C GLU A 62 -22.50 28.96 -13.06
N ALA A 63 -22.02 29.42 -11.91
CA ALA A 63 -20.83 30.25 -11.86
C ALA A 63 -19.64 29.47 -12.40
N VAL A 64 -19.62 28.17 -12.11
CA VAL A 64 -18.53 27.33 -12.58
C VAL A 64 -18.67 27.16 -14.09
N LYS A 65 -19.88 26.84 -14.54
CA LYS A 65 -20.16 26.67 -15.97
C LYS A 65 -19.90 27.99 -16.71
N SER A 66 -20.16 29.10 -16.04
CA SER A 66 -19.93 30.40 -16.64
C SER A 66 -18.44 30.66 -16.86
N ASP A 67 -17.64 30.31 -15.85
CA ASP A 67 -16.19 30.48 -15.88
C ASP A 67 -15.59 29.54 -16.93
N LEU A 68 -16.13 28.33 -17.03
CA LEU A 68 -15.64 27.38 -18.02
C LEU A 68 -15.97 27.92 -19.38
N GLU A 69 -17.09 28.63 -19.47
CA GLU A 69 -17.51 29.20 -20.74
C GLU A 69 -16.39 30.09 -21.27
N GLU A 70 -15.92 31.02 -20.45
CA GLU A 70 -14.85 31.94 -20.83
C GLU A 70 -13.54 31.23 -21.13
N LEU A 71 -13.18 30.24 -20.32
CA LEU A 71 -11.95 29.49 -20.52
C LEU A 71 -11.92 28.92 -21.94
N MET A 72 -13.08 28.49 -22.40
CA MET A 72 -13.23 27.89 -23.71
C MET A 72 -12.53 28.65 -24.83
N THR A 73 -12.47 29.97 -24.69
CA THR A 73 -11.83 30.82 -25.71
C THR A 73 -10.74 31.69 -25.13
N SER A 74 -10.18 31.30 -23.99
CA SER A 74 -9.14 32.06 -23.34
C SER A 74 -7.79 31.31 -23.45
N SER A 75 -7.21 31.35 -24.64
CA SER A 75 -5.95 30.67 -24.96
C SER A 75 -4.71 31.06 -24.15
N GLN A 76 -4.07 30.07 -23.53
CA GLN A 76 -2.83 30.30 -22.78
C GLN A 76 -1.71 29.95 -23.77
N ASP A 77 -0.57 30.63 -23.70
CA ASP A 77 0.52 30.37 -24.64
C ASP A 77 1.28 29.05 -24.56
N TRP A 78 1.32 28.43 -23.39
CA TRP A 78 2.01 27.15 -23.26
C TRP A 78 1.27 26.03 -24.01
N TRP A 79 0.13 26.34 -24.58
CA TRP A 79 -0.64 25.33 -25.31
C TRP A 79 -1.84 25.98 -26.02
N PRO A 80 -1.56 26.88 -26.98
CA PRO A 80 -2.55 27.60 -27.78
C PRO A 80 -3.75 26.78 -28.19
N ALA A 81 -4.92 27.36 -28.01
CA ALA A 81 -6.19 26.71 -28.35
C ALA A 81 -6.36 26.54 -29.86
N ASP A 82 -6.86 25.37 -30.28
CA ASP A 82 -7.12 25.11 -31.69
C ASP A 82 -8.31 25.98 -32.06
N TYR A 83 -8.23 26.64 -33.22
CA TYR A 83 -9.32 27.49 -33.67
C TYR A 83 -9.77 28.49 -32.59
N GLY A 84 -8.86 28.85 -31.69
CA GLY A 84 -9.20 29.79 -30.63
C GLY A 84 -10.29 29.25 -29.72
N HIS A 85 -10.44 27.93 -29.72
CA HIS A 85 -11.47 27.25 -28.92
C HIS A 85 -11.04 25.93 -28.31
N TYR A 86 -10.93 25.87 -26.99
CA TYR A 86 -10.52 24.62 -26.34
C TYR A 86 -11.57 23.51 -26.31
N GLY A 87 -12.81 23.83 -26.71
CA GLY A 87 -13.87 22.84 -26.67
C GLY A 87 -13.51 21.41 -27.03
N PRO A 88 -13.16 21.14 -28.29
CA PRO A 88 -12.78 19.79 -28.75
C PRO A 88 -11.81 19.05 -27.82
N LEU A 89 -10.73 19.71 -27.44
CA LEU A 89 -9.75 19.12 -26.54
C LEU A 89 -10.34 18.69 -25.19
N PHE A 90 -11.21 19.55 -24.66
CA PHE A 90 -11.87 19.22 -23.41
C PHE A 90 -12.74 18.00 -23.58
N ILE A 91 -13.54 17.98 -24.63
CA ILE A 91 -14.39 16.84 -24.87
C ILE A 91 -13.57 15.55 -24.86
N ARG A 92 -12.48 15.51 -25.63
CA ARG A 92 -11.61 14.31 -25.69
C ARG A 92 -11.13 13.95 -24.29
N MET A 93 -10.94 14.97 -23.47
CA MET A 93 -10.47 14.74 -22.11
C MET A 93 -11.58 14.07 -21.27
N ALA A 94 -12.82 14.57 -21.38
CA ALA A 94 -13.92 14.03 -20.59
C ALA A 94 -14.23 12.60 -21.05
N TRP A 95 -14.26 12.44 -22.36
CA TRP A 95 -14.54 11.16 -22.96
C TRP A 95 -13.47 10.12 -22.61
N HIS A 96 -12.23 10.55 -22.41
CA HIS A 96 -11.17 9.61 -22.02
C HIS A 96 -11.27 9.33 -20.51
N SER A 97 -11.71 10.34 -19.75
CA SER A 97 -11.85 10.19 -18.29
C SER A 97 -12.89 9.12 -17.97
N ALA A 98 -13.85 8.92 -18.85
CA ALA A 98 -14.89 7.95 -18.58
C ALA A 98 -14.70 6.68 -19.38
N GLY A 99 -14.16 6.83 -20.58
CA GLY A 99 -13.95 5.74 -21.51
C GLY A 99 -13.16 4.52 -21.09
N THR A 100 -12.43 4.58 -19.98
CA THR A 100 -11.64 3.43 -19.54
C THR A 100 -12.48 2.38 -18.80
N TYR A 101 -13.75 2.70 -18.64
CA TYR A 101 -14.71 1.86 -17.93
C TYR A 101 -15.05 0.46 -18.48
N ARG A 102 -14.87 -0.57 -17.66
CA ARG A 102 -15.22 -1.94 -18.08
C ARG A 102 -16.47 -2.38 -17.31
N THR A 103 -17.33 -3.19 -17.92
CA THR A 103 -18.51 -3.66 -17.20
C THR A 103 -18.16 -4.88 -16.36
N ALA A 104 -17.29 -5.74 -16.89
CA ALA A 104 -16.90 -6.96 -16.19
C ALA A 104 -16.67 -6.83 -14.69
N ASP A 105 -15.97 -5.78 -14.25
CA ASP A 105 -15.71 -5.57 -12.82
C ASP A 105 -16.22 -4.20 -12.34
N GLY A 106 -16.58 -3.32 -13.28
CA GLY A 106 -17.08 -2.01 -12.93
C GLY A 106 -16.02 -1.00 -12.57
N ARG A 107 -14.79 -1.33 -12.95
CA ARG A 107 -13.67 -0.47 -12.66
C ARG A 107 -13.27 0.40 -13.84
N GLY A 108 -12.53 1.47 -13.55
CA GLY A 108 -12.13 2.41 -14.59
C GLY A 108 -13.22 3.47 -14.55
N GLY A 109 -13.30 4.31 -15.58
CA GLY A 109 -14.36 5.31 -15.58
C GLY A 109 -13.97 6.68 -15.08
N ALA A 110 -14.96 7.54 -14.91
CA ALA A 110 -14.63 8.85 -14.45
C ALA A 110 -14.95 9.06 -12.99
N ALA A 111 -15.41 8.01 -12.32
CA ALA A 111 -15.80 8.11 -10.90
C ALA A 111 -14.75 8.70 -9.95
N GLY A 112 -13.47 8.44 -10.15
CA GLY A 112 -12.49 8.99 -9.25
C GLY A 112 -11.60 10.07 -9.87
N GLY A 113 -11.77 10.31 -11.16
CA GLY A 113 -10.94 11.29 -11.84
C GLY A 113 -9.52 10.76 -11.88
N ARG A 114 -9.37 9.44 -11.85
CA ARG A 114 -8.04 8.83 -11.83
C ARG A 114 -7.15 9.01 -13.06
N GLN A 115 -7.68 9.70 -14.06
CA GLN A 115 -6.87 9.94 -15.24
C GLN A 115 -5.64 10.72 -14.78
N ARG A 116 -5.78 11.42 -13.67
CA ARG A 116 -4.70 12.23 -13.11
C ARG A 116 -3.50 11.47 -12.53
N PHE A 117 -3.69 10.21 -12.15
CA PHE A 117 -2.60 9.42 -11.58
C PHE A 117 -2.04 8.36 -12.54
N ALA A 118 -0.85 7.86 -12.23
CA ALA A 118 -0.25 6.84 -13.07
C ALA A 118 -1.02 5.54 -12.82
N PRO A 119 -1.03 4.63 -13.81
CA PRO A 119 -0.36 4.74 -15.11
C PRO A 119 -1.18 5.50 -16.15
N ILE A 120 -2.48 5.57 -15.94
CA ILE A 120 -3.43 6.22 -16.86
C ILE A 120 -2.96 7.59 -17.36
N ASN A 121 -2.47 8.43 -16.47
CA ASN A 121 -2.05 9.78 -16.84
C ASN A 121 -0.89 9.80 -17.83
N SER A 122 -0.24 8.66 -17.99
CA SER A 122 0.91 8.54 -18.89
C SER A 122 0.66 7.54 -20.01
N TRP A 123 -0.61 7.21 -20.20
CA TRP A 123 -0.96 6.28 -21.26
C TRP A 123 -0.73 6.97 -22.58
N PRO A 124 -0.31 6.23 -23.60
CA PRO A 124 -0.08 6.85 -24.91
C PRO A 124 -1.36 7.61 -25.33
N ASP A 125 -2.49 6.92 -25.32
CA ASP A 125 -3.76 7.52 -25.70
C ASP A 125 -4.05 8.83 -24.98
N ASN A 126 -3.53 9.04 -23.77
CA ASN A 126 -3.81 10.30 -23.06
C ASN A 126 -2.82 11.44 -23.31
N ALA A 127 -1.98 11.30 -24.33
CA ALA A 127 -1.00 12.32 -24.67
C ALA A 127 -1.61 13.71 -24.75
N ASN A 128 -0.92 14.65 -24.12
CA ASN A 128 -1.31 16.03 -24.06
C ASN A 128 -2.58 16.30 -23.23
N LEU A 129 -3.22 15.27 -22.69
CA LEU A 129 -4.41 15.53 -21.87
C LEU A 129 -3.96 16.14 -20.56
N ASP A 130 -2.65 16.07 -20.31
CA ASP A 130 -2.05 16.66 -19.14
C ASP A 130 -2.24 18.17 -19.26
N LYS A 131 -1.99 18.68 -20.46
CA LYS A 131 -2.16 20.11 -20.70
C LYS A 131 -3.62 20.56 -20.56
N ALA A 132 -4.57 19.74 -21.03
CA ALA A 132 -5.98 20.06 -20.93
C ALA A 132 -6.41 20.14 -19.46
N ARG A 133 -5.94 19.21 -18.63
CA ARG A 133 -6.29 19.22 -17.21
C ARG A 133 -5.69 20.45 -16.57
N ARG A 134 -4.43 20.71 -16.89
CA ARG A 134 -3.75 21.86 -16.32
C ARG A 134 -4.55 23.15 -16.54
N LEU A 135 -5.17 23.28 -17.71
CA LEU A 135 -5.96 24.46 -18.05
C LEU A 135 -7.10 24.72 -17.06
N LEU A 136 -7.66 23.65 -16.52
CA LEU A 136 -8.74 23.75 -15.56
C LEU A 136 -8.24 24.06 -14.17
N LEU A 137 -6.93 24.10 -14.00
CA LEU A 137 -6.38 24.32 -12.66
C LEU A 137 -6.83 25.56 -11.87
N PRO A 138 -6.99 26.72 -12.53
CA PRO A 138 -7.43 27.94 -11.82
C PRO A 138 -8.86 27.78 -11.28
N ILE A 139 -9.78 27.42 -12.15
CA ILE A 139 -11.17 27.19 -11.77
C ILE A 139 -11.25 26.11 -10.67
N LYS A 140 -10.48 25.05 -10.81
CA LYS A 140 -10.47 23.99 -9.81
C LYS A 140 -10.06 24.58 -8.46
N GLN A 141 -9.09 25.49 -8.44
CA GLN A 141 -8.65 26.11 -7.18
C GLN A 141 -9.60 27.18 -6.68
N LYS A 142 -10.29 27.83 -7.61
CA LYS A 142 -11.23 28.89 -7.27
C LYS A 142 -12.44 28.38 -6.47
N TYR A 143 -12.88 27.15 -6.73
CA TYR A 143 -14.03 26.59 -6.03
C TYR A 143 -13.64 25.55 -5.00
N GLY A 144 -12.40 25.09 -5.10
CA GLY A 144 -11.88 24.11 -4.16
C GLY A 144 -12.66 22.83 -3.95
N GLN A 145 -12.85 22.45 -2.69
CA GLN A 145 -13.56 21.22 -2.35
C GLN A 145 -14.99 21.15 -2.87
N LYS A 146 -15.57 22.29 -3.25
CA LYS A 146 -16.95 22.28 -3.73
C LYS A 146 -17.12 21.67 -5.12
N ILE A 147 -16.03 21.20 -5.71
CA ILE A 147 -16.09 20.57 -7.02
C ILE A 147 -14.87 19.68 -7.21
N SER A 148 -15.10 18.42 -7.52
CA SER A 148 -14.00 17.50 -7.70
C SER A 148 -13.42 17.61 -9.10
N TRP A 149 -12.18 17.14 -9.26
CA TRP A 149 -11.54 17.16 -10.58
C TRP A 149 -12.39 16.28 -11.47
N ALA A 150 -12.94 15.26 -10.82
CA ALA A 150 -13.78 14.25 -11.44
C ALA A 150 -15.06 14.86 -12.01
N ASP A 151 -15.78 15.60 -11.16
CA ASP A 151 -17.01 16.25 -11.62
C ASP A 151 -16.64 17.33 -12.61
N LEU A 152 -15.53 18.02 -12.34
CA LEU A 152 -15.10 19.09 -13.19
C LEU A 152 -14.73 18.70 -14.61
N MET A 153 -13.97 17.62 -14.77
CA MET A 153 -13.59 17.22 -16.12
C MET A 153 -14.82 16.88 -16.95
N ILE A 154 -15.79 16.21 -16.35
CA ILE A 154 -16.99 15.90 -17.10
C ILE A 154 -17.75 17.19 -17.46
N LEU A 155 -17.90 18.12 -16.51
CA LEU A 155 -18.64 19.37 -16.74
C LEU A 155 -17.90 20.21 -17.78
N ALA A 156 -16.58 20.09 -17.80
CA ALA A 156 -15.82 20.85 -18.79
C ALA A 156 -16.21 20.33 -20.17
N GLY A 157 -16.59 19.07 -20.25
CA GLY A 157 -16.99 18.52 -21.54
C GLY A 157 -18.38 19.03 -21.89
N ASN A 158 -19.27 19.00 -20.92
CA ASN A 158 -20.64 19.46 -21.12
C ASN A 158 -20.65 20.91 -21.57
N VAL A 159 -19.93 21.76 -20.86
CA VAL A 159 -19.91 23.16 -21.23
C VAL A 159 -19.35 23.28 -22.63
N ALA A 160 -18.20 22.64 -22.90
CA ALA A 160 -17.63 22.68 -24.25
C ALA A 160 -18.69 22.34 -25.29
N ILE A 161 -19.38 21.22 -25.09
CA ILE A 161 -20.41 20.82 -26.04
C ILE A 161 -21.53 21.85 -26.20
N GLU A 162 -21.99 22.44 -25.10
CA GLU A 162 -23.06 23.44 -25.18
C GLU A 162 -22.58 24.73 -25.85
N SER A 163 -21.37 25.16 -25.51
CA SER A 163 -20.82 26.37 -26.11
C SER A 163 -20.72 26.30 -27.63
N MET A 164 -20.47 25.10 -28.17
CA MET A 164 -20.37 24.94 -29.62
C MET A 164 -21.70 24.57 -30.27
N GLY A 165 -22.79 24.99 -29.63
CA GLY A 165 -24.11 24.78 -30.18
C GLY A 165 -24.89 23.50 -30.06
N PHE A 166 -24.64 22.72 -29.01
CA PHE A 166 -25.39 21.48 -28.83
C PHE A 166 -25.82 21.38 -27.37
N LYS A 167 -27.08 21.04 -27.14
CA LYS A 167 -27.59 20.93 -25.78
C LYS A 167 -27.38 19.53 -25.23
N THR A 168 -26.99 19.44 -23.97
CA THR A 168 -26.75 18.15 -23.34
C THR A 168 -28.01 17.65 -22.66
N PHE A 169 -28.14 16.33 -22.52
CA PHE A 169 -29.32 15.74 -21.92
C PHE A 169 -29.41 16.10 -20.45
N GLY A 170 -28.26 16.31 -19.81
CA GLY A 170 -28.22 16.64 -18.40
C GLY A 170 -26.84 16.44 -17.81
N TYR A 171 -26.69 16.81 -16.54
CA TYR A 171 -25.42 16.70 -15.80
C TYR A 171 -25.66 16.46 -14.32
N ALA A 172 -24.79 15.68 -13.69
CA ALA A 172 -24.90 15.41 -12.26
C ALA A 172 -23.55 15.38 -11.56
N GLY A 173 -23.54 15.87 -10.33
CA GLY A 173 -22.34 15.89 -9.53
C GLY A 173 -22.39 14.78 -8.50
N GLY A 174 -21.26 14.54 -7.82
CA GLY A 174 -21.22 13.49 -6.80
C GLY A 174 -20.01 12.59 -6.93
N ARG A 175 -19.22 12.81 -7.96
CA ARG A 175 -18.03 11.98 -8.14
C ARG A 175 -16.91 12.45 -7.19
N GLU A 176 -16.53 11.61 -6.24
CA GLU A 176 -15.47 11.96 -5.30
C GLU A 176 -14.08 11.65 -5.85
N ASP A 177 -13.17 12.62 -5.79
CA ASP A 177 -11.81 12.42 -6.28
C ASP A 177 -11.02 11.38 -5.48
N ALA A 178 -10.12 10.68 -6.15
CA ALA A 178 -9.28 9.71 -5.47
C ALA A 178 -7.96 10.44 -5.26
N PHE A 179 -7.04 9.84 -4.51
CA PHE A 179 -5.74 10.45 -4.30
C PHE A 179 -4.61 9.53 -4.77
N GLU A 180 -4.99 8.44 -5.44
CA GLU A 180 -4.03 7.48 -5.98
C GLU A 180 -4.73 6.63 -7.02
N GLU A 181 -3.94 5.83 -7.73
CA GLU A 181 -4.48 4.96 -8.74
C GLU A 181 -5.26 3.88 -8.00
N ASP A 182 -6.02 3.11 -8.75
CA ASP A 182 -6.80 2.01 -8.22
C ASP A 182 -5.92 0.80 -8.55
N LYS A 183 -5.29 0.26 -7.51
CA LYS A 183 -4.40 -0.87 -7.66
C LYS A 183 -5.09 -2.15 -8.10
N ALA A 184 -6.40 -2.20 -7.93
CA ALA A 184 -7.17 -3.38 -8.29
C ALA A 184 -7.30 -3.64 -9.78
N VAL A 185 -7.31 -2.57 -10.57
CA VAL A 185 -7.48 -2.72 -12.01
C VAL A 185 -6.34 -3.37 -12.77
N ASN A 186 -6.65 -4.44 -13.46
CA ASN A 186 -5.69 -5.13 -14.29
C ASN A 186 -5.94 -4.63 -15.71
N TRP A 187 -5.00 -3.85 -16.25
CA TRP A 187 -5.14 -3.28 -17.59
C TRP A 187 -4.76 -4.23 -18.72
N GLY A 188 -4.36 -5.44 -18.37
CA GLY A 188 -3.99 -6.40 -19.39
C GLY A 188 -2.66 -7.12 -19.19
N PRO A 189 -2.31 -8.05 -20.09
CA PRO A 189 -1.06 -8.82 -20.02
C PRO A 189 0.11 -8.15 -20.73
N GLU A 190 -0.18 -7.20 -21.63
CA GLU A 190 0.89 -6.53 -22.36
C GLU A 190 1.98 -6.03 -21.41
N ASP A 191 3.21 -6.14 -21.90
CA ASP A 191 4.38 -5.73 -21.13
C ASP A 191 4.91 -4.39 -21.67
N GLU A 192 4.27 -3.90 -22.72
CA GLU A 192 4.68 -2.65 -23.36
C GLU A 192 3.46 -1.91 -23.90
N PHE A 193 3.51 -0.58 -23.83
CA PHE A 193 2.41 0.25 -24.31
C PHE A 193 2.30 0.19 -25.83
N GLU A 194 1.08 0.43 -26.32
CA GLU A 194 0.77 0.42 -27.74
C GLU A 194 0.98 -0.92 -28.44
N THR A 195 1.19 -1.98 -27.65
CA THR A 195 1.36 -3.34 -28.21
C THR A 195 0.20 -4.16 -27.64
N GLN A 196 -0.16 -5.25 -28.31
CA GLN A 196 -1.27 -6.08 -27.82
C GLN A 196 -0.96 -7.57 -27.84
N GLU A 197 -1.52 -8.29 -26.89
CA GLU A 197 -1.35 -9.73 -26.77
C GLU A 197 -2.69 -10.21 -26.24
N ARG A 198 -3.75 -9.55 -26.70
CA ARG A 198 -5.08 -9.90 -26.24
C ARG A 198 -6.09 -10.30 -27.31
N PHE A 199 -5.65 -10.51 -28.55
CA PHE A 199 -6.57 -10.93 -29.60
C PHE A 199 -5.89 -11.37 -30.88
N ASP A 200 -6.36 -12.51 -31.39
CA ASP A 200 -5.80 -13.07 -32.61
C ASP A 200 -6.70 -12.74 -33.79
N GLU A 201 -7.97 -12.51 -33.48
CA GLU A 201 -8.94 -12.18 -34.51
C GLU A 201 -9.75 -10.99 -34.03
N PRO A 202 -10.01 -10.03 -34.93
CA PRO A 202 -10.79 -8.85 -34.55
C PRO A 202 -12.14 -9.30 -33.96
N GLY A 203 -12.45 -8.81 -32.76
CA GLY A 203 -13.68 -9.17 -32.10
C GLY A 203 -13.50 -10.37 -31.17
N GLU A 204 -12.25 -10.75 -30.95
CA GLU A 204 -11.91 -11.89 -30.11
C GLU A 204 -10.92 -11.46 -29.04
N ILE A 205 -11.29 -10.44 -28.27
CA ILE A 205 -10.41 -9.95 -27.23
C ILE A 205 -10.58 -10.77 -25.95
N GLN A 206 -9.50 -10.84 -25.17
CA GLN A 206 -9.47 -11.58 -23.91
C GLN A 206 -10.56 -11.12 -22.94
N GLU A 207 -11.16 -12.07 -22.23
CA GLU A 207 -12.24 -11.79 -21.28
C GLU A 207 -11.96 -10.69 -20.25
N GLY A 208 -12.96 -9.83 -20.03
CA GLY A 208 -12.84 -8.78 -19.04
C GLY A 208 -12.08 -7.49 -19.36
N LEU A 209 -11.47 -7.43 -20.54
CA LEU A 209 -10.71 -6.25 -20.96
C LEU A 209 -11.56 -5.30 -21.80
N GLY A 210 -11.41 -4.00 -21.57
CA GLY A 210 -12.18 -3.03 -22.33
C GLY A 210 -11.44 -2.43 -23.51
N ALA A 211 -10.23 -2.90 -23.76
CA ALA A 211 -9.45 -2.38 -24.89
C ALA A 211 -8.82 -3.49 -25.69
N SER A 212 -8.36 -3.17 -26.90
CA SER A 212 -7.75 -4.16 -27.75
C SER A 212 -6.23 -4.01 -27.72
N VAL A 213 -5.77 -2.92 -27.10
CA VAL A 213 -4.36 -2.59 -27.00
C VAL A 213 -4.04 -1.97 -25.63
N MET A 214 -2.86 -2.26 -25.09
CA MET A 214 -2.44 -1.70 -23.79
C MET A 214 -2.18 -0.19 -23.94
N GLY A 215 -2.75 0.59 -23.02
CA GLY A 215 -2.56 2.03 -23.08
C GLY A 215 -3.57 2.79 -23.91
N LEU A 216 -4.43 2.09 -24.64
CA LEU A 216 -5.43 2.76 -25.45
C LEU A 216 -6.80 2.68 -24.76
N ILE A 217 -7.67 3.60 -25.10
CA ILE A 217 -8.98 3.61 -24.47
C ILE A 217 -9.84 2.44 -24.97
N TYR A 218 -9.91 2.29 -26.29
CA TYR A 218 -10.71 1.22 -26.90
C TYR A 218 -9.98 0.42 -27.98
N VAL A 219 -9.71 1.09 -29.10
CA VAL A 219 -9.02 0.44 -30.21
C VAL A 219 -7.91 1.31 -30.82
N ASN A 220 -7.12 0.70 -31.70
CA ASN A 220 -6.01 1.39 -32.38
C ASN A 220 -6.61 2.24 -33.49
N PRO A 221 -6.45 3.57 -33.37
CA PRO A 221 -6.99 4.47 -34.40
C PRO A 221 -6.53 4.18 -35.85
N GLU A 222 -5.42 3.46 -36.04
CA GLU A 222 -4.97 3.19 -37.39
C GLU A 222 -5.63 1.93 -37.94
N GLY A 223 -6.10 1.08 -37.03
CA GLY A 223 -6.74 -0.16 -37.43
C GLY A 223 -6.19 -1.30 -36.58
N PRO A 224 -6.77 -2.50 -36.64
CA PRO A 224 -6.24 -3.59 -35.82
C PRO A 224 -4.80 -3.95 -36.21
N ASP A 225 -3.94 -4.06 -35.21
CA ASP A 225 -2.52 -4.39 -35.42
C ASP A 225 -1.80 -3.44 -36.39
N GLY A 226 -2.32 -2.23 -36.54
CA GLY A 226 -1.68 -1.27 -37.42
C GLY A 226 -2.07 -1.30 -38.88
N ASN A 227 -3.07 -2.11 -39.22
CA ASN A 227 -3.56 -2.22 -40.59
C ASN A 227 -4.82 -1.39 -40.83
N PRO A 228 -4.84 -0.60 -41.92
CA PRO A 228 -6.00 0.24 -42.25
C PRO A 228 -7.16 -0.58 -42.83
N ASP A 229 -7.61 -1.57 -42.06
CA ASP A 229 -8.71 -2.46 -42.45
C ASP A 229 -10.00 -2.01 -41.78
N PRO A 230 -10.84 -1.21 -42.47
CA PRO A 230 -12.09 -0.72 -41.90
C PRO A 230 -13.01 -1.80 -41.31
N GLU A 231 -13.32 -2.80 -42.14
CA GLU A 231 -14.19 -3.91 -41.76
C GLU A 231 -13.72 -4.59 -40.46
N ALA A 232 -12.42 -4.86 -40.40
CA ALA A 232 -11.83 -5.50 -39.23
C ALA A 232 -11.89 -4.57 -38.02
N SER A 233 -11.65 -3.29 -38.27
CA SER A 233 -11.70 -2.29 -37.22
C SER A 233 -13.08 -2.33 -36.53
N ALA A 234 -14.14 -2.36 -37.34
CA ALA A 234 -15.51 -2.39 -36.81
C ALA A 234 -15.77 -3.54 -35.85
N LYS A 235 -15.08 -4.66 -36.04
CA LYS A 235 -15.28 -5.83 -35.17
C LYS A 235 -14.70 -5.56 -33.79
N ASN A 236 -13.57 -4.86 -33.72
CA ASN A 236 -12.99 -4.55 -32.43
C ASN A 236 -13.71 -3.36 -31.80
N ILE A 237 -14.19 -2.44 -32.62
CA ILE A 237 -14.90 -1.28 -32.11
C ILE A 237 -16.13 -1.82 -31.42
N ARG A 238 -16.81 -2.74 -32.11
CA ARG A 238 -18.02 -3.37 -31.61
C ARG A 238 -17.84 -4.08 -30.29
N GLN A 239 -16.81 -4.94 -30.22
CA GLN A 239 -16.58 -5.66 -28.99
C GLN A 239 -16.14 -4.78 -27.81
N THR A 240 -15.21 -3.87 -28.07
CA THR A 240 -14.72 -3.01 -27.00
C THR A 240 -15.84 -2.17 -26.41
N PHE A 241 -16.60 -1.50 -27.28
CA PHE A 241 -17.70 -0.69 -26.82
C PHE A 241 -18.76 -1.52 -26.11
N ASP A 242 -18.95 -2.76 -26.56
CA ASP A 242 -19.93 -3.64 -25.94
C ASP A 242 -19.52 -3.81 -24.48
N ARG A 243 -18.24 -4.15 -24.31
CA ARG A 243 -17.67 -4.33 -22.98
C ARG A 243 -17.65 -3.04 -22.19
N MET A 244 -18.30 -2.01 -22.71
CA MET A 244 -18.39 -0.73 -22.03
C MET A 244 -19.86 -0.33 -21.85
N ALA A 245 -20.76 -1.28 -22.06
CA ALA A 245 -22.21 -1.06 -21.91
C ALA A 245 -22.81 -0.16 -23.00
N MET A 246 -22.36 -0.35 -24.22
CA MET A 246 -22.84 0.43 -25.37
C MET A 246 -23.10 -0.45 -26.61
N ASN A 247 -24.18 -0.16 -27.34
CA ASN A 247 -24.50 -0.93 -28.56
C ASN A 247 -24.10 -0.15 -29.82
N ASP A 248 -24.68 -0.54 -30.95
CA ASP A 248 -24.39 0.09 -32.25
C ASP A 248 -24.83 1.53 -32.38
N LYS A 249 -26.10 1.74 -32.03
CA LYS A 249 -26.73 3.05 -32.05
C LYS A 249 -25.85 3.97 -31.19
N GLU A 250 -25.65 3.56 -29.95
CA GLU A 250 -24.87 4.32 -29.00
C GLU A 250 -23.44 4.55 -29.45
N THR A 251 -22.77 3.47 -29.88
CA THR A 251 -21.39 3.57 -30.35
C THR A 251 -21.30 4.55 -31.50
N ALA A 252 -22.11 4.31 -32.53
CA ALA A 252 -22.10 5.16 -33.71
C ALA A 252 -22.34 6.63 -33.34
N ALA A 253 -23.35 6.87 -32.52
CA ALA A 253 -23.67 8.22 -32.10
C ALA A 253 -22.48 8.86 -31.39
N LEU A 254 -21.88 8.14 -30.44
CA LEU A 254 -20.73 8.68 -29.71
C LEU A 254 -19.52 8.96 -30.61
N ILE A 255 -19.15 8.01 -31.47
CA ILE A 255 -18.00 8.23 -32.33
C ILE A 255 -18.27 9.39 -33.28
N ALA A 256 -19.42 9.38 -33.91
CA ALA A 256 -19.76 10.43 -34.85
C ALA A 256 -19.98 11.79 -34.18
N GLY A 257 -20.68 11.81 -33.06
CA GLY A 257 -20.93 13.07 -32.39
C GLY A 257 -19.63 13.65 -31.86
N GLY A 258 -18.74 12.77 -31.44
CA GLY A 258 -17.46 13.22 -30.92
C GLY A 258 -16.57 13.86 -31.99
N HIS A 259 -16.40 13.17 -33.11
CA HIS A 259 -15.54 13.68 -34.17
C HIS A 259 -16.13 14.78 -35.00
N THR A 260 -17.27 15.28 -34.54
CA THR A 260 -17.92 16.40 -35.21
C THR A 260 -17.13 17.62 -34.76
N PHE A 261 -16.36 17.45 -33.68
CA PHE A 261 -15.56 18.53 -33.15
C PHE A 261 -14.07 18.23 -33.13
N GLY A 262 -13.28 19.29 -33.27
CA GLY A 262 -11.84 19.18 -33.17
C GLY A 262 -11.08 18.51 -34.29
N LYS A 263 -9.85 18.12 -33.96
CA LYS A 263 -8.98 17.49 -34.92
C LYS A 263 -8.03 16.54 -34.20
N VAL A 264 -7.14 15.93 -34.99
CA VAL A 264 -6.14 15.00 -34.47
C VAL A 264 -4.80 15.67 -34.77
N HIS A 265 -3.87 15.63 -33.82
CA HIS A 265 -2.58 16.29 -34.01
C HIS A 265 -1.43 15.32 -34.27
N GLY A 266 -0.80 15.45 -35.44
CA GLY A 266 0.32 14.60 -35.79
C GLY A 266 1.17 15.35 -36.79
N ALA A 267 1.67 16.50 -36.38
CA ALA A 267 2.48 17.33 -37.25
C ALA A 267 3.69 16.54 -37.74
N ASP A 268 4.21 15.68 -36.88
CA ASP A 268 5.37 14.84 -37.20
C ASP A 268 5.26 13.56 -36.37
N ASP A 269 6.15 12.60 -36.62
CA ASP A 269 6.15 11.32 -35.90
C ASP A 269 6.38 11.51 -34.40
N PRO A 270 5.49 10.92 -33.57
CA PRO A 270 5.55 10.99 -32.11
C PRO A 270 6.81 10.31 -31.56
N GLU A 271 7.15 9.17 -32.16
CA GLU A 271 8.33 8.41 -31.73
C GLU A 271 9.64 9.05 -32.15
N GLU A 272 9.85 10.31 -31.78
CA GLU A 272 11.08 10.99 -32.13
C GLU A 272 11.00 12.49 -31.88
N ASN A 273 9.80 13.05 -31.84
CA ASN A 273 9.68 14.48 -31.60
C ASN A 273 9.09 14.79 -30.21
N LEU A 274 8.56 13.77 -29.54
CA LEU A 274 7.98 14.00 -28.21
C LEU A 274 8.80 13.42 -27.06
N GLY A 275 8.83 14.16 -25.96
CA GLY A 275 9.56 13.75 -24.78
C GLY A 275 8.87 12.68 -23.96
N PRO A 276 9.45 12.27 -22.83
CA PRO A 276 8.83 11.24 -22.00
C PRO A 276 7.41 11.61 -21.52
N GLU A 277 6.61 10.60 -21.22
CA GLU A 277 5.25 10.80 -20.73
C GLU A 277 5.43 11.43 -19.34
N PRO A 278 4.36 12.06 -18.83
CA PRO A 278 4.42 12.71 -17.51
C PRO A 278 5.28 11.97 -16.47
N GLU A 279 4.97 10.71 -16.24
CA GLU A 279 5.72 9.91 -15.27
C GLU A 279 7.24 9.82 -15.51
N ALA A 280 7.70 9.87 -16.75
CA ALA A 280 9.12 9.76 -17.01
C ALA A 280 9.76 11.10 -17.30
N ALA A 281 8.95 12.15 -17.21
CA ALA A 281 9.42 13.50 -17.48
C ALA A 281 10.27 14.10 -16.38
N PRO A 282 11.12 15.09 -16.74
CA PRO A 282 12.02 15.81 -15.83
C PRO A 282 11.18 16.57 -14.79
N ILE A 283 11.64 16.58 -13.55
CA ILE A 283 10.92 17.23 -12.47
C ILE A 283 10.54 18.70 -12.70
N GLU A 284 11.33 19.43 -13.51
CA GLU A 284 11.01 20.84 -13.76
C GLU A 284 9.83 20.98 -14.72
N GLN A 285 9.29 19.85 -15.17
CA GLN A 285 8.14 19.86 -16.09
C GLN A 285 6.86 20.10 -15.29
N GLN A 286 6.93 19.77 -14.01
CA GLN A 286 5.82 19.96 -13.07
C GLN A 286 4.55 19.20 -13.40
N GLY A 287 4.70 17.92 -13.72
CA GLY A 287 3.54 17.12 -14.02
C GLY A 287 3.24 17.00 -15.49
N LEU A 288 3.67 17.97 -16.29
CA LEU A 288 3.44 17.88 -17.72
C LEU A 288 4.36 16.82 -18.29
N GLY A 289 4.16 16.51 -19.57
CA GLY A 289 4.96 15.51 -20.25
C GLY A 289 4.73 15.59 -21.75
N TRP A 290 5.40 14.73 -22.51
CA TRP A 290 5.28 14.74 -23.96
C TRP A 290 5.70 16.11 -24.47
N GLN A 291 6.82 16.62 -24.00
CA GLN A 291 7.29 17.93 -24.47
C GLN A 291 7.83 17.75 -25.88
N ASN A 292 7.40 18.63 -26.79
CA ASN A 292 7.82 18.58 -28.19
C ASN A 292 9.27 19.09 -28.29
N LYS A 293 10.14 18.31 -28.92
CA LYS A 293 11.54 18.68 -29.07
C LYS A 293 11.77 20.15 -29.42
N ASN A 294 10.98 20.67 -30.36
CA ASN A 294 11.08 22.06 -30.81
C ASN A 294 10.34 23.07 -29.91
N GLY A 295 9.44 22.57 -29.05
CA GLY A 295 8.70 23.44 -28.15
C GLY A 295 7.29 22.93 -27.84
N ASN A 296 6.73 23.31 -26.70
CA ASN A 296 5.37 22.87 -26.34
C ASN A 296 4.26 23.93 -26.55
N SER A 297 4.64 25.18 -26.81
CA SER A 297 3.69 26.27 -27.08
C SER A 297 3.32 26.18 -28.56
N LYS A 298 3.23 24.95 -29.04
CA LYS A 298 2.94 24.63 -30.44
C LYS A 298 1.54 24.98 -30.97
N GLY A 299 1.44 24.93 -32.30
CA GLY A 299 0.20 25.22 -32.99
C GLY A 299 0.22 24.48 -34.32
N GLY A 300 1.02 24.99 -35.25
CA GLY A 300 1.17 24.38 -36.56
C GLY A 300 2.16 23.23 -36.51
N GLU A 301 2.54 22.83 -35.30
CA GLU A 301 3.46 21.73 -35.08
C GLU A 301 3.10 20.84 -33.87
N MET A 302 1.82 20.81 -33.48
CA MET A 302 1.36 19.97 -32.36
C MET A 302 1.35 18.50 -32.75
N ILE A 303 1.80 17.66 -31.82
CA ILE A 303 1.85 16.22 -32.05
C ILE A 303 1.22 15.50 -30.86
N THR A 304 0.28 14.61 -31.12
CA THR A 304 -0.35 13.88 -30.02
C THR A 304 -0.37 12.38 -30.28
N THR A 305 -1.01 12.00 -31.37
CA THR A 305 -1.09 10.60 -31.75
C THR A 305 -0.32 10.35 -33.05
N GLY A 306 0.14 11.43 -33.67
CA GLY A 306 0.89 11.30 -34.91
C GLY A 306 0.03 11.27 -36.15
N ILE A 307 -1.27 11.45 -35.96
CA ILE A 307 -2.22 11.48 -37.06
C ILE A 307 -2.57 12.97 -37.20
N GLU A 308 -2.74 13.47 -38.42
CA GLU A 308 -3.02 14.90 -38.61
C GLU A 308 -4.33 15.22 -39.35
N GLY A 309 -4.88 16.41 -39.07
CA GLY A 309 -6.08 16.87 -39.72
C GLY A 309 -7.36 16.84 -38.92
N PRO A 310 -8.36 17.66 -39.33
CA PRO A 310 -9.67 17.75 -38.69
C PRO A 310 -10.60 16.83 -39.46
N TRP A 311 -11.81 16.62 -38.93
CA TRP A 311 -12.83 15.78 -39.54
C TRP A 311 -13.85 16.58 -40.34
N THR A 312 -14.17 17.77 -39.83
CA THR A 312 -15.18 18.65 -40.41
C THR A 312 -14.68 20.02 -40.85
N GLN A 313 -15.58 20.81 -41.43
CA GLN A 313 -15.26 22.16 -41.89
C GLN A 313 -15.39 23.22 -40.77
N SER A 314 -16.17 22.94 -39.74
CA SER A 314 -16.29 23.84 -38.58
C SER A 314 -16.06 22.91 -37.39
N PRO A 315 -14.78 22.67 -37.03
CA PRO A 315 -14.46 21.79 -35.91
C PRO A 315 -14.94 22.31 -34.57
N THR A 316 -15.33 23.58 -34.52
CA THR A 316 -15.81 24.15 -33.26
C THR A 316 -17.30 24.40 -33.26
N GLU A 317 -18.00 23.78 -34.21
CA GLU A 317 -19.46 23.93 -34.32
C GLU A 317 -20.17 22.59 -34.49
N TRP A 318 -21.39 22.53 -33.94
CA TRP A 318 -22.21 21.34 -34.07
C TRP A 318 -22.89 21.38 -35.43
N ASP A 319 -22.97 20.22 -36.07
CA ASP A 319 -23.59 20.10 -37.39
C ASP A 319 -23.41 18.68 -37.91
N MET A 320 -23.84 18.45 -39.15
CA MET A 320 -23.72 17.14 -39.79
C MET A 320 -22.42 17.03 -40.57
N GLY A 321 -21.37 17.73 -40.13
CA GLY A 321 -20.11 17.70 -40.85
C GLY A 321 -19.37 16.38 -40.94
N TYR A 322 -19.34 15.64 -39.84
CA TYR A 322 -18.67 14.36 -39.79
C TYR A 322 -19.39 13.36 -40.67
N ILE A 323 -20.68 13.22 -40.41
CA ILE A 323 -21.50 12.28 -41.15
C ILE A 323 -21.57 12.58 -42.63
N ASN A 324 -21.70 13.85 -42.97
CA ASN A 324 -21.75 14.23 -44.37
C ASN A 324 -20.41 14.00 -45.05
N ASN A 325 -19.32 14.38 -44.39
CA ASN A 325 -18.00 14.18 -44.99
C ASN A 325 -17.72 12.70 -45.20
N LEU A 326 -18.11 11.88 -44.23
CA LEU A 326 -17.90 10.45 -44.29
C LEU A 326 -18.75 9.74 -45.32
N LEU A 327 -20.05 10.01 -45.30
CA LEU A 327 -20.95 9.34 -46.22
C LEU A 327 -21.03 9.89 -47.64
N ASP A 328 -20.81 11.19 -47.81
CA ASP A 328 -20.93 11.79 -49.14
C ASP A 328 -19.68 11.85 -50.03
N TYR A 329 -18.56 11.37 -49.52
CA TYR A 329 -17.29 11.39 -50.26
C TYR A 329 -16.52 10.09 -50.11
N GLU A 330 -15.74 9.72 -51.12
CA GLU A 330 -14.95 8.50 -51.03
C GLU A 330 -13.59 8.78 -50.41
N TRP A 331 -13.14 7.90 -49.53
CA TRP A 331 -11.85 8.09 -48.87
C TRP A 331 -10.81 7.01 -49.26
N GLU A 332 -9.54 7.38 -49.25
CA GLU A 332 -8.45 6.45 -49.57
C GLU A 332 -7.40 6.42 -48.48
N PRO A 333 -7.00 5.23 -48.06
CA PRO A 333 -5.97 5.13 -47.02
C PRO A 333 -4.67 5.78 -47.48
N GLU A 334 -3.82 6.16 -46.55
CA GLU A 334 -2.52 6.77 -46.86
C GLU A 334 -1.71 6.97 -45.59
N LYS A 335 -0.46 7.39 -45.75
CA LYS A 335 0.43 7.62 -44.63
C LYS A 335 0.49 9.14 -44.41
N GLY A 336 0.02 9.60 -43.25
CA GLY A 336 0.03 11.02 -42.98
C GLY A 336 1.40 11.60 -42.69
N PRO A 337 1.48 12.92 -42.42
CA PRO A 337 2.75 13.59 -42.12
C PRO A 337 3.42 13.02 -40.86
N GLY A 338 2.59 12.45 -39.98
CA GLY A 338 3.11 11.87 -38.76
C GLY A 338 3.51 10.41 -38.96
N GLY A 339 3.41 9.93 -40.20
CA GLY A 339 3.76 8.55 -40.50
C GLY A 339 2.78 7.51 -40.02
N ALA A 340 1.56 7.97 -39.71
CA ALA A 340 0.49 7.11 -39.24
C ALA A 340 -0.62 7.09 -40.28
N TRP A 341 -1.39 5.99 -40.27
CA TRP A 341 -2.52 5.82 -41.17
C TRP A 341 -3.60 6.87 -40.96
N GLN A 342 -4.25 7.26 -42.05
CA GLN A 342 -5.34 8.20 -41.99
C GLN A 342 -5.87 8.15 -43.37
N TRP A 343 -7.02 8.75 -43.60
CA TRP A 343 -7.61 8.71 -44.93
C TRP A 343 -7.91 10.11 -45.42
N ALA A 344 -7.85 10.25 -46.74
CA ALA A 344 -8.11 11.52 -47.43
C ALA A 344 -9.18 11.29 -48.50
N PRO A 345 -9.85 12.36 -48.95
CA PRO A 345 -10.89 12.23 -49.99
C PRO A 345 -10.22 12.03 -51.34
N LYS A 346 -10.94 11.45 -52.30
CA LYS A 346 -10.37 11.25 -53.64
C LYS A 346 -10.65 12.48 -54.51
N SER A 347 -11.63 13.29 -54.08
CA SER A 347 -12.03 14.50 -54.80
C SER A 347 -11.26 15.73 -54.36
N GLU A 348 -11.40 16.82 -55.11
CA GLU A 348 -10.72 18.10 -54.82
C GLU A 348 -11.71 19.08 -54.20
N GLU A 349 -12.92 18.60 -53.96
CA GLU A 349 -13.99 19.40 -53.37
C GLU A 349 -13.69 19.80 -51.93
N LEU A 350 -13.16 18.85 -51.15
CA LEU A 350 -12.83 19.07 -49.76
C LEU A 350 -11.43 19.63 -49.53
N LYS A 351 -10.54 19.47 -50.50
CA LYS A 351 -9.19 19.96 -50.36
C LYS A 351 -9.19 21.40 -49.87
N ASN A 352 -8.41 21.66 -48.82
CA ASN A 352 -8.28 23.00 -48.25
C ASN A 352 -9.58 23.74 -47.93
N SER A 353 -10.52 23.05 -47.31
CA SER A 353 -11.78 23.66 -46.99
C SER A 353 -11.89 24.01 -45.52
N VAL A 354 -10.89 23.59 -44.75
CA VAL A 354 -10.87 23.85 -43.32
C VAL A 354 -9.76 24.80 -42.98
N PRO A 355 -10.04 25.81 -42.14
CA PRO A 355 -8.98 26.74 -41.77
C PRO A 355 -7.99 26.03 -40.86
N ASP A 356 -6.73 26.45 -40.90
CA ASP A 356 -5.69 25.84 -40.07
C ASP A 356 -6.00 26.16 -38.60
N ALA A 357 -5.70 25.22 -37.71
CA ALA A 357 -5.95 25.37 -36.28
C ALA A 357 -5.40 26.63 -35.63
N HIS A 358 -4.26 27.12 -36.13
CA HIS A 358 -3.66 28.34 -35.57
C HIS A 358 -3.26 29.39 -36.61
N ASP A 359 -3.43 29.10 -37.90
CA ASP A 359 -3.01 30.04 -38.95
C ASP A 359 -4.12 30.58 -39.86
N PRO A 360 -4.08 31.89 -40.15
CA PRO A 360 -5.05 32.59 -41.03
C PRO A 360 -4.87 32.25 -42.51
N ASP A 361 -3.67 32.52 -43.03
CA ASP A 361 -3.33 32.24 -44.44
C ASP A 361 -3.02 30.74 -44.67
N GLU A 362 -4.00 29.91 -44.35
CA GLU A 362 -3.87 28.47 -44.55
C GLU A 362 -5.17 27.71 -44.32
N LYS A 363 -5.33 26.68 -45.16
CA LYS A 363 -6.46 25.79 -45.14
C LYS A 363 -5.88 24.38 -44.99
N GLN A 364 -6.70 23.45 -44.54
CA GLN A 364 -6.29 22.07 -44.37
C GLN A 364 -7.36 21.18 -44.97
N THR A 365 -6.95 20.05 -45.53
CA THR A 365 -7.91 19.13 -46.09
C THR A 365 -8.41 18.25 -44.94
N PRO A 366 -9.73 17.97 -44.88
CA PRO A 366 -10.25 17.12 -43.80
C PRO A 366 -9.64 15.72 -43.96
N MET A 367 -9.60 14.95 -42.88
CA MET A 367 -9.07 13.58 -42.94
C MET A 367 -10.10 12.66 -42.29
N MET A 368 -9.80 11.37 -42.19
CA MET A 368 -10.72 10.43 -41.56
C MET A 368 -9.89 9.27 -41.01
N LEU A 369 -10.20 8.79 -39.80
CA LEU A 369 -9.44 7.67 -39.25
C LEU A 369 -9.99 6.37 -39.77
N THR A 370 -9.23 5.30 -39.62
CA THR A 370 -9.69 4.00 -40.07
C THR A 370 -10.88 3.60 -39.22
N THR A 371 -10.85 3.96 -37.94
CA THR A 371 -11.96 3.62 -37.09
C THR A 371 -13.21 4.37 -37.54
N ASP A 372 -13.04 5.47 -38.26
CA ASP A 372 -14.20 6.21 -38.76
C ASP A 372 -14.74 5.55 -40.02
N ILE A 373 -13.84 5.18 -40.94
CA ILE A 373 -14.26 4.53 -42.17
C ILE A 373 -15.00 3.25 -41.78
N ALA A 374 -14.65 2.70 -40.64
CA ALA A 374 -15.32 1.50 -40.20
C ALA A 374 -16.83 1.74 -40.00
N LEU A 375 -17.26 2.88 -39.45
CA LEU A 375 -18.71 3.07 -39.31
C LEU A 375 -19.38 3.10 -40.68
N LYS A 376 -18.58 3.32 -41.72
CA LYS A 376 -19.14 3.37 -43.06
C LYS A 376 -19.05 2.03 -43.79
N ARG A 377 -17.93 1.33 -43.63
CA ARG A 377 -17.72 0.01 -44.28
C ARG A 377 -18.51 -1.11 -43.62
N ASP A 378 -18.60 -1.10 -42.29
CA ASP A 378 -19.36 -2.15 -41.62
C ASP A 378 -20.82 -1.92 -42.00
N PRO A 379 -21.52 -2.99 -42.42
CA PRO A 379 -22.92 -2.94 -42.85
C PRO A 379 -23.97 -2.52 -41.80
N ASP A 380 -23.73 -2.86 -40.54
CA ASP A 380 -24.66 -2.50 -39.48
C ASP A 380 -24.43 -1.08 -39.00
N TYR A 381 -23.17 -0.66 -38.98
CA TYR A 381 -22.84 0.69 -38.58
C TYR A 381 -23.30 1.62 -39.70
N ARG A 382 -23.34 1.09 -40.91
CA ARG A 382 -23.74 1.87 -42.07
C ARG A 382 -25.22 2.17 -42.08
N GLU A 383 -26.04 1.25 -41.58
CA GLU A 383 -27.50 1.44 -41.51
C GLU A 383 -27.74 2.55 -40.51
N VAL A 384 -27.17 2.36 -39.33
CA VAL A 384 -27.28 3.31 -38.25
C VAL A 384 -26.80 4.69 -38.71
N MET A 385 -25.67 4.75 -39.41
CA MET A 385 -25.15 6.04 -39.85
C MET A 385 -26.04 6.70 -40.90
N GLU A 386 -26.59 5.89 -41.80
CA GLU A 386 -27.46 6.38 -42.84
C GLU A 386 -28.69 6.97 -42.16
N THR A 387 -29.20 6.27 -41.14
CA THR A 387 -30.36 6.78 -40.44
C THR A 387 -30.09 8.17 -39.89
N PHE A 388 -28.93 8.33 -39.26
CA PHE A 388 -28.54 9.60 -38.67
C PHE A 388 -28.47 10.74 -39.68
N GLN A 389 -27.75 10.50 -40.78
CA GLN A 389 -27.59 11.49 -41.84
C GLN A 389 -28.96 11.94 -42.28
N GLU A 390 -29.88 10.99 -42.23
CA GLU A 390 -31.25 11.22 -42.64
C GLU A 390 -32.02 12.07 -41.64
N ASN A 391 -31.87 11.75 -40.37
CA ASN A 391 -32.57 12.54 -39.36
C ASN A 391 -31.67 13.12 -38.28
N PRO A 392 -31.18 14.34 -38.51
CA PRO A 392 -30.30 15.04 -37.56
C PRO A 392 -30.85 15.06 -36.14
N MET A 393 -32.17 15.08 -36.02
CA MET A 393 -32.79 15.12 -34.71
C MET A 393 -32.56 13.78 -34.05
N GLU A 394 -32.70 12.73 -34.84
CA GLU A 394 -32.53 11.36 -34.33
C GLU A 394 -31.11 11.10 -33.83
N PHE A 395 -30.13 11.57 -34.60
CA PHE A 395 -28.71 11.41 -34.28
C PHE A 395 -28.33 12.31 -33.10
N GLY A 396 -28.93 13.49 -33.07
CA GLY A 396 -28.69 14.41 -31.98
C GLY A 396 -29.00 13.78 -30.64
N MET A 397 -30.22 13.27 -30.48
CA MET A 397 -30.62 12.66 -29.20
C MET A 397 -29.87 11.38 -28.86
N ASN A 398 -29.58 10.59 -29.88
CA ASN A 398 -28.85 9.36 -29.63
C ASN A 398 -27.53 9.74 -29.03
N PHE A 399 -26.94 10.81 -29.55
CA PHE A 399 -25.65 11.26 -29.04
C PHE A 399 -25.79 11.92 -27.68
N ALA A 400 -26.83 12.74 -27.52
CA ALA A 400 -27.03 13.40 -26.24
C ALA A 400 -27.21 12.36 -25.13
N LYS A 401 -28.08 11.37 -25.35
CA LYS A 401 -28.30 10.35 -24.33
C LYS A 401 -27.10 9.43 -24.10
N ALA A 402 -26.36 9.10 -25.16
CA ALA A 402 -25.19 8.22 -25.02
C ALA A 402 -24.09 8.96 -24.25
N TRP A 403 -23.87 10.23 -24.59
CA TRP A 403 -22.88 11.01 -23.89
C TRP A 403 -23.22 11.04 -22.40
N TYR A 404 -24.47 11.35 -22.06
CA TYR A 404 -24.90 11.40 -20.65
C TYR A 404 -24.70 10.07 -19.92
N LYS A 405 -25.01 8.97 -20.59
CA LYS A 405 -24.83 7.64 -20.00
C LYS A 405 -23.35 7.31 -19.80
N LEU A 406 -22.54 7.63 -20.81
CA LEU A 406 -21.10 7.36 -20.74
C LEU A 406 -20.46 8.00 -19.53
N THR A 407 -20.74 9.29 -19.35
CA THR A 407 -20.16 10.09 -18.28
C THR A 407 -20.82 9.99 -16.89
N HIS A 408 -21.85 9.16 -16.74
CA HIS A 408 -22.51 8.98 -15.44
C HIS A 408 -22.75 7.50 -15.09
N ARG A 409 -22.35 6.62 -16.00
CA ARG A 409 -22.51 5.19 -15.87
C ARG A 409 -21.96 4.56 -14.57
N ASP A 410 -20.86 5.09 -14.06
CA ASP A 410 -20.25 4.52 -12.86
C ASP A 410 -20.49 5.28 -11.56
N MET A 411 -21.63 5.97 -11.49
CA MET A 411 -21.98 6.75 -10.31
C MET A 411 -22.96 6.07 -9.38
N GLY A 412 -23.59 4.99 -9.84
CA GLY A 412 -24.54 4.30 -9.00
C GLY A 412 -25.99 4.64 -9.32
N PRO A 413 -26.92 4.31 -8.42
CA PRO A 413 -28.35 4.57 -8.60
C PRO A 413 -28.69 6.05 -8.60
N PRO A 414 -29.95 6.39 -8.91
CA PRO A 414 -30.41 7.79 -8.97
C PRO A 414 -30.16 8.67 -7.73
N GLU A 415 -30.10 8.04 -6.57
CA GLU A 415 -29.88 8.72 -5.30
C GLU A 415 -28.54 9.44 -5.24
N ARG A 416 -27.56 8.92 -5.96
CA ARG A 416 -26.23 9.49 -5.96
C ARG A 416 -26.00 10.68 -6.87
N PHE A 417 -26.88 10.88 -7.85
CA PHE A 417 -26.74 12.00 -8.78
C PHE A 417 -27.21 13.30 -8.11
N LEU A 418 -26.30 14.25 -7.96
CA LEU A 418 -26.58 15.51 -7.30
C LEU A 418 -26.61 16.74 -8.20
N GLY A 419 -27.29 17.77 -7.72
CA GLY A 419 -27.35 19.01 -8.48
C GLY A 419 -28.62 19.34 -9.24
N PRO A 420 -28.75 20.59 -9.71
CA PRO A 420 -29.88 21.13 -10.48
C PRO A 420 -30.00 20.72 -11.95
N GLU A 421 -28.94 20.16 -12.51
CA GLU A 421 -29.02 19.76 -13.91
C GLU A 421 -29.32 18.29 -14.11
N VAL A 422 -29.68 17.60 -13.04
CA VAL A 422 -30.02 16.18 -13.11
C VAL A 422 -31.39 15.99 -13.77
N PRO A 423 -31.45 15.21 -14.87
CA PRO A 423 -32.70 14.95 -15.60
C PRO A 423 -33.74 14.33 -14.67
N ASP A 424 -35.00 14.78 -14.76
CA ASP A 424 -36.08 14.23 -13.92
C ASP A 424 -36.27 12.76 -14.34
N GLU A 425 -35.99 12.50 -15.61
CA GLU A 425 -36.12 11.15 -16.12
C GLU A 425 -34.97 10.28 -15.61
N GLU A 426 -35.28 9.07 -15.15
CA GLU A 426 -34.24 8.18 -14.67
C GLU A 426 -34.06 7.13 -15.77
N MET A 427 -32.83 6.80 -16.11
CA MET A 427 -32.55 5.82 -17.16
C MET A 427 -32.48 4.43 -16.54
N ILE A 428 -32.57 3.40 -17.38
CA ILE A 428 -32.54 2.03 -16.91
C ILE A 428 -31.18 1.59 -16.40
N TRP A 429 -30.13 2.04 -17.08
CA TRP A 429 -28.76 1.71 -16.68
C TRP A 429 -28.40 2.20 -15.29
N GLN A 430 -29.20 3.12 -14.76
CA GLN A 430 -28.96 3.63 -13.41
C GLN A 430 -29.46 2.61 -12.38
N ASP A 431 -30.06 1.51 -12.84
CA ASP A 431 -30.61 0.49 -11.94
C ASP A 431 -31.51 1.19 -10.92
N PRO A 432 -32.51 1.96 -11.40
CA PRO A 432 -33.43 2.69 -10.52
C PRO A 432 -34.23 1.81 -9.58
N LEU A 433 -34.62 2.37 -8.44
CA LEU A 433 -35.39 1.65 -7.44
C LEU A 433 -36.72 2.36 -7.23
N PRO A 434 -37.82 1.60 -7.10
CA PRO A 434 -39.13 2.23 -6.89
C PRO A 434 -39.25 2.86 -5.49
N ASP A 435 -40.16 3.80 -5.32
CA ASP A 435 -40.34 4.39 -4.01
C ASP A 435 -41.18 3.46 -3.15
N ALA A 436 -40.93 3.47 -1.85
CA ALA A 436 -41.70 2.65 -0.92
C ALA A 436 -42.92 3.45 -0.53
N ASP A 437 -44.04 3.23 -1.20
CA ASP A 437 -45.25 3.97 -0.87
C ASP A 437 -46.04 3.29 0.24
N TYR A 438 -45.57 3.49 1.47
CA TYR A 438 -46.19 2.95 2.67
C TYR A 438 -45.33 3.35 3.86
N ASP A 439 -45.62 2.80 5.03
CA ASP A 439 -44.86 3.15 6.23
C ASP A 439 -43.87 2.04 6.59
N LEU A 440 -42.68 2.44 7.03
CA LEU A 440 -41.64 1.48 7.41
C LEU A 440 -41.95 0.76 8.71
N ILE A 441 -41.63 -0.53 8.77
CA ILE A 441 -41.87 -1.33 9.95
C ILE A 441 -41.17 -0.73 11.16
N GLY A 442 -41.78 -0.88 12.33
CA GLY A 442 -41.17 -0.33 13.52
C GLY A 442 -40.34 -1.35 14.27
N ASP A 443 -39.72 -0.89 15.35
CA ASP A 443 -38.89 -1.75 16.18
C ASP A 443 -39.64 -2.99 16.65
N GLU A 444 -40.96 -2.87 16.78
CA GLU A 444 -41.78 -3.99 17.24
C GLU A 444 -42.12 -4.99 16.14
N GLU A 445 -42.32 -4.51 14.91
CA GLU A 445 -42.63 -5.40 13.80
C GLU A 445 -41.39 -6.21 13.47
N ILE A 446 -40.24 -5.56 13.59
CA ILE A 446 -38.97 -6.21 13.31
C ILE A 446 -38.83 -7.47 14.15
N ALA A 447 -38.79 -7.32 15.47
CA ALA A 447 -38.65 -8.46 16.37
C ALA A 447 -39.74 -9.47 16.03
N GLU A 448 -40.90 -8.96 15.67
CA GLU A 448 -42.04 -9.80 15.32
C GLU A 448 -41.66 -10.69 14.13
N LEU A 449 -41.31 -10.06 13.02
CA LEU A 449 -40.92 -10.75 11.78
C LEU A 449 -39.70 -11.63 11.94
N LYS A 450 -38.78 -11.21 12.80
CA LYS A 450 -37.58 -11.96 13.06
C LYS A 450 -37.95 -13.31 13.63
N GLU A 451 -38.84 -13.31 14.63
CA GLU A 451 -39.28 -14.56 15.26
C GLU A 451 -40.03 -15.37 14.23
N GLU A 452 -40.93 -14.69 13.52
CA GLU A 452 -41.73 -15.32 12.48
C GLU A 452 -40.83 -16.13 11.53
N ILE A 453 -39.75 -15.50 11.07
CA ILE A 453 -38.81 -16.14 10.16
C ILE A 453 -38.15 -17.33 10.87
N LEU A 454 -37.61 -17.06 12.06
CA LEU A 454 -36.95 -18.09 12.85
C LEU A 454 -37.87 -19.26 13.19
N ASP A 455 -39.18 -19.07 13.05
CA ASP A 455 -40.11 -20.15 13.34
C ASP A 455 -40.37 -21.02 12.12
N SER A 456 -39.99 -20.52 10.94
CA SER A 456 -40.17 -21.24 9.68
C SER A 456 -39.27 -22.46 9.64
N ASP A 457 -39.37 -23.22 8.56
CA ASP A 457 -38.55 -24.40 8.41
C ASP A 457 -37.20 -24.07 7.76
N LEU A 458 -36.91 -22.78 7.62
CA LEU A 458 -35.65 -22.34 7.01
C LEU A 458 -34.49 -22.47 8.00
N SER A 459 -33.44 -23.17 7.58
CA SER A 459 -32.27 -23.36 8.43
C SER A 459 -31.43 -22.10 8.47
N VAL A 460 -30.50 -22.05 9.42
CA VAL A 460 -29.61 -20.91 9.57
C VAL A 460 -28.77 -20.79 8.30
N SER A 461 -28.45 -21.93 7.69
CA SER A 461 -27.66 -21.91 6.47
C SER A 461 -28.45 -21.43 5.28
N GLN A 462 -29.76 -21.64 5.30
CA GLN A 462 -30.60 -21.18 4.19
C GLN A 462 -30.72 -19.65 4.31
N LEU A 463 -30.98 -19.16 5.53
CA LEU A 463 -31.11 -17.72 5.75
C LEU A 463 -29.82 -16.95 5.50
N VAL A 464 -28.69 -17.51 5.91
CA VAL A 464 -27.42 -16.82 5.70
C VAL A 464 -27.06 -16.84 4.21
N LYS A 465 -27.09 -18.02 3.61
CA LYS A 465 -26.75 -18.17 2.21
C LYS A 465 -27.56 -17.19 1.34
N THR A 466 -28.87 -17.15 1.57
CA THR A 466 -29.77 -16.27 0.82
C THR A 466 -29.45 -14.79 1.00
N ALA A 467 -29.23 -14.35 2.24
CA ALA A 467 -28.91 -12.95 2.43
C ALA A 467 -27.55 -12.64 1.83
N TRP A 468 -26.66 -13.63 1.79
CA TRP A 468 -25.36 -13.36 1.18
C TRP A 468 -25.51 -13.18 -0.33
N ALA A 469 -26.33 -14.02 -0.96
CA ALA A 469 -26.56 -13.95 -2.40
C ALA A 469 -27.16 -12.60 -2.82
N SER A 470 -28.01 -12.09 -1.94
CA SER A 470 -28.67 -10.82 -2.17
C SER A 470 -27.73 -9.61 -2.08
N ALA A 471 -26.97 -9.51 -1.00
CA ALA A 471 -26.07 -8.37 -0.81
C ALA A 471 -24.69 -8.45 -1.51
N SER A 472 -24.18 -9.65 -1.78
CA SER A 472 -22.84 -9.79 -2.38
C SER A 472 -22.64 -9.35 -3.82
N THR A 473 -23.68 -8.85 -4.48
CA THR A 473 -23.55 -8.43 -5.88
C THR A 473 -23.02 -7.02 -5.97
N TYR A 474 -22.91 -6.35 -4.83
CA TYR A 474 -22.42 -4.99 -4.79
C TYR A 474 -20.95 -4.89 -5.15
N ARG A 475 -20.60 -3.82 -5.83
CA ARG A 475 -19.22 -3.58 -6.16
C ARG A 475 -18.98 -2.08 -6.09
N ASP A 476 -18.06 -1.70 -5.23
CA ASP A 476 -17.72 -0.31 -5.01
C ASP A 476 -17.23 0.45 -6.25
N SER A 477 -16.74 -0.29 -7.24
CA SER A 477 -16.24 0.29 -8.48
C SER A 477 -17.28 1.15 -9.23
N ASP A 478 -18.45 0.59 -9.51
CA ASP A 478 -19.47 1.39 -10.20
C ASP A 478 -20.80 1.52 -9.41
N LYS A 479 -20.71 1.32 -8.10
CA LYS A 479 -21.84 1.39 -7.14
C LYS A 479 -23.12 0.62 -7.52
N ARG A 480 -22.95 -0.41 -8.34
CA ARG A 480 -24.05 -1.24 -8.78
C ARG A 480 -24.30 -2.41 -7.84
N GLY A 481 -25.43 -3.10 -8.01
CA GLY A 481 -25.74 -4.25 -7.18
C GLY A 481 -26.06 -4.01 -5.71
N GLY A 482 -26.29 -5.10 -4.99
CA GLY A 482 -26.63 -4.99 -3.59
C GLY A 482 -27.92 -5.69 -3.22
N ALA A 483 -28.24 -5.68 -1.94
CA ALA A 483 -29.43 -6.34 -1.46
C ALA A 483 -30.67 -5.46 -1.52
N ASN A 484 -30.53 -4.17 -1.84
CA ASN A 484 -31.73 -3.33 -1.94
C ASN A 484 -32.38 -3.47 -3.31
N GLY A 485 -33.59 -4.00 -3.31
CA GLY A 485 -34.32 -4.18 -4.55
C GLY A 485 -34.74 -5.62 -4.73
N ALA A 486 -34.14 -6.51 -3.94
CA ALA A 486 -34.43 -7.93 -4.02
C ALA A 486 -34.31 -8.42 -5.47
N ARG A 487 -33.37 -7.85 -6.21
CA ARG A 487 -33.20 -8.27 -7.60
C ARG A 487 -32.80 -9.74 -7.67
N LEU A 488 -32.35 -10.27 -6.53
CA LEU A 488 -31.97 -11.68 -6.43
C LEU A 488 -33.11 -12.60 -6.87
N ARG A 489 -34.35 -12.17 -6.65
CA ARG A 489 -35.51 -12.99 -7.03
C ARG A 489 -35.83 -12.81 -8.52
N LEU A 490 -35.36 -11.70 -9.09
CA LEU A 490 -35.62 -11.41 -10.51
C LEU A 490 -34.56 -12.06 -11.43
N GLU A 491 -34.73 -11.89 -12.73
CA GLU A 491 -33.80 -12.41 -13.74
C GLU A 491 -32.69 -11.37 -13.76
N PRO A 492 -31.43 -11.79 -13.97
CA PRO A 492 -30.97 -13.15 -14.21
C PRO A 492 -30.50 -13.82 -12.92
N GLN A 493 -30.29 -13.02 -11.88
CA GLN A 493 -29.80 -13.55 -10.60
C GLN A 493 -30.50 -14.82 -10.11
N LYS A 494 -31.83 -14.91 -10.18
CA LYS A 494 -32.52 -16.11 -9.68
C LYS A 494 -32.13 -17.38 -10.39
N ASN A 495 -31.48 -17.24 -11.53
CA ASN A 495 -31.08 -18.43 -12.29
C ASN A 495 -29.60 -18.66 -12.33
N TRP A 496 -28.83 -17.87 -11.59
CA TRP A 496 -27.38 -18.07 -11.57
C TRP A 496 -27.11 -19.37 -10.83
N GLU A 497 -26.26 -20.19 -11.45
CA GLU A 497 -25.81 -21.47 -10.93
C GLU A 497 -25.43 -21.35 -9.46
N VAL A 498 -24.56 -20.39 -9.15
CA VAL A 498 -24.09 -20.18 -7.79
C VAL A 498 -25.20 -19.89 -6.76
N ASN A 499 -26.35 -19.40 -7.20
CA ASN A 499 -27.43 -19.13 -6.24
C ASN A 499 -28.31 -20.35 -6.04
N GLU A 500 -27.93 -21.48 -6.64
CA GLU A 500 -28.70 -22.72 -6.50
C GLU A 500 -30.21 -22.41 -6.65
N PRO A 501 -30.63 -22.03 -7.87
CA PRO A 501 -32.00 -21.66 -8.24
C PRO A 501 -33.16 -22.36 -7.51
N GLU A 502 -33.19 -23.68 -7.51
CA GLU A 502 -34.26 -24.40 -6.86
C GLU A 502 -34.20 -24.18 -5.35
N GLN A 503 -32.99 -24.22 -4.80
CA GLN A 503 -32.84 -23.99 -3.35
C GLN A 503 -33.34 -22.58 -2.98
N LEU A 504 -32.90 -21.60 -3.75
CA LEU A 504 -33.28 -20.22 -3.53
C LEU A 504 -34.79 -20.02 -3.59
N GLU A 505 -35.42 -20.71 -4.54
CA GLU A 505 -36.86 -20.60 -4.69
C GLU A 505 -37.60 -21.06 -3.45
N THR A 506 -37.12 -22.13 -2.82
CA THR A 506 -37.75 -22.64 -1.60
C THR A 506 -37.70 -21.57 -0.51
N VAL A 507 -36.54 -20.92 -0.37
CA VAL A 507 -36.42 -19.89 0.67
C VAL A 507 -37.29 -18.67 0.37
N LEU A 508 -37.14 -18.13 -0.83
CA LEU A 508 -37.90 -16.97 -1.24
C LEU A 508 -39.42 -17.15 -1.05
N GLY A 509 -39.89 -18.39 -1.23
CA GLY A 509 -41.30 -18.67 -1.05
C GLY A 509 -41.74 -18.45 0.38
N THR A 510 -41.00 -19.05 1.32
CA THR A 510 -41.32 -18.91 2.72
C THR A 510 -41.33 -17.46 3.16
N LEU A 511 -40.37 -16.68 2.65
CA LEU A 511 -40.30 -15.29 3.03
C LEU A 511 -41.44 -14.47 2.40
N GLU A 512 -41.76 -14.75 1.13
CA GLU A 512 -42.86 -14.05 0.46
C GLU A 512 -44.19 -14.29 1.17
N ASN A 513 -44.38 -15.52 1.66
CA ASN A 513 -45.62 -15.85 2.37
C ASN A 513 -45.69 -15.01 3.62
N ILE A 514 -44.58 -14.96 4.36
CA ILE A 514 -44.50 -14.20 5.59
C ILE A 514 -44.74 -12.73 5.30
N GLN A 515 -44.28 -12.29 4.13
CA GLN A 515 -44.46 -10.91 3.73
C GLN A 515 -45.93 -10.63 3.46
N THR A 516 -46.57 -11.56 2.76
CA THR A 516 -47.98 -11.43 2.45
C THR A 516 -48.78 -11.38 3.74
N GLU A 517 -48.61 -12.42 4.56
CA GLU A 517 -49.33 -12.51 5.81
C GLU A 517 -49.17 -11.27 6.67
N PHE A 518 -47.94 -10.77 6.78
CA PHE A 518 -47.69 -9.58 7.58
C PHE A 518 -48.34 -8.36 6.95
N ASN A 519 -48.21 -8.23 5.63
CA ASN A 519 -48.78 -7.11 4.90
C ASN A 519 -50.32 -7.07 5.01
N ASP A 520 -50.96 -8.24 5.00
CA ASP A 520 -52.41 -8.35 5.09
C ASP A 520 -52.92 -7.98 6.49
N SER A 521 -52.42 -8.68 7.51
CA SER A 521 -52.83 -8.43 8.89
C SER A 521 -52.68 -6.98 9.32
N ARG A 522 -51.84 -6.21 8.64
CA ARG A 522 -51.66 -4.81 9.02
C ARG A 522 -52.89 -3.97 8.70
N SER A 523 -53.12 -2.95 9.52
CA SER A 523 -54.26 -2.06 9.36
C SER A 523 -53.83 -0.62 9.55
N ASP A 524 -52.67 -0.26 8.99
CA ASP A 524 -52.15 1.10 9.12
C ASP A 524 -51.18 1.47 8.00
N GLY A 525 -51.37 0.90 6.81
CA GLY A 525 -50.50 1.22 5.69
C GLY A 525 -49.06 0.72 5.84
N THR A 526 -48.77 0.02 6.93
CA THR A 526 -47.44 -0.51 7.16
C THR A 526 -47.21 -1.79 6.38
N GLN A 527 -46.09 -1.85 5.66
CA GLN A 527 -45.73 -3.04 4.89
C GLN A 527 -44.24 -3.33 5.01
N VAL A 528 -43.86 -4.56 4.66
CA VAL A 528 -42.47 -4.95 4.71
C VAL A 528 -42.05 -5.49 3.35
N SER A 529 -40.93 -4.98 2.83
CA SER A 529 -40.45 -5.44 1.54
C SER A 529 -39.71 -6.76 1.69
N LEU A 530 -39.79 -7.57 0.64
CA LEU A 530 -39.13 -8.86 0.61
C LEU A 530 -37.63 -8.64 0.72
N ALA A 531 -37.13 -7.62 0.02
CA ALA A 531 -35.70 -7.33 0.06
C ALA A 531 -35.24 -7.11 1.51
N ASP A 532 -36.09 -6.46 2.29
CA ASP A 532 -35.81 -6.18 3.69
C ASP A 532 -35.85 -7.46 4.52
N LEU A 533 -36.83 -8.32 4.25
CA LEU A 533 -36.94 -9.55 4.99
C LEU A 533 -35.74 -10.45 4.75
N ILE A 534 -35.24 -10.48 3.53
CA ILE A 534 -34.11 -11.33 3.22
C ILE A 534 -32.91 -11.03 4.09
N VAL A 535 -32.60 -9.75 4.24
CA VAL A 535 -31.46 -9.37 5.04
C VAL A 535 -31.77 -9.62 6.51
N LEU A 536 -32.92 -9.17 6.96
CA LEU A 536 -33.30 -9.37 8.35
C LEU A 536 -33.24 -10.86 8.71
N GLY A 537 -33.69 -11.73 7.81
CA GLY A 537 -33.66 -13.16 8.08
C GLY A 537 -32.24 -13.68 8.19
N GLY A 538 -31.31 -12.91 7.64
CA GLY A 538 -29.91 -13.27 7.69
C GLY A 538 -29.28 -12.75 8.97
N ASN A 539 -29.73 -11.59 9.43
CA ASN A 539 -29.18 -11.07 10.67
C ASN A 539 -29.64 -11.95 11.80
N ALA A 540 -30.85 -12.48 11.68
CA ALA A 540 -31.40 -13.34 12.71
C ALA A 540 -30.61 -14.64 12.72
N ALA A 541 -30.36 -15.20 11.54
CA ALA A 541 -29.60 -16.43 11.46
C ALA A 541 -28.22 -16.25 12.11
N VAL A 542 -27.55 -15.15 11.80
CA VAL A 542 -26.22 -14.91 12.37
C VAL A 542 -26.31 -14.73 13.90
N GLU A 543 -27.29 -13.96 14.37
CA GLU A 543 -27.46 -13.77 15.80
C GLU A 543 -27.64 -15.14 16.48
N GLN A 544 -28.47 -16.00 15.87
CA GLN A 544 -28.77 -17.35 16.35
C GLN A 544 -27.52 -18.21 16.39
N ALA A 545 -26.70 -18.08 15.35
CA ALA A 545 -25.46 -18.83 15.27
C ALA A 545 -24.53 -18.32 16.36
N ALA A 546 -24.63 -17.03 16.67
CA ALA A 546 -23.77 -16.45 17.70
C ALA A 546 -24.33 -16.79 19.08
N ALA A 547 -25.61 -17.13 19.12
CA ALA A 547 -26.25 -17.48 20.38
C ALA A 547 -25.91 -18.91 20.74
N ASN A 548 -25.81 -19.76 19.72
CA ASN A 548 -25.47 -21.17 19.95
C ASN A 548 -24.05 -21.34 20.48
N ALA A 549 -23.31 -20.24 20.55
CA ALA A 549 -21.95 -20.27 21.05
C ALA A 549 -21.87 -19.44 22.33
N GLY A 550 -23.05 -19.09 22.85
CA GLY A 550 -23.11 -18.31 24.08
C GLY A 550 -22.77 -16.85 23.93
N TYR A 551 -23.05 -16.24 22.78
CA TYR A 551 -22.77 -14.83 22.57
C TYR A 551 -24.03 -14.07 22.19
N ASP A 552 -24.35 -13.05 22.98
CA ASP A 552 -25.54 -12.21 22.78
C ASP A 552 -25.14 -11.05 21.90
N VAL A 553 -25.62 -11.01 20.66
CA VAL A 553 -25.26 -9.91 19.79
C VAL A 553 -26.50 -9.31 19.16
N GLU A 554 -26.53 -7.98 19.07
CA GLU A 554 -27.66 -7.28 18.48
C GLU A 554 -27.21 -6.72 17.15
N ILE A 555 -27.49 -7.40 16.06
CA ILE A 555 -27.06 -6.90 14.77
C ILE A 555 -27.96 -5.75 14.31
N PRO A 556 -27.36 -4.59 14.00
CA PRO A 556 -28.09 -3.41 13.55
C PRO A 556 -28.84 -3.64 12.23
N PHE A 557 -30.13 -3.37 12.23
CA PHE A 557 -30.95 -3.53 11.04
C PHE A 557 -31.54 -2.19 10.62
N GLU A 558 -31.32 -1.84 9.36
CA GLU A 558 -31.81 -0.59 8.77
C GLU A 558 -32.95 -0.88 7.79
N PRO A 559 -34.20 -0.75 8.25
CA PRO A 559 -35.35 -1.00 7.38
C PRO A 559 -35.49 0.12 6.36
N GLY A 560 -36.02 -0.21 5.20
CA GLY A 560 -36.19 0.82 4.18
C GLY A 560 -35.98 0.32 2.76
N ARG A 561 -35.35 -0.86 2.61
CA ARG A 561 -35.11 -1.45 1.28
C ARG A 561 -36.43 -1.71 0.57
N VAL A 562 -36.48 -1.44 -0.73
CA VAL A 562 -37.69 -1.67 -1.52
C VAL A 562 -37.54 -2.89 -2.45
N ASP A 563 -38.65 -3.37 -3.00
CA ASP A 563 -38.60 -4.53 -3.91
C ASP A 563 -38.67 -3.98 -5.34
N ALA A 564 -37.61 -4.17 -6.13
CA ALA A 564 -37.62 -3.67 -7.48
C ALA A 564 -38.28 -4.66 -8.41
N GLY A 565 -38.84 -4.14 -9.49
CA GLY A 565 -39.50 -5.01 -10.41
C GLY A 565 -38.69 -5.21 -11.67
N PRO A 566 -39.15 -6.11 -12.53
CA PRO A 566 -38.41 -6.35 -13.78
C PRO A 566 -38.29 -5.02 -14.57
N GLU A 567 -39.28 -4.13 -14.41
CA GLU A 567 -39.28 -2.84 -15.12
C GLU A 567 -38.15 -1.93 -14.65
N HIS A 568 -37.53 -2.24 -13.51
CA HIS A 568 -36.42 -1.44 -13.00
C HIS A 568 -35.10 -2.19 -13.17
N THR A 569 -35.09 -3.25 -13.99
CA THR A 569 -33.93 -4.10 -14.18
C THR A 569 -33.59 -4.40 -15.66
N ASP A 570 -32.45 -3.95 -16.13
CA ASP A 570 -32.03 -4.24 -17.50
C ASP A 570 -31.32 -5.59 -17.28
N ALA A 571 -32.12 -6.63 -17.15
CA ALA A 571 -31.64 -7.97 -16.89
C ALA A 571 -30.29 -8.33 -17.49
N PRO A 572 -30.10 -8.16 -18.81
CA PRO A 572 -28.80 -8.53 -19.38
C PRO A 572 -27.54 -7.88 -18.78
N SER A 573 -27.68 -6.65 -18.28
CA SER A 573 -26.57 -5.89 -17.71
C SER A 573 -26.15 -6.39 -16.33
N PHE A 574 -26.97 -7.22 -15.71
CA PHE A 574 -26.63 -7.72 -14.40
C PHE A 574 -25.76 -8.96 -14.51
N ASP A 575 -25.77 -9.57 -15.68
CA ASP A 575 -24.92 -10.74 -15.93
C ASP A 575 -23.46 -10.37 -15.59
N ALA A 576 -23.12 -9.08 -15.73
CA ALA A 576 -21.76 -8.61 -15.44
C ALA A 576 -21.39 -8.79 -13.97
N LEU A 577 -22.39 -8.73 -13.08
CA LEU A 577 -22.16 -8.88 -11.66
C LEU A 577 -22.15 -10.35 -11.24
N LYS A 578 -22.31 -11.28 -12.18
CA LYS A 578 -22.31 -12.69 -11.82
C LYS A 578 -20.92 -13.13 -11.39
N PRO A 579 -20.77 -13.62 -10.14
CA PRO A 579 -19.51 -14.08 -9.60
C PRO A 579 -19.01 -15.40 -10.18
N LYS A 580 -17.70 -15.49 -10.40
CA LYS A 580 -17.06 -16.69 -10.92
C LYS A 580 -16.53 -17.48 -9.72
N VAL A 581 -16.40 -16.79 -8.59
CA VAL A 581 -15.94 -17.35 -7.33
C VAL A 581 -16.68 -16.65 -6.17
N ASP A 582 -17.06 -17.41 -5.13
CA ASP A 582 -17.72 -16.80 -3.95
C ASP A 582 -17.16 -17.40 -2.68
N GLY A 583 -16.16 -16.74 -2.13
CA GLY A 583 -15.55 -17.21 -0.91
C GLY A 583 -16.53 -17.66 0.13
N VAL A 584 -17.39 -16.76 0.62
CA VAL A 584 -18.36 -17.13 1.64
C VAL A 584 -19.09 -18.44 1.38
N ARG A 585 -19.56 -18.66 0.17
CA ARG A 585 -20.25 -19.90 -0.13
C ARG A 585 -19.29 -20.97 -0.70
N ASN A 586 -17.98 -20.67 -0.73
CA ASN A 586 -16.96 -21.61 -1.24
C ASN A 586 -17.36 -22.16 -2.60
N TYR A 587 -17.54 -21.26 -3.55
CA TYR A 587 -17.94 -21.65 -4.89
C TYR A 587 -16.83 -21.23 -5.87
N ILE A 588 -16.44 -22.16 -6.75
CA ILE A 588 -15.39 -21.89 -7.73
C ILE A 588 -15.86 -22.44 -9.06
N GLN A 589 -16.13 -21.55 -10.02
CA GLN A 589 -16.58 -21.96 -11.34
C GLN A 589 -15.47 -22.80 -11.93
N ASP A 590 -15.83 -23.91 -12.54
CA ASP A 590 -14.81 -24.79 -13.10
C ASP A 590 -14.29 -24.39 -14.48
N ASP A 591 -13.60 -23.26 -14.57
CA ASP A 591 -13.05 -22.81 -15.84
C ASP A 591 -12.24 -21.53 -15.69
N ILE A 592 -12.24 -20.97 -14.48
CA ILE A 592 -11.49 -19.75 -14.21
C ILE A 592 -10.06 -19.98 -14.61
N THR A 593 -9.40 -18.92 -15.07
CA THR A 593 -8.00 -18.99 -15.47
C THR A 593 -7.13 -18.72 -14.24
N ARG A 594 -7.48 -17.69 -13.48
CA ARG A 594 -6.74 -17.33 -12.28
C ARG A 594 -7.03 -18.34 -11.16
N PRO A 595 -6.12 -18.46 -10.17
CA PRO A 595 -6.29 -19.37 -9.05
C PRO A 595 -7.42 -18.79 -8.25
N ALA A 596 -8.22 -19.63 -7.64
CA ALA A 596 -9.37 -19.18 -6.85
C ALA A 596 -9.09 -18.00 -5.91
N GLU A 597 -8.00 -18.07 -5.15
CA GLU A 597 -7.67 -17.02 -4.19
C GLU A 597 -7.53 -15.62 -4.77
N GLU A 598 -6.99 -15.50 -5.97
CA GLU A 598 -6.82 -14.20 -6.61
C GLU A 598 -8.17 -13.59 -6.88
N VAL A 599 -9.12 -14.38 -7.38
CA VAL A 599 -10.45 -13.86 -7.65
C VAL A 599 -11.09 -13.49 -6.33
N LEU A 600 -10.82 -14.29 -5.30
CA LEU A 600 -11.33 -14.09 -3.95
C LEU A 600 -10.95 -12.69 -3.52
N VAL A 601 -9.65 -12.43 -3.55
CA VAL A 601 -9.13 -11.12 -3.19
C VAL A 601 -9.73 -10.03 -4.09
N ASP A 602 -9.78 -10.28 -5.39
CA ASP A 602 -10.35 -9.32 -6.32
C ASP A 602 -11.82 -9.01 -6.03
N ASN A 603 -12.58 -10.04 -5.67
CA ASN A 603 -14.00 -9.82 -5.36
C ASN A 603 -14.13 -9.11 -4.03
N ALA A 604 -13.28 -9.49 -3.06
CA ALA A 604 -13.27 -8.89 -1.74
C ALA A 604 -13.10 -7.37 -1.89
N ASP A 605 -12.18 -6.99 -2.78
CA ASP A 605 -11.95 -5.57 -3.01
C ASP A 605 -13.19 -4.82 -3.47
N LEU A 606 -14.06 -5.49 -4.21
CA LEU A 606 -15.28 -4.86 -4.68
C LEU A 606 -16.29 -4.62 -3.54
N LEU A 607 -16.09 -5.32 -2.43
CA LEU A 607 -16.95 -5.18 -1.27
C LEU A 607 -16.24 -4.33 -0.22
N ASN A 608 -15.16 -3.68 -0.63
CA ASN A 608 -14.36 -2.80 0.23
C ASN A 608 -13.80 -3.45 1.48
N LEU A 609 -13.50 -4.74 1.40
CA LEU A 609 -12.96 -5.44 2.54
C LEU A 609 -11.44 -5.32 2.64
N THR A 610 -10.94 -5.36 3.88
CA THR A 610 -9.50 -5.32 4.14
C THR A 610 -9.11 -6.78 4.27
N ALA A 611 -7.82 -7.09 4.34
CA ALA A 611 -7.39 -8.48 4.47
C ALA A 611 -7.97 -9.07 5.76
N SER A 612 -8.07 -8.26 6.81
CA SER A 612 -8.60 -8.74 8.07
C SER A 612 -10.09 -9.04 8.02
N GLU A 613 -10.84 -8.10 7.45
CA GLU A 613 -12.30 -8.23 7.32
C GLU A 613 -12.70 -9.42 6.46
N LEU A 614 -11.91 -9.68 5.43
CA LEU A 614 -12.20 -10.80 4.54
C LEU A 614 -11.95 -12.06 5.36
N THR A 615 -10.86 -12.05 6.12
CA THR A 615 -10.47 -13.20 6.94
C THR A 615 -11.50 -13.56 8.01
N ALA A 616 -11.96 -12.56 8.75
CA ALA A 616 -12.97 -12.79 9.77
C ALA A 616 -14.23 -13.35 9.10
N LEU A 617 -14.67 -12.71 8.02
CA LEU A 617 -15.86 -13.15 7.30
C LEU A 617 -15.82 -14.63 6.95
N ILE A 618 -14.94 -14.98 6.01
CA ILE A 618 -14.82 -16.37 5.58
C ILE A 618 -14.67 -17.30 6.77
N GLY A 619 -13.78 -16.95 7.69
CA GLY A 619 -13.56 -17.79 8.86
C GLY A 619 -14.79 -18.01 9.69
N GLY A 620 -15.45 -16.91 10.07
CA GLY A 620 -16.67 -17.04 10.83
C GLY A 620 -17.66 -17.86 10.03
N MET A 621 -17.74 -17.60 8.72
CA MET A 621 -18.70 -18.32 7.89
C MET A 621 -18.59 -19.83 7.95
N ARG A 622 -17.37 -20.35 7.76
CA ARG A 622 -17.17 -21.78 7.78
C ARG A 622 -17.73 -22.42 9.06
N SER A 623 -17.59 -21.76 10.19
CA SER A 623 -18.09 -22.31 11.45
C SER A 623 -19.62 -22.47 11.38
N ILE A 624 -20.26 -21.59 10.62
CA ILE A 624 -21.72 -21.64 10.44
C ILE A 624 -22.07 -22.71 9.42
N GLY A 625 -21.56 -22.58 8.20
CA GLY A 625 -21.84 -23.59 7.19
C GLY A 625 -22.82 -23.21 6.10
N ALA A 626 -22.57 -22.09 5.42
CA ALA A 626 -23.43 -21.65 4.35
C ALA A 626 -22.80 -22.02 3.00
N ASN A 627 -22.28 -23.24 2.89
CA ASN A 627 -21.61 -23.66 1.67
C ASN A 627 -22.50 -23.95 0.46
N TYR A 628 -21.91 -23.75 -0.72
CA TYR A 628 -22.59 -24.01 -1.99
C TYR A 628 -22.88 -25.51 -2.09
N GLN A 629 -24.12 -25.87 -2.42
CA GLN A 629 -24.51 -27.28 -2.51
C GLN A 629 -24.32 -27.95 -1.15
N ASP A 630 -24.32 -27.14 -0.10
CA ASP A 630 -24.15 -27.63 1.27
C ASP A 630 -22.99 -28.58 1.51
N THR A 631 -21.86 -28.34 0.85
CA THR A 631 -20.70 -29.21 1.05
C THR A 631 -20.08 -28.91 2.41
N ASP A 632 -18.99 -29.61 2.68
CA ASP A 632 -18.26 -29.45 3.92
C ASP A 632 -16.90 -28.84 3.69
N LEU A 633 -16.59 -28.57 2.43
CA LEU A 633 -15.32 -27.98 2.06
C LEU A 633 -15.04 -26.76 2.93
N GLY A 634 -13.96 -26.85 3.71
CA GLY A 634 -13.56 -25.77 4.59
C GLY A 634 -14.31 -25.64 5.91
N VAL A 635 -15.27 -26.52 6.16
CA VAL A 635 -16.08 -26.47 7.39
C VAL A 635 -15.41 -27.26 8.52
N PHE A 636 -14.39 -26.64 9.11
CA PHE A 636 -13.60 -27.23 10.17
C PHE A 636 -14.22 -27.09 11.55
N THR A 637 -15.39 -27.67 11.74
CA THR A 637 -16.03 -27.62 13.04
C THR A 637 -16.92 -28.83 13.22
N ASP A 638 -17.27 -29.12 14.45
CA ASP A 638 -18.15 -30.23 14.74
C ASP A 638 -19.52 -29.70 15.10
N GLU A 639 -19.59 -28.42 15.43
CA GLU A 639 -20.86 -27.81 15.80
C GLU A 639 -21.33 -26.77 14.79
N PRO A 640 -21.72 -27.19 13.57
CA PRO A 640 -22.18 -26.23 12.56
C PRO A 640 -23.26 -25.31 13.10
N GLU A 641 -23.47 -24.20 12.38
CA GLU A 641 -24.44 -23.18 12.75
C GLU A 641 -24.15 -22.60 14.12
N THR A 642 -22.90 -22.77 14.55
CA THR A 642 -22.47 -22.23 15.84
C THR A 642 -21.29 -21.35 15.53
N LEU A 643 -21.47 -20.04 15.66
CA LEU A 643 -20.41 -19.08 15.35
C LEU A 643 -19.21 -19.14 16.29
N THR A 644 -18.09 -19.67 15.80
CA THR A 644 -16.88 -19.78 16.61
C THR A 644 -15.59 -19.59 15.79
N ASN A 645 -14.45 -19.67 16.46
CA ASN A 645 -13.16 -19.52 15.79
C ASN A 645 -12.56 -20.89 15.44
N ASP A 646 -13.42 -21.88 15.33
CA ASP A 646 -13.04 -23.26 15.01
C ASP A 646 -12.23 -23.36 13.71
N PHE A 647 -12.60 -22.57 12.70
CA PHE A 647 -11.93 -22.57 11.41
C PHE A 647 -10.44 -22.33 11.56
N PHE A 648 -10.10 -21.28 12.31
CA PHE A 648 -8.69 -20.94 12.50
C PHE A 648 -7.96 -21.94 13.40
N VAL A 649 -8.60 -22.32 14.50
CA VAL A 649 -8.01 -23.28 15.40
C VAL A 649 -7.65 -24.55 14.63
N ASN A 650 -8.64 -25.17 14.01
CA ASN A 650 -8.42 -26.40 13.25
C ASN A 650 -7.53 -26.29 12.02
N LEU A 651 -7.59 -25.16 11.32
CA LEU A 651 -6.78 -24.96 10.13
C LEU A 651 -5.30 -24.95 10.52
N LEU A 652 -4.99 -24.21 11.58
CA LEU A 652 -3.61 -24.07 12.07
C LEU A 652 -3.03 -25.27 12.83
N ASP A 653 -3.85 -26.25 13.15
CA ASP A 653 -3.40 -27.43 13.88
C ASP A 653 -2.32 -28.20 13.11
N MET A 654 -1.08 -28.20 13.57
CA MET A 654 -0.03 -28.94 12.86
C MET A 654 -0.27 -30.44 12.90
N GLY A 655 -1.16 -30.86 13.80
CA GLY A 655 -1.50 -32.25 13.91
C GLY A 655 -2.12 -32.71 12.61
N THR A 656 -2.65 -31.75 11.86
CA THR A 656 -3.29 -32.01 10.58
C THR A 656 -2.35 -31.58 9.46
N GLU A 657 -2.32 -32.37 8.41
CA GLU A 657 -1.46 -32.08 7.26
C GLU A 657 -2.32 -32.04 6.02
N TRP A 658 -2.01 -31.18 5.06
CA TRP A 658 -2.82 -31.07 3.86
C TRP A 658 -2.13 -31.51 2.58
N GLU A 659 -2.93 -32.00 1.63
CA GLU A 659 -2.42 -32.44 0.34
C GLU A 659 -3.53 -32.38 -0.69
N PRO A 660 -3.17 -32.16 -1.96
CA PRO A 660 -4.21 -32.08 -2.98
C PRO A 660 -4.98 -33.39 -3.06
N ALA A 661 -6.26 -33.28 -3.40
CA ALA A 661 -7.12 -34.45 -3.50
C ALA A 661 -6.89 -35.06 -4.86
N ALA A 662 -6.61 -36.35 -4.88
CA ALA A 662 -6.36 -37.08 -6.12
C ALA A 662 -7.47 -36.88 -7.13
N ASP A 663 -7.09 -36.70 -8.39
CA ASP A 663 -8.06 -36.53 -9.46
C ASP A 663 -9.02 -35.38 -9.16
N SER A 664 -8.57 -34.40 -8.39
CA SER A 664 -9.42 -33.27 -8.08
C SER A 664 -8.79 -32.00 -8.60
N GLU A 665 -9.62 -31.00 -8.86
CA GLU A 665 -9.12 -29.75 -9.38
C GLU A 665 -9.17 -28.64 -8.35
N HIS A 666 -10.12 -28.71 -7.43
CA HIS A 666 -10.26 -27.67 -6.44
C HIS A 666 -10.23 -28.20 -5.03
N ARG A 667 -10.42 -29.50 -4.88
CA ARG A 667 -10.48 -30.13 -3.56
C ARG A 667 -9.12 -30.54 -2.99
N TYR A 668 -9.01 -30.42 -1.67
CA TYR A 668 -7.81 -30.78 -0.91
C TYR A 668 -8.22 -31.60 0.33
N LYS A 669 -7.34 -32.46 0.81
CA LYS A 669 -7.64 -33.26 1.99
C LYS A 669 -6.75 -32.91 3.17
N GLY A 670 -7.37 -32.81 4.34
CA GLY A 670 -6.64 -32.53 5.56
C GLY A 670 -6.53 -33.86 6.30
N LEU A 671 -5.31 -34.39 6.36
CA LEU A 671 -5.07 -35.68 6.98
C LEU A 671 -4.40 -35.61 8.34
N ASP A 672 -4.72 -36.56 9.22
CA ASP A 672 -4.08 -36.61 10.54
C ASP A 672 -2.66 -37.09 10.20
N ARG A 673 -1.66 -36.25 10.47
CA ARG A 673 -0.27 -36.58 10.17
C ARG A 673 0.20 -37.89 10.78
N ASP A 674 -0.57 -38.43 11.71
CA ASP A 674 -0.24 -39.68 12.37
C ASP A 674 -1.00 -40.84 11.75
N THR A 675 -2.29 -40.92 12.08
CA THR A 675 -3.15 -41.97 11.59
C THR A 675 -3.36 -41.96 10.07
N GLY A 676 -3.22 -40.80 9.43
CA GLY A 676 -3.41 -40.72 7.99
C GLY A 676 -4.86 -40.56 7.59
N GLU A 677 -5.76 -40.63 8.57
CA GLU A 677 -7.19 -40.50 8.36
C GLU A 677 -7.56 -39.09 7.89
N VAL A 678 -8.56 -39.01 7.00
CA VAL A 678 -9.03 -37.72 6.50
C VAL A 678 -9.84 -37.02 7.60
N LYS A 679 -9.45 -35.80 7.98
CA LYS A 679 -10.18 -35.07 9.03
C LYS A 679 -11.10 -34.03 8.43
N TRP A 680 -10.64 -33.42 7.34
CA TRP A 680 -11.40 -32.40 6.67
C TRP A 680 -11.10 -32.39 5.18
N GLU A 681 -11.91 -31.62 4.47
CA GLU A 681 -11.81 -31.42 3.04
C GLU A 681 -11.85 -29.90 2.89
N ALA A 682 -11.23 -29.36 1.83
CA ALA A 682 -11.20 -27.91 1.62
C ALA A 682 -10.75 -27.49 0.21
N THR A 683 -10.80 -26.18 -0.04
CA THR A 683 -10.38 -25.58 -1.31
C THR A 683 -9.28 -24.57 -1.03
N ARG A 684 -8.77 -23.97 -2.10
CA ARG A 684 -7.72 -22.96 -1.99
C ARG A 684 -8.28 -21.74 -1.27
N ILE A 685 -9.58 -21.53 -1.38
CA ILE A 685 -10.19 -20.41 -0.70
C ILE A 685 -9.96 -20.52 0.79
N ASP A 686 -10.11 -21.72 1.33
CA ASP A 686 -9.92 -21.95 2.76
C ASP A 686 -8.45 -21.97 3.14
N LEU A 687 -7.64 -22.69 2.36
CA LEU A 687 -6.23 -22.87 2.65
C LEU A 687 -5.39 -21.63 2.45
N ILE A 688 -5.83 -20.74 1.59
CA ILE A 688 -5.05 -19.53 1.40
C ILE A 688 -4.81 -18.80 2.73
N PHE A 689 -5.75 -18.86 3.69
CA PHE A 689 -5.52 -18.16 4.96
C PHE A 689 -4.52 -18.85 5.90
N GLY A 690 -3.89 -19.91 5.42
CA GLY A 690 -2.91 -20.61 6.24
C GLY A 690 -1.64 -20.82 5.46
N SER A 691 -1.54 -20.15 4.33
CA SER A 691 -0.38 -20.27 3.45
C SER A 691 0.19 -18.87 3.25
N ASN A 692 -0.62 -17.96 2.72
CA ASN A 692 -0.16 -16.59 2.51
C ASN A 692 0.34 -16.13 3.86
N ASP A 693 1.51 -15.47 3.84
CA ASP A 693 2.12 -15.00 5.07
C ASP A 693 1.33 -13.90 5.79
N ARG A 694 0.80 -12.93 5.06
CA ARG A 694 0.05 -11.87 5.75
C ARG A 694 -1.26 -12.41 6.30
N LEU A 695 -1.95 -13.23 5.51
CA LEU A 695 -3.22 -13.79 5.96
C LEU A 695 -3.05 -14.79 7.11
N ARG A 696 -2.08 -15.69 6.98
CA ARG A 696 -1.84 -16.66 8.05
C ARG A 696 -1.67 -15.88 9.36
N ALA A 697 -0.95 -14.76 9.28
CA ALA A 697 -0.72 -13.92 10.45
C ALA A 697 -2.01 -13.44 11.09
N ILE A 698 -3.06 -13.29 10.30
CA ILE A 698 -4.35 -12.83 10.83
C ILE A 698 -5.11 -14.02 11.35
N SER A 699 -4.88 -15.18 10.76
CA SER A 699 -5.55 -16.39 11.17
C SER A 699 -5.03 -16.82 12.52
N GLU A 700 -3.81 -16.40 12.86
CA GLU A 700 -3.27 -16.78 14.16
C GLU A 700 -3.90 -15.93 15.26
N VAL A 701 -4.18 -14.66 14.99
CA VAL A 701 -4.82 -13.85 16.01
C VAL A 701 -6.12 -14.55 16.38
N TYR A 702 -7.01 -14.67 15.40
CA TYR A 702 -8.33 -15.30 15.58
C TYR A 702 -8.29 -16.74 16.07
N GLY A 703 -7.21 -17.46 15.78
CA GLY A 703 -7.10 -18.84 16.23
C GLY A 703 -6.50 -18.99 17.62
N SER A 704 -6.18 -17.87 18.25
CA SER A 704 -5.62 -17.85 19.60
C SER A 704 -6.73 -18.24 20.58
N ALA A 705 -6.32 -18.77 21.72
CA ALA A 705 -7.24 -19.21 22.76
C ALA A 705 -8.09 -18.13 23.41
N ASP A 706 -7.71 -16.87 23.28
CA ASP A 706 -8.49 -15.80 23.88
C ASP A 706 -8.97 -14.82 22.84
N ALA A 707 -9.64 -15.29 21.79
CA ALA A 707 -10.07 -14.38 20.75
C ALA A 707 -11.40 -14.72 20.10
N GLU A 708 -12.04 -15.76 20.58
CA GLU A 708 -13.30 -16.12 19.97
C GLU A 708 -14.28 -14.95 19.98
N LYS A 709 -14.44 -14.29 21.12
CA LYS A 709 -15.35 -13.15 21.21
C LYS A 709 -14.98 -12.05 20.22
N LYS A 710 -13.68 -11.89 19.99
CA LYS A 710 -13.19 -10.87 19.07
C LYS A 710 -13.61 -11.25 17.65
N LEU A 711 -13.47 -12.53 17.31
CA LEU A 711 -13.85 -13.00 15.98
C LEU A 711 -15.36 -12.85 15.81
N VAL A 712 -16.13 -13.34 16.78
CA VAL A 712 -17.58 -13.22 16.70
C VAL A 712 -17.94 -11.78 16.34
N HIS A 713 -17.38 -10.83 17.08
CA HIS A 713 -17.65 -9.41 16.85
C HIS A 713 -17.12 -8.84 15.55
N ASP A 714 -16.02 -9.40 15.04
CA ASP A 714 -15.46 -8.90 13.79
C ASP A 714 -16.29 -9.44 12.64
N PHE A 715 -16.69 -10.70 12.79
CA PHE A 715 -17.49 -11.31 11.77
C PHE A 715 -18.81 -10.56 11.66
N VAL A 716 -19.45 -10.29 12.81
CA VAL A 716 -20.71 -9.57 12.76
C VAL A 716 -20.50 -8.22 12.13
N ASP A 717 -19.50 -7.47 12.60
CA ASP A 717 -19.28 -6.16 12.00
C ASP A 717 -19.18 -6.26 10.48
N THR A 718 -18.32 -7.15 9.97
CA THR A 718 -18.15 -7.32 8.53
C THR A 718 -19.46 -7.73 7.86
N TRP A 719 -20.19 -8.64 8.48
CA TRP A 719 -21.46 -9.08 7.91
C TRP A 719 -22.42 -7.89 7.81
N SER A 720 -22.49 -7.07 8.85
CA SER A 720 -23.36 -5.92 8.84
C SER A 720 -22.93 -4.87 7.80
N LYS A 721 -21.62 -4.68 7.66
CA LYS A 721 -21.09 -3.72 6.69
C LYS A 721 -21.60 -4.06 5.29
N VAL A 722 -21.43 -5.32 4.92
CA VAL A 722 -21.86 -5.76 3.60
C VAL A 722 -23.37 -5.64 3.34
N MET A 723 -24.17 -6.10 4.30
CA MET A 723 -25.62 -6.03 4.16
C MET A 723 -26.07 -4.61 3.82
N LYS A 724 -25.35 -3.62 4.32
CA LYS A 724 -25.69 -2.22 4.12
C LYS A 724 -24.89 -1.47 3.07
N LEU A 725 -23.97 -2.15 2.38
CA LEU A 725 -23.14 -1.50 1.37
C LEU A 725 -23.89 -0.57 0.41
N ASP A 726 -25.05 -0.97 -0.09
CA ASP A 726 -25.77 -0.13 -1.04
C ASP A 726 -26.72 0.88 -0.42
N ARG A 727 -26.77 0.93 0.90
CA ARG A 727 -27.62 1.89 1.58
C ARG A 727 -27.01 3.30 1.46
N PHE A 728 -27.11 3.88 0.27
CA PHE A 728 -26.54 5.22 0.01
C PHE A 728 -27.33 6.39 0.61
N ASP A 729 -28.66 6.26 0.55
CA ASP A 729 -29.55 7.29 1.07
C ASP A 729 -29.20 7.80 2.47
N LEU A 730 -28.74 6.90 3.34
CA LEU A 730 -28.38 7.25 4.71
C LEU A 730 -26.90 7.06 5.05
N GLU A 731 -26.01 7.66 4.26
CA GLU A 731 -24.57 7.54 4.49
C GLU A 731 -23.96 8.88 4.93
N LYS B 18 -1.68 -13.26 -14.33
CA LYS B 18 -2.77 -12.23 -14.32
C LYS B 18 -2.72 -11.46 -12.99
N ARG B 19 -2.10 -10.28 -13.04
CA ARG B 19 -1.94 -9.38 -11.90
C ARG B 19 -1.62 -7.96 -12.37
N PRO B 20 -2.14 -6.95 -11.66
CA PRO B 20 -1.89 -5.55 -12.02
C PRO B 20 -0.40 -5.23 -12.08
N LYS B 21 0.07 -4.83 -13.25
CA LYS B 21 1.48 -4.49 -13.44
C LYS B 21 1.69 -3.11 -12.84
N SER B 22 2.05 -3.09 -11.55
CA SER B 22 2.26 -1.85 -10.82
C SER B 22 3.03 -0.76 -11.58
N ASN B 23 2.89 0.47 -11.11
CA ASN B 23 3.56 1.60 -11.72
C ASN B 23 5.08 1.40 -11.59
N GLN B 24 5.47 0.48 -10.71
CA GLN B 24 6.88 0.17 -10.46
C GLN B 24 7.61 -0.35 -11.71
N ASP B 25 6.95 -1.23 -12.48
CA ASP B 25 7.55 -1.80 -13.68
C ASP B 25 7.69 -0.79 -14.84
N TRP B 26 6.61 -0.06 -15.11
CA TRP B 26 6.57 0.93 -16.18
C TRP B 26 7.57 2.07 -15.94
N TRP B 27 7.72 2.44 -14.68
CA TRP B 27 8.61 3.51 -14.29
C TRP B 27 9.39 3.08 -13.05
N PRO B 28 10.56 2.44 -13.27
CA PRO B 28 11.42 1.96 -12.19
C PRO B 28 11.94 3.09 -11.30
N SER B 29 11.74 4.33 -11.74
CA SER B 29 12.21 5.49 -11.00
C SER B 29 11.14 6.30 -10.26
N LYS B 30 9.88 5.87 -10.38
CA LYS B 30 8.78 6.57 -9.73
C LYS B 30 8.96 6.58 -8.21
N LEU B 31 8.88 7.77 -7.62
CA LEU B 31 9.02 7.90 -6.18
C LEU B 31 8.12 6.88 -5.49
N ASN B 32 8.66 6.21 -4.49
CA ASN B 32 7.92 5.16 -3.79
C ASN B 32 7.16 5.64 -2.55
N LEU B 33 6.02 6.28 -2.76
CA LEU B 33 5.22 6.80 -1.66
C LEU B 33 4.52 5.69 -0.86
N GLU B 34 4.75 4.43 -1.23
CA GLU B 34 4.10 3.33 -0.51
C GLU B 34 4.51 3.20 0.95
N ILE B 35 5.74 3.61 1.29
CA ILE B 35 6.24 3.51 2.68
C ILE B 35 5.61 4.52 3.62
N LEU B 36 5.17 5.65 3.06
CA LEU B 36 4.54 6.69 3.84
C LEU B 36 3.07 6.30 3.95
N ASP B 37 2.60 5.49 3.01
CA ASP B 37 1.23 5.06 3.09
C ASP B 37 1.07 4.08 4.24
N GLN B 38 2.12 3.32 4.54
CA GLN B 38 2.03 2.37 5.65
C GLN B 38 1.77 3.07 6.97
N ASN B 39 2.15 4.34 7.07
CA ASN B 39 1.96 5.09 8.30
C ASN B 39 0.55 5.66 8.43
N ALA B 40 -0.18 5.71 7.32
CA ALA B 40 -1.55 6.24 7.35
C ALA B 40 -2.54 5.23 7.93
N ARG B 41 -2.25 3.94 7.77
CA ARG B 41 -3.11 2.89 8.28
C ARG B 41 -2.35 1.83 9.05
N ASP B 42 -3.08 1.03 9.83
CA ASP B 42 -2.46 -0.04 10.62
C ASP B 42 -3.09 -1.38 10.19
N VAL B 43 -2.52 -2.04 9.20
CA VAL B 43 -3.07 -3.32 8.76
C VAL B 43 -3.10 -4.30 9.94
N GLY B 44 -3.92 -5.34 9.86
CA GLY B 44 -3.99 -6.27 10.97
C GLY B 44 -5.32 -6.09 11.69
N PRO B 45 -5.78 -7.11 12.41
CA PRO B 45 -7.04 -7.07 13.15
C PRO B 45 -7.00 -6.51 14.55
N VAL B 46 -6.05 -5.63 14.84
CA VAL B 46 -5.92 -5.07 16.18
C VAL B 46 -6.53 -3.68 16.37
N GLU B 47 -7.37 -3.55 17.41
CA GLU B 47 -8.06 -2.31 17.76
C GLU B 47 -7.09 -1.14 17.91
N ASP B 48 -7.58 0.08 17.68
CA ASP B 48 -6.73 1.28 17.81
C ASP B 48 -6.32 1.51 19.27
N ASP B 49 -7.26 1.33 20.19
CA ASP B 49 -6.99 1.53 21.62
C ASP B 49 -6.29 0.34 22.28
N PHE B 50 -5.56 -0.45 21.50
CA PHE B 50 -4.88 -1.60 22.07
C PHE B 50 -3.47 -1.27 22.56
N ASP B 51 -3.27 -1.44 23.87
CA ASP B 51 -1.98 -1.19 24.51
C ASP B 51 -1.29 -2.53 24.76
N TYR B 52 -0.33 -2.86 23.91
CA TYR B 52 0.39 -4.13 24.07
C TYR B 52 1.18 -4.18 25.36
N ALA B 53 1.95 -3.13 25.61
CA ALA B 53 2.76 -3.06 26.80
C ALA B 53 1.90 -3.36 28.02
N GLU B 54 0.60 -3.14 27.86
CA GLU B 54 -0.35 -3.37 28.94
C GLU B 54 -0.81 -4.81 29.02
N GLU B 55 -1.17 -5.36 27.86
CA GLU B 55 -1.62 -6.74 27.80
C GLU B 55 -0.45 -7.61 28.26
N PHE B 56 0.77 -7.14 27.98
CA PHE B 56 1.98 -7.86 28.36
C PHE B 56 2.11 -7.97 29.88
N GLN B 57 1.82 -6.88 30.57
CA GLN B 57 1.89 -6.81 32.04
C GLN B 57 1.03 -7.89 32.69
N LYS B 58 0.03 -8.35 31.96
CA LYS B 58 -0.88 -9.38 32.44
C LYS B 58 -0.25 -10.76 32.29
N LEU B 59 0.70 -10.86 31.37
CA LEU B 59 1.39 -12.12 31.07
C LEU B 59 2.21 -12.72 32.21
N ASP B 60 1.95 -14.00 32.50
CA ASP B 60 2.71 -14.67 33.52
C ASP B 60 3.97 -15.21 32.85
N LEU B 61 4.96 -14.35 32.70
CA LEU B 61 6.20 -14.74 32.03
C LEU B 61 6.79 -16.06 32.51
N GLU B 62 6.69 -16.33 33.80
CA GLU B 62 7.24 -17.57 34.33
C GLU B 62 6.56 -18.78 33.72
N ALA B 63 5.25 -18.70 33.52
CA ALA B 63 4.52 -19.80 32.92
C ALA B 63 5.01 -20.03 31.50
N VAL B 64 5.16 -18.93 30.75
CA VAL B 64 5.61 -19.02 29.37
C VAL B 64 6.98 -19.74 29.29
N LYS B 65 7.95 -19.26 30.07
CA LYS B 65 9.29 -19.84 30.09
C LYS B 65 9.25 -21.33 30.43
N SER B 66 8.38 -21.70 31.36
CA SER B 66 8.24 -23.09 31.74
C SER B 66 7.84 -23.97 30.55
N ASP B 67 6.87 -23.51 29.77
CA ASP B 67 6.38 -24.23 28.59
C ASP B 67 7.41 -24.22 27.46
N LEU B 68 8.24 -23.17 27.47
CA LEU B 68 9.27 -23.03 26.47
C LEU B 68 10.39 -24.02 26.75
N GLU B 69 10.70 -24.23 28.03
CA GLU B 69 11.76 -25.18 28.35
C GLU B 69 11.26 -26.59 28.11
N GLU B 70 9.97 -26.79 28.28
CA GLU B 70 9.36 -28.09 28.07
C GLU B 70 9.38 -28.44 26.58
N LEU B 71 9.03 -27.47 25.75
CA LEU B 71 9.01 -27.67 24.31
C LEU B 71 10.39 -28.04 23.78
N MET B 72 11.44 -27.66 24.51
CA MET B 72 12.81 -27.93 24.12
C MET B 72 13.13 -29.40 23.93
N THR B 73 12.43 -30.28 24.64
CA THR B 73 12.65 -31.72 24.55
C THR B 73 11.40 -32.50 24.13
N SER B 74 10.51 -31.82 23.44
CA SER B 74 9.28 -32.42 22.97
C SER B 74 9.38 -32.45 21.46
N SER B 75 10.17 -33.40 20.95
CA SER B 75 10.37 -33.52 19.52
C SER B 75 9.07 -33.77 18.76
N GLN B 76 8.95 -33.16 17.59
CA GLN B 76 7.79 -33.31 16.72
C GLN B 76 8.20 -34.18 15.54
N ASP B 77 7.39 -35.18 15.23
CA ASP B 77 7.72 -36.07 14.14
C ASP B 77 7.89 -35.36 12.80
N TRP B 78 7.28 -34.18 12.65
CA TRP B 78 7.42 -33.47 11.37
C TRP B 78 8.70 -32.66 11.25
N TRP B 79 9.59 -32.83 12.23
CA TRP B 79 10.87 -32.15 12.24
C TRP B 79 11.56 -32.50 13.55
N PRO B 80 12.08 -33.73 13.64
CA PRO B 80 12.78 -34.25 14.81
C PRO B 80 13.82 -33.33 15.43
N ALA B 81 13.79 -33.21 16.76
CA ALA B 81 14.72 -32.36 17.48
C ALA B 81 16.12 -32.92 17.49
N ASP B 82 17.05 -32.14 16.95
CA ASP B 82 18.45 -32.53 16.92
C ASP B 82 18.92 -32.80 18.34
N TYR B 83 19.58 -33.94 18.52
CA TYR B 83 20.11 -34.32 19.83
C TYR B 83 19.01 -34.38 20.90
N GLY B 84 17.76 -34.24 20.47
CA GLY B 84 16.64 -34.28 21.40
C GLY B 84 16.40 -32.96 22.10
N HIS B 85 16.93 -31.88 21.52
CA HIS B 85 16.80 -30.53 22.08
C HIS B 85 16.67 -29.46 20.97
N TYR B 86 15.57 -28.70 20.97
CA TYR B 86 15.36 -27.66 19.97
C TYR B 86 16.12 -26.38 20.29
N GLY B 87 16.73 -26.37 21.46
CA GLY B 87 17.46 -25.21 21.93
C GLY B 87 18.36 -24.53 20.90
N PRO B 88 19.31 -25.26 20.32
CA PRO B 88 20.19 -24.64 19.32
C PRO B 88 19.43 -24.00 18.18
N LEU B 89 18.46 -24.75 17.64
CA LEU B 89 17.68 -24.24 16.52
C LEU B 89 16.97 -22.94 16.88
N PHE B 90 16.45 -22.87 18.11
CA PHE B 90 15.77 -21.66 18.56
C PHE B 90 16.76 -20.54 18.75
N ILE B 91 17.98 -20.87 19.15
CA ILE B 91 18.95 -19.80 19.34
C ILE B 91 19.19 -19.13 17.99
N ARG B 92 19.23 -19.94 16.94
CA ARG B 92 19.45 -19.41 15.60
C ARG B 92 18.25 -18.58 15.14
N MET B 93 17.06 -19.08 15.48
CA MET B 93 15.87 -18.37 15.12
C MET B 93 15.92 -16.94 15.68
N ALA B 94 16.20 -16.79 16.98
CA ALA B 94 16.27 -15.45 17.57
C ALA B 94 17.45 -14.66 17.02
N TRP B 95 18.54 -15.37 16.75
CA TRP B 95 19.74 -14.78 16.19
C TRP B 95 19.39 -14.09 14.87
N HIS B 96 18.91 -14.86 13.89
CA HIS B 96 18.54 -14.26 12.61
C HIS B 96 17.41 -13.23 12.75
N SER B 97 16.51 -13.46 13.70
CA SER B 97 15.40 -12.54 13.91
C SER B 97 15.88 -11.13 14.21
N ALA B 98 16.90 -11.00 15.05
CA ALA B 98 17.42 -9.67 15.39
C ALA B 98 18.68 -9.27 14.62
N GLY B 99 19.40 -10.25 14.09
CA GLY B 99 20.63 -9.96 13.37
C GLY B 99 20.54 -9.24 12.03
N THR B 100 19.34 -8.81 11.62
CA THR B 100 19.20 -8.11 10.34
C THR B 100 19.22 -6.60 10.56
N TYR B 101 19.36 -6.20 11.81
CA TYR B 101 19.41 -4.79 12.21
C TYR B 101 20.61 -4.05 11.62
N ARG B 102 20.40 -2.78 11.26
CA ARG B 102 21.45 -1.92 10.72
C ARG B 102 21.31 -0.56 11.42
N THR B 103 22.42 -0.01 11.90
CA THR B 103 22.39 1.28 12.59
C THR B 103 22.13 2.45 11.66
N ALA B 104 22.55 2.30 10.41
CA ALA B 104 22.37 3.35 9.42
C ALA B 104 20.96 3.94 9.42
N ASP B 105 19.94 3.09 9.43
CA ASP B 105 18.54 3.55 9.44
C ASP B 105 17.69 2.97 10.59
N GLY B 106 18.29 2.09 11.40
CA GLY B 106 17.59 1.49 12.51
C GLY B 106 16.61 0.42 12.10
N ARG B 107 16.55 0.17 10.81
CA ARG B 107 15.64 -0.84 10.27
C ARG B 107 16.15 -2.25 10.58
N GLY B 108 15.38 -3.26 10.21
CA GLY B 108 15.78 -4.62 10.51
C GLY B 108 15.59 -4.82 12.01
N GLY B 109 16.08 -5.94 12.54
CA GLY B 109 15.94 -6.20 13.96
C GLY B 109 14.81 -7.18 14.22
N ALA B 110 14.27 -7.19 15.44
CA ALA B 110 13.17 -8.11 15.74
C ALA B 110 12.04 -7.41 16.48
N ALA B 111 12.16 -6.10 16.60
CA ALA B 111 11.14 -5.30 17.30
C ALA B 111 9.76 -5.39 16.66
N GLY B 112 9.67 -6.03 15.50
CA GLY B 112 8.39 -6.20 14.82
C GLY B 112 8.12 -7.66 14.49
N GLY B 113 9.17 -8.48 14.55
CA GLY B 113 9.04 -9.89 14.26
C GLY B 113 8.78 -10.10 12.79
N ARG B 114 9.35 -9.25 11.95
CA ARG B 114 9.16 -9.34 10.51
C ARG B 114 9.90 -10.47 9.84
N GLN B 115 10.32 -11.46 10.62
CA GLN B 115 11.02 -12.60 10.05
C GLN B 115 9.95 -13.53 9.50
N ARG B 116 8.74 -13.35 10.02
CA ARG B 116 7.58 -14.14 9.63
C ARG B 116 7.08 -13.76 8.24
N PHE B 117 7.39 -12.53 7.83
CA PHE B 117 6.95 -12.01 6.54
C PHE B 117 8.04 -11.96 5.48
N ALA B 118 7.63 -12.07 4.22
CA ALA B 118 8.57 -12.02 3.09
C ALA B 118 9.10 -10.59 3.00
N PRO B 119 10.32 -10.44 2.43
CA PRO B 119 11.17 -11.50 1.86
C PRO B 119 12.00 -12.28 2.87
N ILE B 120 12.12 -11.72 4.07
CA ILE B 120 12.90 -12.32 5.15
C ILE B 120 12.58 -13.78 5.44
N ASN B 121 11.31 -14.11 5.62
CA ASN B 121 10.94 -15.49 5.90
C ASN B 121 11.34 -16.46 4.79
N SER B 122 11.69 -15.95 3.62
CA SER B 122 12.07 -16.82 2.50
C SER B 122 13.51 -16.66 2.01
N TRP B 123 14.31 -15.97 2.82
CA TRP B 123 15.72 -15.74 2.56
C TRP B 123 16.44 -17.07 2.67
N PRO B 124 17.40 -17.33 1.78
CA PRO B 124 18.14 -18.59 1.83
C PRO B 124 18.74 -18.83 3.23
N ASP B 125 19.22 -17.77 3.87
CA ASP B 125 19.82 -17.88 5.19
C ASP B 125 18.83 -18.26 6.30
N ASN B 126 17.54 -18.25 5.98
CA ASN B 126 16.53 -18.60 6.98
C ASN B 126 15.88 -19.96 6.67
N ALA B 127 16.54 -20.79 5.85
CA ALA B 127 16.01 -22.11 5.50
C ALA B 127 15.65 -22.90 6.76
N ASN B 128 14.47 -23.51 6.74
CA ASN B 128 13.95 -24.31 7.85
C ASN B 128 13.61 -23.53 9.12
N LEU B 129 13.87 -22.23 9.14
CA LEU B 129 13.53 -21.45 10.32
C LEU B 129 12.01 -21.35 10.45
N ASP B 130 11.32 -21.77 9.39
CA ASP B 130 9.86 -21.79 9.33
C ASP B 130 9.32 -22.86 10.26
N LYS B 131 10.03 -23.98 10.32
CA LYS B 131 9.66 -25.07 11.20
C LYS B 131 9.92 -24.59 12.62
N ALA B 132 10.97 -23.80 12.79
CA ALA B 132 11.32 -23.28 14.10
C ALA B 132 10.22 -22.39 14.65
N ARG B 133 9.69 -21.50 13.82
CA ARG B 133 8.63 -20.60 14.27
C ARG B 133 7.35 -21.42 14.47
N ARG B 134 7.21 -22.50 13.71
CA ARG B 134 6.02 -23.34 13.82
C ARG B 134 5.93 -24.02 15.17
N LEU B 135 7.05 -24.52 15.66
CA LEU B 135 7.11 -25.21 16.96
C LEU B 135 6.58 -24.32 18.10
N LEU B 136 6.57 -23.02 17.86
CA LEU B 136 6.12 -22.04 18.85
C LEU B 136 4.68 -21.60 18.69
N LEU B 137 3.97 -22.16 17.71
CA LEU B 137 2.59 -21.78 17.45
C LEU B 137 1.65 -22.08 18.60
N PRO B 138 1.67 -23.31 19.15
CA PRO B 138 0.81 -23.70 20.27
C PRO B 138 0.93 -22.75 21.46
N ILE B 139 2.17 -22.38 21.80
CA ILE B 139 2.41 -21.46 22.90
C ILE B 139 1.85 -20.07 22.60
N LYS B 140 2.19 -19.53 21.45
CA LYS B 140 1.70 -18.22 21.04
C LYS B 140 0.17 -18.19 21.11
N GLN B 141 -0.45 -19.28 20.65
CA GLN B 141 -1.90 -19.38 20.69
C GLN B 141 -2.45 -19.44 22.11
N LYS B 142 -1.79 -20.20 22.96
CA LYS B 142 -2.20 -20.35 24.34
C LYS B 142 -2.23 -19.03 25.12
N TYR B 143 -1.29 -18.14 24.82
CA TYR B 143 -1.21 -16.84 25.50
C TYR B 143 -1.80 -15.67 24.74
N GLY B 144 -2.07 -15.85 23.46
CA GLY B 144 -2.66 -14.77 22.66
C GLY B 144 -1.99 -13.41 22.67
N GLN B 145 -2.75 -12.36 22.94
CA GLN B 145 -2.20 -11.00 22.94
C GLN B 145 -1.29 -10.66 24.10
N LYS B 146 -1.08 -11.62 25.00
CA LYS B 146 -0.21 -11.36 26.14
C LYS B 146 1.26 -11.44 25.74
N ILE B 147 1.56 -12.10 24.64
CA ILE B 147 2.95 -12.15 24.19
C ILE B 147 2.97 -12.08 22.67
N SER B 148 3.75 -11.15 22.14
CA SER B 148 3.85 -11.01 20.70
C SER B 148 4.84 -12.03 20.16
N TRP B 149 4.73 -12.28 18.86
CA TRP B 149 5.63 -13.20 18.16
C TRP B 149 7.04 -12.67 18.32
N ALA B 150 7.19 -11.36 18.20
CA ALA B 150 8.51 -10.73 18.32
C ALA B 150 9.14 -11.07 19.66
N ASP B 151 8.37 -10.91 20.74
CA ASP B 151 8.87 -11.20 22.08
C ASP B 151 9.03 -12.69 22.34
N LEU B 152 8.17 -13.50 21.71
CA LEU B 152 8.21 -14.93 21.90
C LEU B 152 9.44 -15.57 21.28
N MET B 153 9.86 -15.09 20.12
CA MET B 153 11.02 -15.66 19.46
C MET B 153 12.28 -15.38 20.27
N ILE B 154 12.45 -14.15 20.72
CA ILE B 154 13.62 -13.81 21.51
C ILE B 154 13.57 -14.52 22.86
N LEU B 155 12.38 -14.64 23.44
CA LEU B 155 12.25 -15.33 24.72
C LEU B 155 12.53 -16.81 24.58
N ALA B 156 12.33 -17.36 23.38
CA ALA B 156 12.60 -18.78 23.16
C ALA B 156 14.11 -19.01 23.10
N GLY B 157 14.83 -18.08 22.47
CA GLY B 157 16.28 -18.21 22.39
C GLY B 157 16.87 -18.14 23.77
N ASN B 158 16.33 -17.22 24.58
CA ASN B 158 16.78 -17.05 25.95
C ASN B 158 16.58 -18.37 26.68
N VAL B 159 15.32 -18.77 26.81
CA VAL B 159 14.99 -20.02 27.47
C VAL B 159 15.79 -21.19 26.90
N ALA B 160 16.16 -21.11 25.63
CA ALA B 160 16.94 -22.20 25.03
C ALA B 160 18.33 -22.27 25.64
N ILE B 161 18.96 -21.11 25.79
CA ILE B 161 20.31 -21.02 26.35
C ILE B 161 20.30 -21.44 27.83
N GLU B 162 19.40 -20.83 28.59
CA GLU B 162 19.26 -21.13 30.00
C GLU B 162 19.19 -22.64 30.29
N SER B 163 18.30 -23.36 29.62
CA SER B 163 18.17 -24.80 29.86
C SER B 163 19.43 -25.56 29.46
N MET B 164 20.36 -24.87 28.83
CA MET B 164 21.59 -25.54 28.44
C MET B 164 22.78 -25.08 29.29
N GLY B 165 22.47 -24.76 30.55
CA GLY B 165 23.45 -24.36 31.54
C GLY B 165 24.07 -22.98 31.41
N PHE B 166 23.26 -21.99 31.09
CA PHE B 166 23.78 -20.65 30.94
C PHE B 166 22.71 -19.60 31.21
N LYS B 167 22.90 -18.83 32.27
CA LYS B 167 21.94 -17.77 32.60
C LYS B 167 22.10 -16.62 31.63
N THR B 168 21.00 -15.95 31.33
CA THR B 168 21.03 -14.82 30.42
C THR B 168 21.11 -13.53 31.24
N PHE B 169 21.72 -12.50 30.67
CA PHE B 169 21.85 -11.24 31.39
C PHE B 169 20.50 -10.63 31.73
N GLY B 170 19.47 -11.00 30.99
CA GLY B 170 18.15 -10.47 31.25
C GLY B 170 17.22 -10.58 30.05
N TYR B 171 16.03 -10.00 30.19
CA TYR B 171 15.07 -10.05 29.09
C TYR B 171 13.97 -9.03 29.26
N ALA B 172 13.63 -8.35 28.18
CA ALA B 172 12.56 -7.37 28.22
C ALA B 172 11.58 -7.55 27.07
N GLY B 173 10.30 -7.53 27.42
CA GLY B 173 9.24 -7.65 26.44
C GLY B 173 8.83 -6.24 26.04
N GLY B 174 7.94 -6.12 25.05
CA GLY B 174 7.51 -4.80 24.63
C GLY B 174 7.50 -4.66 23.12
N ARG B 175 8.11 -5.63 22.45
CA ARG B 175 8.17 -5.62 20.99
C ARG B 175 6.77 -5.87 20.41
N GLU B 176 6.21 -4.87 19.73
CA GLU B 176 4.89 -5.01 19.13
C GLU B 176 4.97 -5.79 17.83
N ASP B 177 4.00 -6.68 17.65
CA ASP B 177 3.94 -7.51 16.45
C ASP B 177 3.44 -6.70 15.25
N ALA B 178 4.10 -6.85 14.12
CA ALA B 178 3.69 -6.16 12.90
C ALA B 178 2.87 -7.17 12.09
N PHE B 179 2.12 -6.69 11.09
CA PHE B 179 1.31 -7.61 10.28
C PHE B 179 1.69 -7.54 8.81
N GLU B 180 2.94 -7.18 8.53
CA GLU B 180 3.41 -7.07 7.16
C GLU B 180 4.87 -6.67 7.19
N GLU B 181 5.56 -6.76 6.06
CA GLU B 181 6.96 -6.37 6.07
C GLU B 181 7.08 -4.85 6.10
N ASP B 182 8.32 -4.37 6.19
CA ASP B 182 8.61 -2.94 6.22
C ASP B 182 9.05 -2.61 4.80
N LYS B 183 8.12 -2.11 3.98
CA LYS B 183 8.41 -1.78 2.60
C LYS B 183 9.45 -0.68 2.52
N ALA B 184 9.77 -0.09 3.67
CA ALA B 184 10.74 0.99 3.73
C ALA B 184 12.18 0.50 3.72
N VAL B 185 12.38 -0.78 3.98
CA VAL B 185 13.74 -1.31 4.01
C VAL B 185 14.29 -1.60 2.62
N ASN B 186 15.54 -1.22 2.43
CA ASN B 186 16.19 -1.47 1.16
C ASN B 186 17.29 -2.50 1.41
N TRP B 187 17.03 -3.77 1.08
CA TRP B 187 18.00 -4.84 1.32
C TRP B 187 19.21 -4.91 0.38
N GLY B 188 19.16 -4.20 -0.75
CA GLY B 188 20.27 -4.21 -1.69
C GLY B 188 19.86 -4.05 -3.15
N PRO B 189 20.82 -3.77 -4.05
CA PRO B 189 20.58 -3.59 -5.48
C PRO B 189 20.54 -4.88 -6.30
N GLU B 190 21.04 -5.98 -5.74
CA GLU B 190 21.06 -7.25 -6.44
C GLU B 190 19.72 -7.63 -7.02
N ASP B 191 19.76 -8.51 -8.01
CA ASP B 191 18.53 -8.94 -8.68
C ASP B 191 18.28 -10.42 -8.39
N GLU B 192 19.14 -11.01 -7.57
CA GLU B 192 19.00 -12.42 -7.24
C GLU B 192 19.59 -12.73 -5.86
N PHE B 193 19.05 -13.78 -5.23
CA PHE B 193 19.50 -14.21 -3.91
C PHE B 193 20.79 -15.01 -3.99
N GLU B 194 21.63 -14.87 -2.97
CA GLU B 194 22.90 -15.56 -2.88
C GLU B 194 23.87 -15.11 -3.97
N THR B 195 23.90 -13.80 -4.20
CA THR B 195 24.77 -13.17 -5.19
C THR B 195 24.97 -11.74 -4.69
N GLN B 196 26.18 -11.21 -4.83
CA GLN B 196 26.39 -9.85 -4.37
C GLN B 196 26.99 -8.94 -5.42
N GLU B 197 26.51 -7.70 -5.43
CA GLU B 197 26.97 -6.68 -6.36
C GLU B 197 27.14 -5.43 -5.53
N ARG B 198 27.55 -5.63 -4.28
CA ARG B 198 27.73 -4.55 -3.33
C ARG B 198 29.17 -4.32 -2.88
N PHE B 199 30.06 -5.27 -3.14
CA PHE B 199 31.46 -5.10 -2.74
C PHE B 199 32.46 -5.85 -3.61
N ASP B 200 33.57 -5.20 -3.93
CA ASP B 200 34.62 -5.82 -4.74
C ASP B 200 35.56 -6.51 -3.78
N GLU B 201 36.25 -5.71 -2.99
CA GLU B 201 37.20 -6.18 -1.99
C GLU B 201 36.51 -6.35 -0.65
N PRO B 202 36.82 -7.46 0.06
CA PRO B 202 36.22 -7.74 1.37
C PRO B 202 36.49 -6.60 2.35
N GLY B 203 35.47 -5.81 2.65
CA GLY B 203 35.64 -4.70 3.57
C GLY B 203 35.33 -3.37 2.89
N GLU B 204 34.96 -3.45 1.61
CA GLU B 204 34.61 -2.27 0.82
C GLU B 204 33.13 -2.34 0.50
N ILE B 205 32.34 -2.82 1.45
CA ILE B 205 30.90 -2.95 1.25
C ILE B 205 30.24 -1.61 0.99
N GLN B 206 29.11 -1.66 0.29
CA GLN B 206 28.37 -0.44 -0.03
C GLN B 206 27.70 0.11 1.23
N GLU B 207 27.97 1.38 1.52
CA GLU B 207 27.41 2.01 2.70
C GLU B 207 25.89 1.97 2.70
N GLY B 208 25.32 1.75 3.88
CA GLY B 208 23.88 1.69 4.02
C GLY B 208 23.36 0.27 4.18
N LEU B 209 24.18 -0.69 3.74
CA LEU B 209 23.84 -2.12 3.80
C LEU B 209 24.47 -2.80 5.01
N GLY B 210 23.71 -3.72 5.61
CA GLY B 210 24.20 -4.44 6.78
C GLY B 210 24.64 -5.86 6.48
N ALA B 211 24.75 -6.19 5.20
CA ALA B 211 25.18 -7.52 4.80
C ALA B 211 26.06 -7.43 3.56
N SER B 212 26.88 -8.46 3.35
CA SER B 212 27.79 -8.50 2.22
C SER B 212 27.19 -9.23 1.01
N VAL B 213 26.09 -9.96 1.25
CA VAL B 213 25.39 -10.73 0.21
C VAL B 213 23.88 -10.65 0.40
N MET B 214 23.16 -10.36 -0.69
CA MET B 214 21.70 -10.28 -0.67
C MET B 214 21.07 -11.58 -0.23
N GLY B 215 20.27 -11.54 0.82
CA GLY B 215 19.63 -12.75 1.31
C GLY B 215 20.30 -13.34 2.53
N LEU B 216 21.46 -12.81 2.90
CA LEU B 216 22.18 -13.30 4.08
C LEU B 216 22.03 -12.30 5.23
N ILE B 217 22.26 -12.78 6.45
CA ILE B 217 22.17 -11.93 7.63
C ILE B 217 23.38 -11.01 7.69
N TYR B 218 24.57 -11.60 7.54
CA TYR B 218 25.79 -10.80 7.57
C TYR B 218 26.70 -11.09 6.38
N VAL B 219 27.27 -12.30 6.34
CA VAL B 219 28.18 -12.69 5.27
C VAL B 219 28.02 -14.15 4.84
N ASN B 220 28.83 -14.55 3.86
CA ASN B 220 28.81 -15.91 3.32
C ASN B 220 29.67 -16.82 4.20
N PRO B 221 29.06 -17.87 4.79
CA PRO B 221 29.77 -18.82 5.65
C PRO B 221 30.93 -19.58 4.96
N GLU B 222 30.98 -19.51 3.64
CA GLU B 222 32.06 -20.17 2.90
C GLU B 222 33.15 -19.16 2.55
N GLY B 223 32.99 -17.92 3.03
CA GLY B 223 33.97 -16.90 2.75
C GLY B 223 33.56 -16.04 1.58
N PRO B 224 34.17 -14.85 1.41
CA PRO B 224 33.85 -13.95 0.31
C PRO B 224 33.76 -14.66 -1.05
N ASP B 225 32.60 -14.54 -1.70
CA ASP B 225 32.36 -15.14 -3.00
C ASP B 225 32.53 -16.66 -3.02
N GLY B 226 32.18 -17.33 -1.92
CA GLY B 226 32.32 -18.77 -1.86
C GLY B 226 33.76 -19.24 -1.82
N ASN B 227 34.67 -18.32 -1.53
CA ASN B 227 36.10 -18.61 -1.47
C ASN B 227 36.57 -18.75 -0.03
N PRO B 228 37.03 -19.95 0.36
CA PRO B 228 37.51 -20.19 1.73
C PRO B 228 38.77 -19.39 2.08
N ASP B 229 38.64 -18.07 2.13
CA ASP B 229 39.75 -17.19 2.46
C ASP B 229 39.50 -16.60 3.85
N PRO B 230 39.84 -17.36 4.91
CA PRO B 230 39.66 -16.92 6.30
C PRO B 230 40.02 -15.45 6.55
N GLU B 231 41.01 -14.95 5.82
CA GLU B 231 41.43 -13.57 5.98
C GLU B 231 40.40 -12.62 5.39
N ALA B 232 40.08 -12.81 4.11
CA ALA B 232 39.10 -11.95 3.47
C ALA B 232 37.74 -12.01 4.17
N SER B 233 37.39 -13.19 4.67
CA SER B 233 36.11 -13.39 5.37
C SER B 233 36.04 -12.51 6.62
N ALA B 234 37.16 -12.40 7.33
CA ALA B 234 37.24 -11.60 8.54
C ALA B 234 37.05 -10.12 8.19
N LYS B 235 37.48 -9.73 6.99
CA LYS B 235 37.36 -8.34 6.56
C LYS B 235 35.89 -7.94 6.46
N ASN B 236 35.05 -8.88 6.02
CA ASN B 236 33.62 -8.60 5.90
C ASN B 236 32.90 -8.89 7.20
N ILE B 237 33.38 -9.89 7.93
CA ILE B 237 32.77 -10.23 9.19
C ILE B 237 32.83 -9.01 10.13
N ARG B 238 33.89 -8.22 9.98
CA ARG B 238 34.07 -7.04 10.81
C ARG B 238 33.22 -5.86 10.35
N GLN B 239 33.09 -5.65 9.04
CA GLN B 239 32.29 -4.53 8.56
C GLN B 239 30.81 -4.72 8.82
N THR B 240 30.36 -5.97 8.73
CA THR B 240 28.96 -6.31 8.96
C THR B 240 28.57 -6.08 10.42
N PHE B 241 29.22 -6.78 11.33
CA PHE B 241 28.96 -6.62 12.76
C PHE B 241 29.18 -5.17 13.16
N ASP B 242 30.12 -4.53 12.48
CA ASP B 242 30.41 -3.13 12.77
C ASP B 242 29.16 -2.32 12.45
N ARG B 243 28.66 -2.48 11.22
CA ARG B 243 27.47 -1.77 10.78
C ARG B 243 26.22 -2.21 11.53
N MET B 244 26.41 -3.12 12.48
CA MET B 244 25.32 -3.62 13.29
C MET B 244 25.56 -3.26 14.76
N ALA B 245 26.39 -2.25 14.99
CA ALA B 245 26.72 -1.75 16.34
C ALA B 245 27.48 -2.71 17.25
N MET B 246 28.34 -3.54 16.66
CA MET B 246 29.12 -4.50 17.44
C MET B 246 30.62 -4.36 17.12
N ASN B 247 31.45 -4.40 18.16
CA ASN B 247 32.90 -4.29 17.98
C ASN B 247 33.53 -5.69 17.97
N ASP B 248 34.85 -5.76 17.97
CA ASP B 248 35.55 -7.05 17.93
C ASP B 248 35.13 -8.02 19.03
N LYS B 249 35.27 -7.58 20.28
CA LYS B 249 34.95 -8.40 21.44
C LYS B 249 33.53 -8.95 21.35
N GLU B 250 32.60 -8.06 21.07
CA GLU B 250 31.21 -8.46 20.94
C GLU B 250 31.04 -9.43 19.76
N THR B 251 31.70 -9.13 18.64
CA THR B 251 31.62 -9.98 17.45
C THR B 251 32.15 -11.39 17.75
N ALA B 252 33.25 -11.45 18.46
CA ALA B 252 33.87 -12.72 18.81
C ALA B 252 33.01 -13.50 19.80
N ALA B 253 32.58 -12.85 20.87
CA ALA B 253 31.76 -13.49 21.89
C ALA B 253 30.48 -14.07 21.31
N LEU B 254 29.74 -13.26 20.57
CA LEU B 254 28.50 -13.69 19.97
C LEU B 254 28.71 -14.94 19.13
N ILE B 255 29.52 -14.83 18.08
CA ILE B 255 29.78 -15.96 17.20
C ILE B 255 30.24 -17.20 17.94
N ALA B 256 31.18 -17.02 18.86
CA ALA B 256 31.72 -18.15 19.60
C ALA B 256 30.71 -18.75 20.57
N GLY B 257 30.03 -17.90 21.33
CA GLY B 257 29.05 -18.39 22.28
C GLY B 257 27.89 -19.04 21.56
N GLY B 258 27.53 -18.46 20.42
CA GLY B 258 26.45 -19.00 19.63
C GLY B 258 26.80 -20.36 19.08
N HIS B 259 27.99 -20.49 18.51
CA HIS B 259 28.39 -21.78 17.95
C HIS B 259 28.75 -22.85 18.95
N THR B 260 28.63 -22.50 20.23
CA THR B 260 28.91 -23.46 21.25
C THR B 260 27.72 -24.43 21.25
N PHE B 261 26.67 -24.09 20.50
CA PHE B 261 25.49 -24.94 20.42
C PHE B 261 25.17 -25.38 18.97
N GLY B 262 24.34 -26.40 18.86
CA GLY B 262 23.91 -26.89 17.55
C GLY B 262 24.93 -27.29 16.51
N LYS B 263 24.45 -27.54 15.30
CA LYS B 263 25.28 -27.97 14.18
C LYS B 263 24.85 -27.30 12.88
N VAL B 264 25.56 -27.62 11.79
CA VAL B 264 25.21 -27.09 10.47
C VAL B 264 24.63 -28.29 9.70
N HIS B 265 23.50 -28.11 9.02
CA HIS B 265 22.89 -29.22 8.28
C HIS B 265 23.05 -29.13 6.78
N GLY B 266 23.27 -30.28 6.16
CA GLY B 266 23.45 -30.36 4.73
C GLY B 266 23.86 -31.74 4.30
N ALA B 267 23.03 -32.74 4.60
CA ALA B 267 23.32 -34.12 4.24
C ALA B 267 23.56 -34.24 2.73
N ASP B 268 22.96 -33.34 1.97
CA ASP B 268 23.10 -33.33 0.52
C ASP B 268 23.06 -31.89 0.01
N ASP B 269 23.08 -31.72 -1.32
CA ASP B 269 23.03 -30.38 -1.91
C ASP B 269 21.59 -29.87 -1.89
N PRO B 270 21.34 -28.78 -1.13
CA PRO B 270 20.00 -28.17 -1.02
C PRO B 270 19.54 -27.59 -2.35
N GLU B 271 20.51 -27.32 -3.21
CA GLU B 271 20.30 -26.75 -4.53
C GLU B 271 19.49 -27.73 -5.40
N GLU B 272 19.41 -28.98 -4.97
CA GLU B 272 18.70 -29.99 -5.73
C GLU B 272 17.88 -30.95 -4.89
N ASN B 273 17.90 -30.76 -3.58
CA ASN B 273 17.14 -31.63 -2.70
C ASN B 273 16.19 -30.86 -1.81
N LEU B 274 16.07 -29.56 -2.07
CA LEU B 274 15.20 -28.71 -1.28
C LEU B 274 14.15 -28.03 -2.15
N GLY B 275 12.88 -28.13 -1.73
CA GLY B 275 11.79 -27.54 -2.50
C GLY B 275 11.75 -26.02 -2.47
N PRO B 276 10.69 -25.40 -3.03
CA PRO B 276 10.55 -23.95 -3.04
C PRO B 276 10.59 -23.35 -1.64
N GLU B 277 11.07 -22.10 -1.56
CA GLU B 277 11.14 -21.39 -0.28
C GLU B 277 9.70 -21.05 0.09
N PRO B 278 9.42 -20.77 1.38
CA PRO B 278 8.07 -20.44 1.84
C PRO B 278 7.17 -19.68 0.85
N GLU B 279 7.62 -18.51 0.39
CA GLU B 279 6.79 -17.72 -0.53
C GLU B 279 6.43 -18.37 -1.88
N ALA B 280 7.24 -19.32 -2.35
CA ALA B 280 6.96 -19.97 -3.64
C ALA B 280 6.54 -21.43 -3.47
N ALA B 281 6.21 -21.83 -2.26
CA ALA B 281 5.82 -23.21 -2.01
C ALA B 281 4.33 -23.45 -2.21
N PRO B 282 3.95 -24.70 -2.49
CA PRO B 282 2.54 -25.06 -2.70
C PRO B 282 1.64 -24.63 -1.55
N ILE B 283 0.37 -24.39 -1.86
CA ILE B 283 -0.56 -23.95 -0.83
C ILE B 283 -0.79 -25.03 0.21
N GLU B 284 -0.65 -26.30 -0.18
CA GLU B 284 -0.85 -27.38 0.77
C GLU B 284 0.23 -27.39 1.86
N GLN B 285 1.38 -26.77 1.59
CA GLN B 285 2.45 -26.73 2.59
C GLN B 285 2.23 -25.70 3.69
N GLN B 286 1.02 -25.16 3.75
CA GLN B 286 0.62 -24.19 4.75
C GLN B 286 1.68 -23.22 5.31
N GLY B 287 2.36 -22.51 4.42
CA GLY B 287 3.35 -21.54 4.88
C GLY B 287 4.75 -22.04 5.16
N LEU B 288 4.97 -23.32 4.95
CA LEU B 288 6.28 -23.92 5.17
C LEU B 288 7.00 -24.01 3.84
N GLY B 289 8.33 -24.20 3.89
CA GLY B 289 9.10 -24.29 2.67
C GLY B 289 10.31 -25.21 2.75
N TRP B 290 11.12 -25.20 1.69
CA TRP B 290 12.30 -26.05 1.63
C TRP B 290 11.93 -27.50 1.95
N GLN B 291 10.88 -27.98 1.29
CA GLN B 291 10.39 -29.35 1.43
C GLN B 291 11.47 -30.32 1.00
N ASN B 292 11.94 -31.19 1.90
CA ASN B 292 12.97 -32.16 1.53
C ASN B 292 12.42 -33.12 0.48
N LYS B 293 13.13 -33.25 -0.64
CA LYS B 293 12.71 -34.13 -1.73
C LYS B 293 12.68 -35.60 -1.32
N ASN B 294 13.59 -35.98 -0.43
CA ASN B 294 13.70 -37.35 0.06
C ASN B 294 13.39 -37.52 1.56
N GLY B 295 12.21 -37.06 1.98
CA GLY B 295 11.80 -37.15 3.37
C GLY B 295 12.19 -35.95 4.22
N ASN B 296 11.19 -35.16 4.63
CA ASN B 296 11.39 -33.96 5.45
C ASN B 296 11.28 -34.35 6.94
N SER B 297 10.70 -35.51 7.19
CA SER B 297 10.55 -36.04 8.56
C SER B 297 11.68 -37.02 8.84
N LYS B 298 12.54 -37.24 7.84
CA LYS B 298 13.67 -38.14 7.95
C LYS B 298 14.50 -37.86 9.21
N GLY B 299 15.00 -36.64 9.32
CA GLY B 299 15.81 -36.27 10.48
C GLY B 299 17.27 -36.57 10.20
N GLY B 300 17.58 -37.83 10.00
CA GLY B 300 18.95 -38.23 9.71
C GLY B 300 19.38 -37.53 8.43
N GLU B 301 18.42 -37.40 7.50
CA GLU B 301 18.63 -36.72 6.24
C GLU B 301 18.02 -35.34 6.41
N MET B 302 18.86 -34.37 6.78
CA MET B 302 18.39 -33.00 6.99
C MET B 302 19.32 -32.04 6.25
N ILE B 303 18.72 -31.15 5.46
CA ILE B 303 19.49 -30.19 4.68
C ILE B 303 18.98 -28.77 4.89
N THR B 304 19.89 -27.85 5.20
CA THR B 304 19.51 -26.45 5.41
C THR B 304 20.35 -25.52 4.55
N THR B 305 21.61 -25.35 4.95
CA THR B 305 22.52 -24.48 4.22
C THR B 305 23.44 -25.29 3.30
N GLY B 306 23.53 -26.60 3.56
CA GLY B 306 24.38 -27.44 2.74
C GLY B 306 25.58 -27.96 3.50
N ILE B 307 26.08 -27.16 4.43
CA ILE B 307 27.23 -27.53 5.24
C ILE B 307 26.76 -28.53 6.31
N GLU B 308 27.52 -29.62 6.52
CA GLU B 308 27.17 -30.64 7.50
C GLU B 308 28.19 -30.81 8.62
N GLY B 309 27.69 -30.85 9.86
CA GLY B 309 28.56 -31.04 11.01
C GLY B 309 28.45 -30.07 12.17
N PRO B 310 28.69 -30.55 13.41
CA PRO B 310 28.62 -29.73 14.62
C PRO B 310 29.96 -29.04 14.88
N TRP B 311 29.97 -28.12 15.84
CA TRP B 311 31.17 -27.38 16.22
C TRP B 311 31.81 -28.00 17.47
N THR B 312 30.96 -28.44 18.38
CA THR B 312 31.41 -29.03 19.64
C THR B 312 30.97 -30.47 19.78
N GLN B 313 31.54 -31.16 20.77
CA GLN B 313 31.20 -32.56 21.01
C GLN B 313 29.95 -32.71 21.89
N SER B 314 29.45 -31.57 22.38
CA SER B 314 28.26 -31.52 23.24
C SER B 314 27.38 -30.33 22.82
N PRO B 315 26.78 -30.39 21.62
CA PRO B 315 25.91 -29.36 21.05
C PRO B 315 24.79 -28.82 21.94
N THR B 316 24.39 -29.60 22.94
CA THR B 316 23.31 -29.15 23.82
C THR B 316 23.81 -28.79 25.22
N GLU B 317 25.08 -28.40 25.32
CA GLU B 317 25.69 -28.03 26.59
C GLU B 317 26.62 -26.83 26.46
N TRP B 318 26.35 -25.80 27.22
CA TRP B 318 27.20 -24.63 27.18
C TRP B 318 28.56 -24.97 27.76
N ASP B 319 29.62 -24.47 27.12
CA ASP B 319 30.96 -24.75 27.57
C ASP B 319 32.00 -24.12 26.65
N MET B 320 33.26 -24.52 26.81
CA MET B 320 34.36 -23.99 26.01
C MET B 320 34.62 -24.86 24.78
N GLY B 321 33.70 -25.78 24.50
CA GLY B 321 33.84 -26.68 23.38
C GLY B 321 34.18 -26.04 22.05
N TYR B 322 33.55 -24.90 21.76
CA TYR B 322 33.80 -24.20 20.50
C TYR B 322 35.22 -23.65 20.43
N ILE B 323 35.55 -22.77 21.35
CA ILE B 323 36.87 -22.15 21.39
C ILE B 323 37.98 -23.17 21.58
N ASN B 324 37.66 -24.27 22.24
CA ASN B 324 38.66 -25.33 22.46
C ASN B 324 39.02 -26.00 21.14
N ASN B 325 38.00 -26.43 20.41
CA ASN B 325 38.19 -27.11 19.13
C ASN B 325 38.86 -26.24 18.07
N LEU B 326 38.42 -24.99 17.99
CA LEU B 326 38.96 -24.04 17.02
C LEU B 326 40.42 -23.66 17.24
N LEU B 327 40.79 -23.48 18.51
CA LEU B 327 42.14 -23.08 18.87
C LEU B 327 43.13 -24.21 19.15
N ASP B 328 42.66 -25.29 19.77
CA ASP B 328 43.53 -26.40 20.11
C ASP B 328 43.97 -27.23 18.92
N TYR B 329 43.17 -27.27 17.86
CA TYR B 329 43.56 -28.07 16.70
C TYR B 329 43.61 -27.21 15.44
N GLU B 330 44.02 -27.83 14.34
CA GLU B 330 44.10 -27.14 13.07
C GLU B 330 43.13 -27.78 12.07
N TRP B 331 42.54 -26.94 11.22
CA TRP B 331 41.58 -27.44 10.23
C TRP B 331 42.05 -27.15 8.81
N GLU B 332 41.49 -27.89 7.85
CA GLU B 332 41.85 -27.73 6.45
C GLU B 332 40.62 -27.74 5.56
N PRO B 333 40.63 -26.96 4.46
CA PRO B 333 39.54 -26.85 3.49
C PRO B 333 39.12 -28.17 2.84
N GLU B 334 37.82 -28.36 2.66
CA GLU B 334 37.29 -29.57 2.02
C GLU B 334 35.80 -29.44 1.74
N LYS B 335 35.40 -29.74 0.51
CA LYS B 335 34.00 -29.68 0.11
C LYS B 335 33.23 -30.76 0.87
N GLY B 336 32.27 -30.34 1.69
CA GLY B 336 31.48 -31.28 2.48
C GLY B 336 30.52 -32.15 1.69
N PRO B 337 29.60 -32.84 2.39
CA PRO B 337 28.61 -33.71 1.75
C PRO B 337 27.44 -32.93 1.13
N GLY B 338 27.66 -31.64 0.89
CA GLY B 338 26.64 -30.79 0.31
C GLY B 338 27.20 -29.86 -0.75
N GLY B 339 28.47 -30.06 -1.11
CA GLY B 339 29.10 -29.23 -2.12
C GLY B 339 29.57 -27.87 -1.62
N ALA B 340 29.42 -27.65 -0.32
CA ALA B 340 29.80 -26.38 0.29
C ALA B 340 31.18 -26.49 0.96
N TRP B 341 31.85 -25.35 1.14
CA TRP B 341 33.15 -25.30 1.77
C TRP B 341 33.03 -25.41 3.29
N GLN B 342 33.85 -26.27 3.88
CA GLN B 342 33.85 -26.46 5.32
C GLN B 342 35.17 -27.11 5.72
N TRP B 343 35.42 -27.22 7.02
CA TRP B 343 36.69 -27.79 7.48
C TRP B 343 36.50 -28.98 8.43
N ALA B 344 37.58 -29.70 8.67
CA ALA B 344 37.57 -30.85 9.55
C ALA B 344 38.94 -31.00 10.22
N PRO B 345 38.99 -31.74 11.34
CA PRO B 345 40.24 -31.96 12.08
C PRO B 345 41.33 -32.64 11.24
N LYS B 346 42.52 -32.06 11.25
CA LYS B 346 43.65 -32.61 10.51
C LYS B 346 44.11 -33.88 11.21
N SER B 347 43.96 -33.87 12.52
CA SER B 347 44.32 -35.00 13.39
C SER B 347 43.05 -35.79 13.63
N GLU B 348 43.18 -37.11 13.70
CA GLU B 348 42.02 -37.96 13.93
C GLU B 348 41.73 -38.22 15.41
N GLU B 349 41.90 -37.20 16.24
CA GLU B 349 41.63 -37.32 17.67
C GLU B 349 40.15 -37.02 17.90
N LEU B 350 39.69 -35.95 17.26
CA LEU B 350 38.31 -35.49 17.35
C LEU B 350 37.32 -36.29 16.50
N LYS B 351 37.81 -37.28 15.76
CA LYS B 351 36.95 -38.08 14.91
C LYS B 351 35.84 -38.81 15.68
N ASN B 352 34.60 -38.56 15.29
CA ASN B 352 33.46 -39.19 15.94
C ASN B 352 33.33 -38.80 17.41
N SER B 353 33.88 -37.64 17.75
CA SER B 353 33.84 -37.14 19.12
C SER B 353 32.47 -36.61 19.48
N VAL B 354 31.61 -36.50 18.47
CA VAL B 354 30.24 -35.99 18.65
C VAL B 354 29.22 -37.07 18.34
N PRO B 355 28.19 -37.21 19.19
CA PRO B 355 27.17 -38.23 18.93
C PRO B 355 26.30 -37.78 17.76
N ASP B 356 25.73 -38.72 17.02
CA ASP B 356 24.90 -38.37 15.88
C ASP B 356 23.60 -37.72 16.37
N ALA B 357 23.22 -36.63 15.72
CA ALA B 357 22.02 -35.88 16.06
C ALA B 357 20.74 -36.70 16.10
N HIS B 358 20.62 -37.72 15.25
CA HIS B 358 19.39 -38.51 15.24
C HIS B 358 19.56 -40.02 15.30
N ASP B 359 20.72 -40.52 14.88
CA ASP B 359 20.98 -41.96 14.88
C ASP B 359 21.71 -42.38 16.15
N PRO B 360 20.98 -43.00 17.10
CA PRO B 360 21.59 -43.43 18.37
C PRO B 360 22.83 -44.31 18.20
N ASP B 361 22.94 -44.97 17.05
CA ASP B 361 24.07 -45.85 16.78
C ASP B 361 25.10 -45.23 15.83
N GLU B 362 25.44 -43.97 16.05
CA GLU B 362 26.39 -43.31 15.18
C GLU B 362 27.07 -42.13 15.85
N LYS B 363 28.29 -41.83 15.40
CA LYS B 363 29.05 -40.71 15.92
C LYS B 363 29.37 -39.80 14.73
N GLN B 364 29.86 -38.59 15.00
CA GLN B 364 30.18 -37.63 13.95
C GLN B 364 31.34 -36.72 14.33
N THR B 365 32.13 -36.35 13.34
CA THR B 365 33.30 -35.50 13.52
C THR B 365 32.95 -34.01 13.43
N PRO B 366 33.56 -33.17 14.29
CA PRO B 366 33.32 -31.72 14.28
C PRO B 366 33.80 -31.03 13.01
N MET B 367 33.32 -29.80 12.80
CA MET B 367 33.70 -29.02 11.64
C MET B 367 33.67 -27.53 11.97
N MET B 368 34.38 -26.73 11.20
CA MET B 368 34.42 -25.28 11.40
C MET B 368 34.13 -24.59 10.08
N LEU B 369 33.52 -23.42 10.13
CA LEU B 369 33.22 -22.67 8.92
C LEU B 369 34.37 -21.67 8.70
N THR B 370 34.45 -21.15 7.48
CA THR B 370 35.49 -20.17 7.16
C THR B 370 35.29 -19.01 8.13
N THR B 371 34.04 -18.77 8.52
CA THR B 371 33.72 -17.70 9.43
C THR B 371 34.22 -18.01 10.85
N ASP B 372 34.47 -19.28 11.13
CA ASP B 372 34.97 -19.67 12.44
C ASP B 372 36.49 -19.73 12.43
N ILE B 373 37.07 -19.78 11.23
CA ILE B 373 38.52 -19.81 11.05
C ILE B 373 39.01 -18.38 10.85
N ALA B 374 38.08 -17.49 10.50
CA ALA B 374 38.41 -16.09 10.29
C ALA B 374 38.75 -15.47 11.64
N LEU B 375 38.24 -16.09 12.71
CA LEU B 375 38.46 -15.58 14.05
C LEU B 375 39.83 -16.02 14.59
N LYS B 376 40.37 -17.07 14.01
CA LYS B 376 41.66 -17.60 14.42
C LYS B 376 42.80 -16.90 13.71
N ARG B 377 42.62 -16.68 12.41
CA ARG B 377 43.63 -16.03 11.59
C ARG B 377 43.76 -14.53 11.85
N ASP B 378 42.66 -13.79 11.69
CA ASP B 378 42.69 -12.35 11.91
C ASP B 378 43.33 -12.07 13.27
N PRO B 379 44.33 -11.20 13.29
CA PRO B 379 45.04 -10.83 14.52
C PRO B 379 44.13 -10.49 15.69
N ASP B 380 43.55 -9.29 15.64
CA ASP B 380 42.68 -8.82 16.71
C ASP B 380 41.62 -9.80 17.21
N TYR B 381 41.26 -10.78 16.39
CA TYR B 381 40.28 -11.78 16.78
C TYR B 381 40.91 -12.85 17.65
N ARG B 382 42.03 -13.40 17.21
CA ARG B 382 42.73 -14.42 17.97
C ARG B 382 42.98 -13.93 19.40
N GLU B 383 43.51 -12.72 19.51
CA GLU B 383 43.80 -12.11 20.80
C GLU B 383 42.61 -12.27 21.74
N VAL B 384 41.42 -12.01 21.19
CA VAL B 384 40.19 -12.11 21.97
C VAL B 384 39.87 -13.56 22.32
N MET B 385 39.88 -14.42 21.29
CA MET B 385 39.58 -15.84 21.45
C MET B 385 40.47 -16.53 22.48
N GLU B 386 41.74 -16.12 22.55
CA GLU B 386 42.68 -16.72 23.50
C GLU B 386 42.45 -16.15 24.91
N THR B 387 42.06 -14.88 25.00
CA THR B 387 41.80 -14.28 26.29
C THR B 387 40.58 -15.00 26.89
N PHE B 388 39.61 -15.33 26.02
CA PHE B 388 38.39 -16.03 26.42
C PHE B 388 38.72 -17.42 26.96
N GLN B 389 39.50 -18.17 26.18
CA GLN B 389 39.89 -19.52 26.57
C GLN B 389 40.58 -19.52 27.94
N GLU B 390 41.31 -18.44 28.23
CA GLU B 390 41.99 -18.32 29.50
C GLU B 390 40.97 -18.09 30.60
N ASN B 391 40.13 -17.07 30.42
CA ASN B 391 39.12 -16.74 31.40
C ASN B 391 37.72 -17.10 30.92
N PRO B 392 37.27 -18.33 31.22
CA PRO B 392 35.94 -18.76 30.79
C PRO B 392 34.88 -17.75 31.24
N MET B 393 35.16 -17.01 32.32
CA MET B 393 34.21 -16.03 32.83
C MET B 393 34.06 -14.82 31.92
N GLU B 394 35.19 -14.34 31.39
CA GLU B 394 35.17 -13.19 30.51
C GLU B 394 34.40 -13.52 29.24
N PHE B 395 34.46 -14.79 28.85
CA PHE B 395 33.73 -15.22 27.67
C PHE B 395 32.26 -15.12 28.01
N GLY B 396 31.91 -15.57 29.21
CA GLY B 396 30.53 -15.51 29.67
C GLY B 396 30.00 -14.10 29.78
N MET B 397 30.65 -13.25 30.57
CA MET B 397 30.21 -11.87 30.76
C MET B 397 29.99 -11.10 29.44
N ASN B 398 30.86 -11.35 28.46
CA ASN B 398 30.76 -10.68 27.17
C ASN B 398 29.63 -11.21 26.32
N PHE B 399 29.48 -12.53 26.31
CA PHE B 399 28.43 -13.17 25.51
C PHE B 399 27.05 -12.87 26.05
N ALA B 400 26.90 -12.97 27.37
CA ALA B 400 25.63 -12.72 28.00
C ALA B 400 25.21 -11.29 27.69
N LYS B 401 26.13 -10.35 27.91
CA LYS B 401 25.83 -8.95 27.67
C LYS B 401 25.64 -8.63 26.19
N ALA B 402 26.35 -9.34 25.33
CA ALA B 402 26.24 -9.12 23.89
C ALA B 402 24.89 -9.63 23.41
N TRP B 403 24.52 -10.82 23.88
CA TRP B 403 23.26 -11.43 23.51
C TRP B 403 22.09 -10.56 23.98
N TYR B 404 22.30 -9.81 25.04
CA TYR B 404 21.24 -8.94 25.54
C TYR B 404 21.18 -7.67 24.72
N LYS B 405 22.34 -7.22 24.23
CA LYS B 405 22.39 -6.01 23.44
C LYS B 405 21.87 -6.29 22.03
N LEU B 406 22.20 -7.47 21.54
CA LEU B 406 21.81 -7.90 20.21
C LEU B 406 20.29 -8.04 20.03
N THR B 407 19.61 -8.55 21.05
CA THR B 407 18.17 -8.76 20.97
C THR B 407 17.31 -7.65 21.57
N HIS B 408 17.91 -6.52 21.93
CA HIS B 408 17.17 -5.41 22.53
C HIS B 408 17.57 -4.03 22.05
N ARG B 409 18.61 -3.94 21.23
CA ARG B 409 19.08 -2.63 20.79
C ARG B 409 18.14 -1.85 19.89
N ASP B 410 17.15 -2.51 19.30
CA ASP B 410 16.19 -1.81 18.44
C ASP B 410 14.84 -1.59 19.10
N MET B 411 14.83 -1.71 20.44
CA MET B 411 13.59 -1.54 21.23
C MET B 411 13.44 -0.16 21.85
N GLY B 412 14.55 0.58 21.84
CA GLY B 412 14.54 1.92 22.38
C GLY B 412 15.09 2.13 23.78
N PRO B 413 14.76 3.29 24.37
CA PRO B 413 15.21 3.65 25.72
C PRO B 413 14.52 2.82 26.80
N PRO B 414 15.07 2.83 28.03
CA PRO B 414 14.54 2.08 29.18
C PRO B 414 13.01 2.10 29.30
N GLU B 415 12.45 3.27 29.02
CA GLU B 415 11.01 3.51 29.07
C GLU B 415 10.22 2.35 28.46
N ARG B 416 10.79 1.76 27.41
CA ARG B 416 10.16 0.68 26.64
C ARG B 416 10.46 -0.77 27.00
N PHE B 417 11.32 -0.98 27.99
CA PHE B 417 11.68 -2.32 28.46
C PHE B 417 10.77 -2.75 29.59
N LEU B 418 9.94 -3.75 29.31
CA LEU B 418 8.96 -4.27 30.25
C LEU B 418 9.28 -5.64 30.79
N GLY B 419 8.51 -6.04 31.78
CA GLY B 419 8.69 -7.37 32.35
C GLY B 419 9.54 -7.43 33.60
N PRO B 420 9.48 -8.57 34.31
CA PRO B 420 10.20 -8.91 35.55
C PRO B 420 11.64 -9.39 35.40
N GLU B 421 12.20 -9.35 34.20
CA GLU B 421 13.57 -9.81 34.04
C GLU B 421 14.48 -8.74 33.43
N VAL B 422 14.04 -7.50 33.46
CA VAL B 422 14.83 -6.41 32.92
C VAL B 422 15.91 -6.01 33.91
N PRO B 423 17.19 -6.07 33.50
CA PRO B 423 18.31 -5.72 34.36
C PRO B 423 18.11 -4.30 34.91
N ASP B 424 18.66 -4.05 36.10
CA ASP B 424 18.53 -2.74 36.74
C ASP B 424 19.54 -1.79 36.10
N GLU B 425 20.68 -2.33 35.73
CA GLU B 425 21.72 -1.54 35.11
C GLU B 425 21.27 -1.15 33.71
N GLU B 426 21.11 0.16 33.50
CA GLU B 426 20.71 0.69 32.20
C GLU B 426 21.95 0.85 31.34
N MET B 427 21.91 0.25 30.17
CA MET B 427 23.01 0.27 29.22
C MET B 427 23.13 1.57 28.43
N ILE B 428 24.31 1.83 27.91
CA ILE B 428 24.59 3.04 27.15
C ILE B 428 23.85 3.06 25.81
N TRP B 429 23.74 1.90 25.16
CA TRP B 429 23.05 1.82 23.87
C TRP B 429 21.55 2.09 23.94
N GLN B 430 21.03 2.19 25.15
CA GLN B 430 19.61 2.48 25.36
C GLN B 430 19.41 4.00 25.36
N ASP B 431 20.52 4.74 25.29
CA ASP B 431 20.49 6.20 25.31
C ASP B 431 19.63 6.69 26.47
N PRO B 432 20.01 6.33 27.71
CA PRO B 432 19.31 6.70 28.95
C PRO B 432 19.09 8.20 29.15
N LEU B 433 18.05 8.52 29.88
CA LEU B 433 17.69 9.90 30.18
C LEU B 433 17.56 10.01 31.70
N PRO B 434 18.16 11.04 32.29
CA PRO B 434 18.09 11.25 33.74
C PRO B 434 16.69 11.65 34.19
N ASP B 435 16.43 11.55 35.48
CA ASP B 435 15.11 11.92 36.00
C ASP B 435 15.12 13.39 36.39
N ALA B 436 14.02 14.07 36.13
CA ALA B 436 13.97 15.47 36.49
C ALA B 436 13.91 15.55 38.01
N ASP B 437 14.95 16.11 38.61
CA ASP B 437 15.00 16.25 40.07
C ASP B 437 14.41 17.61 40.46
N TYR B 438 13.17 17.85 40.09
CA TYR B 438 12.49 19.11 40.41
C TYR B 438 11.02 18.98 40.02
N ASP B 439 10.27 20.07 40.18
CA ASP B 439 8.86 20.06 39.83
C ASP B 439 8.61 20.62 38.45
N LEU B 440 7.69 20.01 37.72
CA LEU B 440 7.39 20.48 36.37
C LEU B 440 6.77 21.86 36.39
N ILE B 441 6.68 22.46 35.22
CA ILE B 441 6.09 23.79 35.06
C ILE B 441 4.60 23.69 34.72
N GLY B 442 3.81 24.60 35.27
CA GLY B 442 2.39 24.58 35.00
C GLY B 442 2.04 25.44 33.80
N ASP B 443 0.75 25.51 33.47
CA ASP B 443 0.30 26.29 32.33
C ASP B 443 0.68 27.75 32.56
N GLU B 444 0.79 28.11 33.83
CA GLU B 444 1.15 29.47 34.22
C GLU B 444 2.56 29.79 33.72
N GLU B 445 3.51 28.98 34.17
CA GLU B 445 4.90 29.15 33.79
C GLU B 445 5.12 28.89 32.30
N ILE B 446 4.41 27.90 31.77
CA ILE B 446 4.53 27.56 30.36
C ILE B 446 4.19 28.78 29.51
N ALA B 447 3.20 29.54 29.97
CA ALA B 447 2.78 30.73 29.26
C ALA B 447 3.86 31.80 29.32
N GLU B 448 4.37 32.04 30.52
CA GLU B 448 5.43 33.03 30.70
C GLU B 448 6.62 32.69 29.81
N LEU B 449 7.15 31.48 29.97
CA LEU B 449 8.30 31.02 29.20
C LEU B 449 8.16 31.27 27.70
N LYS B 450 6.95 31.11 27.19
CA LYS B 450 6.71 31.33 25.77
C LYS B 450 6.79 32.80 25.43
N GLU B 451 6.13 33.61 26.24
CA GLU B 451 6.14 35.05 26.02
C GLU B 451 7.57 35.58 26.16
N GLU B 452 8.36 34.92 26.99
CA GLU B 452 9.74 35.34 27.21
C GLU B 452 10.65 34.97 26.04
N ILE B 453 10.43 33.80 25.45
CA ILE B 453 11.25 33.39 24.32
C ILE B 453 10.89 34.24 23.10
N LEU B 454 9.66 34.75 23.05
CA LEU B 454 9.26 35.60 21.93
C LEU B 454 9.67 37.05 22.15
N ASP B 455 10.28 37.33 23.29
CA ASP B 455 10.75 38.67 23.62
C ASP B 455 12.23 38.78 23.33
N SER B 456 12.89 37.64 23.22
CA SER B 456 14.31 37.64 22.93
C SER B 456 14.50 38.23 21.55
N ASP B 457 15.74 38.21 21.06
CA ASP B 457 16.07 38.73 19.74
C ASP B 457 16.12 37.58 18.73
N LEU B 458 15.66 36.41 19.15
CA LEU B 458 15.63 35.22 18.30
C LEU B 458 14.39 35.33 17.44
N SER B 459 14.54 35.05 16.14
CA SER B 459 13.43 35.11 15.21
C SER B 459 12.67 33.80 15.10
N VAL B 460 11.46 33.89 14.53
CA VAL B 460 10.62 32.72 14.29
C VAL B 460 11.50 31.68 13.58
N SER B 461 12.15 32.09 12.50
CA SER B 461 13.04 31.20 11.75
C SER B 461 13.92 30.41 12.68
N GLN B 462 14.73 31.13 13.45
CA GLN B 462 15.65 30.50 14.37
C GLN B 462 14.96 29.53 15.32
N LEU B 463 13.92 30.00 16.01
CA LEU B 463 13.19 29.14 16.95
C LEU B 463 12.68 27.89 16.26
N VAL B 464 11.98 28.09 15.15
CA VAL B 464 11.46 26.96 14.40
C VAL B 464 12.63 26.03 14.03
N LYS B 465 13.69 26.56 13.41
CA LYS B 465 14.84 25.74 13.00
C LYS B 465 15.48 24.88 14.09
N THR B 466 15.66 25.48 15.26
CA THR B 466 16.29 24.76 16.37
C THR B 466 15.38 23.64 16.83
N ALA B 467 14.12 23.95 17.10
CA ALA B 467 13.20 22.90 17.53
C ALA B 467 13.25 21.71 16.55
N TRP B 468 13.26 21.99 15.23
CA TRP B 468 13.30 20.91 14.25
C TRP B 468 14.59 20.09 14.33
N ALA B 469 15.70 20.77 14.61
CA ALA B 469 16.98 20.10 14.73
C ALA B 469 16.96 19.21 15.96
N SER B 470 16.26 19.66 16.98
CA SER B 470 16.19 18.90 18.22
C SER B 470 15.33 17.64 18.10
N ALA B 471 14.26 17.69 17.30
CA ALA B 471 13.40 16.51 17.17
C ALA B 471 13.57 15.66 15.90
N SER B 472 13.85 16.30 14.76
CA SER B 472 14.00 15.57 13.48
C SER B 472 14.89 14.31 13.54
N THR B 473 15.68 14.14 14.58
CA THR B 473 16.55 12.98 14.66
C THR B 473 15.82 11.71 15.04
N TYR B 474 14.55 11.84 15.42
CA TYR B 474 13.79 10.66 15.81
C TYR B 474 13.54 9.72 14.65
N ARG B 475 13.67 8.43 14.94
CA ARG B 475 13.43 7.43 13.93
C ARG B 475 12.71 6.27 14.58
N ASP B 476 11.54 5.98 14.02
CA ASP B 476 10.65 4.94 14.48
C ASP B 476 11.22 3.52 14.38
N SER B 477 12.23 3.33 13.54
CA SER B 477 12.83 2.01 13.35
C SER B 477 13.41 1.42 14.62
N ASP B 478 14.31 2.15 15.27
CA ASP B 478 14.89 1.62 16.51
C ASP B 478 14.55 2.52 17.70
N LYS B 479 13.58 3.40 17.52
CA LYS B 479 13.15 4.30 18.59
C LYS B 479 14.27 5.16 19.19
N ARG B 480 15.25 5.55 18.38
CA ARG B 480 16.36 6.39 18.84
C ARG B 480 16.16 7.83 18.37
N GLY B 481 16.93 8.75 18.96
CA GLY B 481 16.82 10.14 18.58
C GLY B 481 15.63 10.79 19.24
N GLY B 482 15.49 12.09 19.07
CA GLY B 482 14.35 12.76 19.66
C GLY B 482 14.75 14.08 20.28
N ALA B 483 13.75 14.85 20.69
CA ALA B 483 14.00 16.14 21.30
C ALA B 483 14.20 16.03 22.81
N ASN B 484 13.78 14.90 23.40
CA ASN B 484 13.94 14.70 24.84
C ASN B 484 15.38 14.29 25.14
N GLY B 485 16.04 15.06 26.00
CA GLY B 485 17.43 14.79 26.34
C GLY B 485 18.28 15.90 25.77
N ALA B 486 17.71 16.61 24.80
CA ALA B 486 18.39 17.72 24.16
C ALA B 486 19.82 17.40 23.74
N ARG B 487 20.02 16.25 23.09
CA ARG B 487 21.35 15.90 22.64
C ARG B 487 21.85 16.89 21.58
N LEU B 488 20.95 17.72 21.07
CA LEU B 488 21.29 18.71 20.07
C LEU B 488 22.46 19.60 20.48
N ARG B 489 22.61 19.84 21.78
CA ARG B 489 23.70 20.69 22.25
C ARG B 489 24.96 19.91 22.60
N LEU B 490 24.88 18.58 22.56
CA LEU B 490 26.03 17.75 22.88
C LEU B 490 26.67 17.25 21.60
N GLU B 491 27.70 16.43 21.75
CA GLU B 491 28.39 15.84 20.60
C GLU B 491 27.57 14.64 20.15
N PRO B 492 27.48 14.41 18.82
CA PRO B 492 28.11 15.25 17.79
C PRO B 492 27.17 16.30 17.22
N GLN B 493 25.87 16.10 17.44
CA GLN B 493 24.86 17.01 16.91
C GLN B 493 25.15 18.51 17.00
N LYS B 494 25.77 18.99 18.08
CA LYS B 494 26.01 20.42 18.16
C LYS B 494 26.98 20.89 17.07
N ASN B 495 27.71 19.93 16.51
CA ASN B 495 28.70 20.23 15.47
C ASN B 495 28.39 19.64 14.09
N TRP B 496 27.14 19.30 13.86
CA TRP B 496 26.70 18.75 12.58
C TRP B 496 26.54 19.90 11.61
N GLU B 497 27.14 19.75 10.43
CA GLU B 497 27.04 20.78 9.40
C GLU B 497 25.61 21.29 9.24
N VAL B 498 24.67 20.35 9.17
CA VAL B 498 23.26 20.66 9.00
C VAL B 498 22.71 21.57 10.11
N ASN B 499 23.29 21.53 11.30
CA ASN B 499 22.77 22.35 12.37
C ASN B 499 23.35 23.77 12.46
N GLU B 500 24.36 24.07 11.64
CA GLU B 500 24.99 25.39 11.62
C GLU B 500 25.53 25.71 13.02
N PRO B 501 26.54 24.95 13.46
CA PRO B 501 27.19 25.09 14.77
C PRO B 501 27.21 26.48 15.41
N GLU B 502 27.77 27.45 14.71
CA GLU B 502 27.88 28.82 15.20
C GLU B 502 26.51 29.44 15.41
N GLN B 503 25.57 29.12 14.53
CA GLN B 503 24.24 29.67 14.64
C GLN B 503 23.52 28.97 15.78
N LEU B 504 23.61 27.65 15.82
CA LEU B 504 22.97 26.88 16.87
C LEU B 504 23.50 27.35 18.21
N GLU B 505 24.81 27.56 18.26
CA GLU B 505 25.52 28.05 19.44
C GLU B 505 24.81 29.25 20.07
N THR B 506 24.51 30.23 19.22
CA THR B 506 23.86 31.45 19.65
C THR B 506 22.46 31.22 20.20
N VAL B 507 21.62 30.52 19.43
CA VAL B 507 20.24 30.26 19.83
C VAL B 507 20.15 29.58 21.19
N LEU B 508 20.97 28.54 21.36
CA LEU B 508 20.98 27.81 22.63
C LEU B 508 21.40 28.72 23.77
N GLY B 509 22.41 29.53 23.54
CA GLY B 509 22.86 30.45 24.56
C GLY B 509 21.70 31.30 25.08
N THR B 510 20.95 31.92 24.16
CA THR B 510 19.82 32.76 24.55
C THR B 510 18.78 31.96 25.33
N LEU B 511 18.54 30.73 24.91
CA LEU B 511 17.57 29.87 25.57
C LEU B 511 18.06 29.47 26.96
N GLU B 512 19.35 29.16 27.06
CA GLU B 512 19.95 28.79 28.36
C GLU B 512 19.87 29.94 29.35
N ASN B 513 20.04 31.15 28.84
CA ASN B 513 20.00 32.34 29.67
C ASN B 513 18.58 32.50 30.17
N ILE B 514 17.61 32.03 29.38
CA ILE B 514 16.22 32.12 29.78
C ILE B 514 15.90 31.05 30.82
N GLN B 515 16.50 29.88 30.64
CA GLN B 515 16.34 28.75 31.56
C GLN B 515 16.85 29.23 32.91
N THR B 516 18.00 29.89 32.87
CA THR B 516 18.67 30.42 34.05
C THR B 516 17.79 31.43 34.78
N GLU B 517 17.45 32.51 34.11
CA GLU B 517 16.64 33.54 34.73
C GLU B 517 15.31 32.99 35.22
N PHE B 518 14.87 31.89 34.62
CA PHE B 518 13.62 31.28 35.04
C PHE B 518 13.80 30.53 36.37
N ASN B 519 14.70 29.55 36.36
CA ASN B 519 14.99 28.73 37.54
C ASN B 519 15.36 29.54 38.80
N ASP B 520 16.18 30.57 38.62
CA ASP B 520 16.62 31.40 39.74
C ASP B 520 15.50 32.22 40.38
N SER B 521 14.47 32.53 39.61
CA SER B 521 13.36 33.33 40.11
C SER B 521 12.26 32.49 40.75
N ARG B 522 12.47 31.17 40.80
CA ARG B 522 11.48 30.26 41.37
C ARG B 522 11.53 30.21 42.90
N SER B 523 10.48 30.73 43.53
CA SER B 523 10.38 30.72 44.98
C SER B 523 10.02 29.33 45.51
N ASP B 524 9.93 28.37 44.58
CA ASP B 524 9.60 26.98 44.90
C ASP B 524 10.67 26.03 44.36
N GLY B 525 10.25 24.85 43.90
CA GLY B 525 11.18 23.89 43.37
C GLY B 525 11.08 23.69 41.87
N THR B 526 10.06 24.29 41.26
CA THR B 526 9.87 24.18 39.82
C THR B 526 11.10 24.63 39.04
N GLN B 527 11.46 23.86 38.02
CA GLN B 527 12.60 24.17 37.15
C GLN B 527 12.25 23.75 35.74
N VAL B 528 12.76 24.49 34.75
CA VAL B 528 12.50 24.15 33.35
C VAL B 528 13.76 23.62 32.69
N SER B 529 13.62 22.54 31.93
CA SER B 529 14.76 21.97 31.23
C SER B 529 15.00 22.80 29.97
N LEU B 530 16.15 22.63 29.34
CA LEU B 530 16.42 23.37 28.12
C LEU B 530 15.71 22.61 27.00
N ALA B 531 15.64 21.31 27.17
CA ALA B 531 14.97 20.44 26.21
C ALA B 531 13.53 20.92 26.04
N ASP B 532 12.83 21.16 27.14
CA ASP B 532 11.47 21.65 27.04
C ASP B 532 11.44 23.03 26.40
N LEU B 533 12.34 23.91 26.82
CA LEU B 533 12.41 25.27 26.30
C LEU B 533 12.65 25.32 24.80
N ILE B 534 13.41 24.36 24.30
CA ILE B 534 13.70 24.30 22.89
C ILE B 534 12.41 24.04 22.12
N VAL B 535 11.65 23.05 22.59
CA VAL B 535 10.39 22.73 21.96
C VAL B 535 9.35 23.81 22.21
N LEU B 536 9.40 24.44 23.38
CA LEU B 536 8.44 25.48 23.69
C LEU B 536 8.70 26.74 22.86
N GLY B 537 9.91 26.83 22.31
CA GLY B 537 10.25 27.99 21.50
C GLY B 537 9.60 27.84 20.14
N GLY B 538 9.76 26.65 19.56
CA GLY B 538 9.18 26.35 18.26
C GLY B 538 7.67 26.56 18.29
N ASN B 539 7.00 25.87 19.21
CA ASN B 539 5.54 25.99 19.36
C ASN B 539 5.07 27.44 19.34
N ALA B 540 5.67 28.25 20.19
CA ALA B 540 5.31 29.67 20.29
C ALA B 540 5.61 30.39 18.98
N ALA B 541 6.72 30.03 18.36
CA ALA B 541 7.11 30.66 17.11
C ALA B 541 6.14 30.27 15.99
N VAL B 542 5.62 29.04 16.06
CA VAL B 542 4.67 28.58 15.05
C VAL B 542 3.33 29.32 15.24
N GLU B 543 2.97 29.57 16.49
CA GLU B 543 1.72 30.26 16.79
C GLU B 543 1.79 31.73 16.36
N GLN B 544 2.98 32.31 16.49
CA GLN B 544 3.21 33.70 16.11
C GLN B 544 2.99 33.78 14.61
N ALA B 545 3.71 32.92 13.89
CA ALA B 545 3.62 32.85 12.43
C ALA B 545 2.19 32.60 11.97
N ALA B 546 1.43 31.87 12.78
CA ALA B 546 0.05 31.61 12.43
C ALA B 546 -0.77 32.86 12.78
N ALA B 547 -0.30 33.60 13.78
CA ALA B 547 -0.98 34.82 14.20
C ALA B 547 -0.84 35.91 13.14
N ASN B 548 0.35 36.00 12.52
CA ASN B 548 0.58 37.02 11.48
C ASN B 548 -0.27 36.75 10.27
N ALA B 549 -0.94 35.59 10.26
CA ALA B 549 -1.78 35.22 9.13
C ALA B 549 -3.25 35.26 9.51
N GLY B 550 -3.53 35.77 10.71
CA GLY B 550 -4.90 35.90 11.18
C GLY B 550 -5.51 34.66 11.82
N TYR B 551 -4.69 33.65 12.07
CA TYR B 551 -5.16 32.41 12.68
C TYR B 551 -4.62 32.28 14.10
N ASP B 552 -5.53 32.17 15.07
CA ASP B 552 -5.15 32.04 16.48
C ASP B 552 -5.12 30.56 16.84
N VAL B 553 -3.93 29.98 16.95
CA VAL B 553 -3.82 28.57 17.29
C VAL B 553 -2.98 28.31 18.53
N GLU B 554 -3.37 27.31 19.29
CA GLU B 554 -2.66 26.94 20.50
C GLU B 554 -2.19 25.51 20.33
N ILE B 555 -0.89 25.33 20.19
CA ILE B 555 -0.31 24.00 20.00
C ILE B 555 -0.15 23.26 21.32
N PRO B 556 -0.63 22.02 21.41
CA PRO B 556 -0.52 21.23 22.64
C PRO B 556 0.96 21.02 23.00
N PHE B 557 1.32 21.29 24.26
CA PHE B 557 2.70 21.12 24.70
C PHE B 557 2.83 20.16 25.88
N GLU B 558 3.79 19.25 25.80
CA GLU B 558 4.00 18.27 26.87
C GLU B 558 5.28 18.51 27.67
N PRO B 559 5.16 19.24 28.80
CA PRO B 559 6.33 19.51 29.65
C PRO B 559 6.78 18.25 30.36
N GLY B 560 8.06 18.18 30.70
CA GLY B 560 8.55 17.01 31.37
C GLY B 560 9.83 16.44 30.79
N ARG B 561 10.31 17.00 29.69
CA ARG B 561 11.57 16.50 29.11
C ARG B 561 12.74 16.92 30.00
N VAL B 562 13.80 16.12 29.96
CA VAL B 562 15.01 16.38 30.74
C VAL B 562 16.22 16.60 29.84
N ASP B 563 17.32 17.07 30.42
CA ASP B 563 18.53 17.32 29.65
C ASP B 563 19.54 16.20 29.90
N ALA B 564 19.91 15.47 28.85
CA ALA B 564 20.87 14.39 29.04
C ALA B 564 22.27 14.96 29.02
N GLY B 565 23.18 14.27 29.71
CA GLY B 565 24.55 14.72 29.76
C GLY B 565 25.42 13.88 28.84
N PRO B 566 26.70 14.27 28.65
CA PRO B 566 27.63 13.54 27.79
C PRO B 566 28.08 12.23 28.43
N GLU B 567 27.90 12.14 29.75
CA GLU B 567 28.29 10.95 30.50
C GLU B 567 27.55 9.72 29.96
N HIS B 568 26.23 9.81 29.91
CA HIS B 568 25.41 8.70 29.40
C HIS B 568 24.94 8.93 27.96
N THR B 569 25.90 9.18 27.08
CA THR B 569 25.62 9.41 25.66
C THR B 569 26.75 8.83 24.82
N ASP B 570 26.46 7.88 23.93
CA ASP B 570 27.49 7.30 23.09
C ASP B 570 27.62 8.13 21.81
N ALA B 571 28.06 9.39 21.95
CA ALA B 571 28.22 10.32 20.83
C ALA B 571 28.50 9.65 19.48
N PRO B 572 29.47 8.73 19.42
CA PRO B 572 29.75 8.07 18.15
C PRO B 572 28.58 7.30 17.53
N SER B 573 27.81 6.61 18.37
CA SER B 573 26.65 5.83 17.91
C SER B 573 25.49 6.72 17.49
N PHE B 574 25.69 8.03 17.56
CA PHE B 574 24.66 8.97 17.16
C PHE B 574 24.91 9.49 15.76
N ASP B 575 26.07 9.20 15.19
CA ASP B 575 26.35 9.68 13.85
C ASP B 575 25.35 9.07 12.87
N ALA B 576 24.90 7.86 13.17
CA ALA B 576 23.94 7.17 12.31
C ALA B 576 22.62 7.93 12.22
N LEU B 577 22.48 8.98 13.02
CA LEU B 577 21.26 9.77 13.01
C LEU B 577 21.49 11.05 12.22
N LYS B 578 22.70 11.24 11.71
CA LYS B 578 22.99 12.45 10.94
C LYS B 578 22.35 12.31 9.57
N PRO B 579 21.48 13.27 9.20
CA PRO B 579 20.82 13.21 7.90
C PRO B 579 21.67 13.83 6.81
N LYS B 580 21.42 13.43 5.57
CA LYS B 580 22.12 13.97 4.41
C LYS B 580 21.12 14.89 3.68
N VAL B 581 19.83 14.76 3.99
CA VAL B 581 18.78 15.60 3.42
C VAL B 581 17.82 16.03 4.54
N ASP B 582 17.26 17.24 4.44
CA ASP B 582 16.32 17.72 5.44
C ASP B 582 15.37 18.72 4.78
N GLY B 583 14.27 18.21 4.26
CA GLY B 583 13.30 19.04 3.57
C GLY B 583 12.78 20.24 4.34
N VAL B 584 12.61 20.13 5.65
CA VAL B 584 12.09 21.28 6.41
C VAL B 584 13.04 22.47 6.26
N ARG B 585 14.33 22.19 6.35
CA ARG B 585 15.35 23.22 6.25
C ARG B 585 15.96 23.31 4.88
N ASN B 586 15.49 22.45 3.99
CA ASN B 586 15.97 22.42 2.62
C ASN B 586 17.47 22.27 2.59
N TYR B 587 17.95 21.19 3.18
CA TYR B 587 19.36 20.94 3.22
C TYR B 587 19.65 19.72 2.36
N ILE B 588 20.64 19.84 1.47
CA ILE B 588 21.01 18.72 0.60
C ILE B 588 22.52 18.50 0.51
N GLN B 589 22.99 17.39 1.08
CA GLN B 589 24.40 17.05 1.02
C GLN B 589 24.75 16.86 -0.43
N ASP B 590 25.86 17.48 -0.85
CA ASP B 590 26.33 17.40 -2.23
C ASP B 590 27.15 16.14 -2.52
N ASP B 591 26.66 15.01 -2.02
CA ASP B 591 27.33 13.74 -2.20
C ASP B 591 26.31 12.61 -2.24
N ILE B 592 25.05 12.91 -1.90
CA ILE B 592 24.00 11.91 -1.89
C ILE B 592 23.86 11.22 -3.24
N THR B 593 24.02 9.90 -3.21
CA THR B 593 23.92 9.09 -4.41
C THR B 593 22.49 9.11 -4.97
N ARG B 594 21.51 8.75 -4.14
CA ARG B 594 20.10 8.74 -4.55
C ARG B 594 19.57 10.16 -4.79
N PRO B 595 18.47 10.30 -5.54
CA PRO B 595 17.94 11.65 -5.77
C PRO B 595 17.37 12.20 -4.45
N ALA B 596 17.60 13.46 -4.16
CA ALA B 596 17.11 14.08 -2.93
C ALA B 596 15.70 13.66 -2.48
N GLU B 597 14.72 13.77 -3.36
CA GLU B 597 13.34 13.41 -3.03
C GLU B 597 13.18 12.00 -2.49
N GLU B 598 14.04 11.10 -2.94
CA GLU B 598 13.99 9.72 -2.47
C GLU B 598 14.41 9.68 -1.01
N VAL B 599 15.39 10.49 -0.65
CA VAL B 599 15.84 10.48 0.73
C VAL B 599 14.79 11.20 1.55
N LEU B 600 14.27 12.28 0.99
CA LEU B 600 13.23 13.06 1.65
C LEU B 600 12.12 12.10 2.09
N VAL B 601 11.71 11.21 1.19
CA VAL B 601 10.64 10.28 1.53
C VAL B 601 11.10 9.29 2.58
N ASP B 602 12.30 8.74 2.36
CA ASP B 602 12.85 7.80 3.31
C ASP B 602 12.87 8.34 4.73
N ASN B 603 13.34 9.57 4.90
CA ASN B 603 13.40 10.17 6.23
C ASN B 603 12.00 10.43 6.77
N ALA B 604 11.11 10.92 5.93
CA ALA B 604 9.74 11.19 6.35
C ALA B 604 9.13 9.92 6.95
N ASP B 605 9.63 8.75 6.55
CA ASP B 605 9.08 7.52 7.08
C ASP B 605 9.63 7.26 8.47
N LEU B 606 10.83 7.75 8.72
CA LEU B 606 11.41 7.58 10.04
C LEU B 606 10.59 8.39 11.03
N LEU B 607 9.95 9.44 10.55
CA LEU B 607 9.15 10.28 11.42
C LEU B 607 7.68 9.83 11.47
N ASN B 608 7.38 8.74 10.77
CA ASN B 608 6.03 8.18 10.69
C ASN B 608 5.03 9.09 9.99
N LEU B 609 5.50 9.93 9.07
CA LEU B 609 4.63 10.84 8.34
C LEU B 609 4.04 10.21 7.09
N THR B 610 2.84 10.65 6.71
CA THR B 610 2.15 10.17 5.51
C THR B 610 2.40 11.21 4.40
N ALA B 611 2.23 10.81 3.15
CA ALA B 611 2.44 11.73 2.04
C ALA B 611 1.85 13.07 2.41
N SER B 612 0.59 13.08 2.83
CA SER B 612 -0.07 14.32 3.21
C SER B 612 0.70 15.13 4.24
N GLU B 613 0.98 14.54 5.40
CA GLU B 613 1.71 15.22 6.47
C GLU B 613 3.00 15.89 6.02
N LEU B 614 3.77 15.16 5.24
CA LEU B 614 5.03 15.63 4.72
C LEU B 614 4.73 16.92 3.96
N THR B 615 3.82 16.79 3.02
CA THR B 615 3.40 17.88 2.15
C THR B 615 3.00 19.14 2.94
N ALA B 616 2.06 19.00 3.87
CA ALA B 616 1.64 20.14 4.67
C ALA B 616 2.87 20.70 5.41
N LEU B 617 3.61 19.81 6.06
CA LEU B 617 4.80 20.21 6.81
C LEU B 617 5.71 21.13 6.00
N ILE B 618 6.18 20.65 4.85
CA ILE B 618 7.08 21.42 4.00
C ILE B 618 6.45 22.67 3.43
N GLY B 619 5.26 22.54 2.87
CA GLY B 619 4.59 23.69 2.29
C GLY B 619 4.39 24.79 3.31
N GLY B 620 3.94 24.41 4.50
CA GLY B 620 3.74 25.42 5.53
C GLY B 620 5.06 26.00 6.00
N MET B 621 6.09 25.16 6.07
CA MET B 621 7.41 25.56 6.53
C MET B 621 8.05 26.61 5.62
N ARG B 622 7.89 26.46 4.31
CA ARG B 622 8.48 27.43 3.39
C ARG B 622 7.84 28.80 3.54
N SER B 623 6.59 28.86 3.99
CA SER B 623 5.95 30.16 4.16
C SER B 623 6.57 30.84 5.38
N ILE B 624 7.12 30.02 6.27
CA ILE B 624 7.74 30.53 7.47
C ILE B 624 9.20 30.92 7.25
N GLY B 625 9.86 30.21 6.33
CA GLY B 625 11.24 30.49 6.03
C GLY B 625 12.16 30.02 7.13
N ALA B 626 12.64 28.77 7.04
CA ALA B 626 13.55 28.21 8.03
C ALA B 626 14.62 27.36 7.32
N ASN B 627 15.20 27.91 6.26
CA ASN B 627 16.22 27.20 5.50
C ASN B 627 17.65 27.22 6.06
N TYR B 628 18.34 26.11 5.83
CA TYR B 628 19.73 25.94 6.21
C TYR B 628 20.47 27.09 5.52
N GLN B 629 21.17 27.91 6.30
CA GLN B 629 21.91 29.07 5.77
C GLN B 629 20.98 30.18 5.31
N ASP B 630 19.77 30.17 5.87
CA ASP B 630 18.77 31.16 5.54
C ASP B 630 18.60 31.45 4.06
N THR B 631 18.77 30.43 3.23
CA THR B 631 18.61 30.64 1.79
C THR B 631 17.14 30.82 1.47
N ASP B 632 16.86 31.43 0.32
CA ASP B 632 15.49 31.63 -0.12
C ASP B 632 14.99 30.50 -1.04
N LEU B 633 15.50 29.29 -0.85
CA LEU B 633 15.10 28.12 -1.64
C LEU B 633 13.71 27.62 -1.29
N GLY B 634 12.80 27.64 -2.25
CA GLY B 634 11.44 27.18 -1.98
C GLY B 634 10.60 28.18 -1.20
N VAL B 635 11.17 29.29 -0.79
CA VAL B 635 10.39 30.25 -0.03
C VAL B 635 9.49 31.11 -0.93
N PHE B 636 8.55 30.45 -1.60
CA PHE B 636 7.65 31.13 -2.51
C PHE B 636 6.59 31.99 -1.79
N THR B 637 7.05 32.98 -1.02
CA THR B 637 6.15 33.88 -0.31
C THR B 637 6.71 35.30 -0.24
N ASP B 638 5.83 36.26 0.04
CA ASP B 638 6.22 37.67 0.13
C ASP B 638 6.32 38.13 1.58
N GLU B 639 5.77 37.33 2.49
CA GLU B 639 5.80 37.69 3.89
C GLU B 639 6.25 36.53 4.75
N PRO B 640 7.56 36.27 4.81
CA PRO B 640 8.07 35.18 5.62
C PRO B 640 7.58 35.23 7.05
N GLU B 641 7.82 34.15 7.80
CA GLU B 641 7.40 34.11 9.18
C GLU B 641 5.93 34.45 9.28
N THR B 642 5.17 34.07 8.26
CA THR B 642 3.73 34.27 8.21
C THR B 642 3.23 32.96 7.63
N LEU B 643 2.64 32.13 8.49
CA LEU B 643 2.15 30.82 8.07
C LEU B 643 0.94 30.86 7.15
N THR B 644 1.17 30.53 5.89
CA THR B 644 0.09 30.52 4.90
C THR B 644 0.24 29.39 3.89
N ASN B 645 -0.57 29.44 2.85
CA ASN B 645 -0.52 28.42 1.84
C ASN B 645 0.11 29.01 0.58
N ASP B 646 0.90 30.06 0.76
CA ASP B 646 1.56 30.72 -0.36
C ASP B 646 2.52 29.83 -1.14
N PHE B 647 3.07 28.81 -0.49
CA PHE B 647 3.96 27.92 -1.19
C PHE B 647 3.19 27.19 -2.31
N PHE B 648 2.02 26.64 -1.97
CA PHE B 648 1.23 25.89 -2.94
C PHE B 648 0.60 26.76 -4.03
N VAL B 649 0.16 27.95 -3.64
CA VAL B 649 -0.41 28.87 -4.60
C VAL B 649 0.64 29.27 -5.65
N ASN B 650 1.84 29.58 -5.19
CA ASN B 650 2.88 30.01 -6.10
C ASN B 650 3.62 28.89 -6.82
N LEU B 651 3.58 27.69 -6.26
CA LEU B 651 4.23 26.57 -6.93
C LEU B 651 3.32 26.09 -8.04
N LEU B 652 2.02 26.24 -7.81
CA LEU B 652 1.03 25.81 -8.82
C LEU B 652 0.69 26.84 -9.90
N ASP B 653 1.09 28.09 -9.71
CA ASP B 653 0.79 29.12 -10.68
C ASP B 653 1.49 28.87 -12.02
N MET B 654 0.72 28.58 -13.07
CA MET B 654 1.30 28.33 -14.38
C MET B 654 1.97 29.56 -14.96
N GLY B 655 1.74 30.72 -14.36
CA GLY B 655 2.37 31.94 -14.85
C GLY B 655 3.88 31.86 -14.66
N THR B 656 4.31 30.83 -13.92
CA THR B 656 5.72 30.58 -13.62
C THR B 656 6.19 29.29 -14.28
N GLU B 657 7.41 29.33 -14.81
CA GLU B 657 8.03 28.20 -15.50
C GLU B 657 9.31 27.79 -14.80
N TRP B 658 9.61 26.48 -14.80
CA TRP B 658 10.81 25.98 -14.13
C TRP B 658 11.87 25.37 -15.06
N GLU B 659 13.11 25.38 -14.57
CA GLU B 659 14.27 24.86 -15.32
C GLU B 659 15.47 24.79 -14.39
N PRO B 660 16.39 23.87 -14.68
CA PRO B 660 17.62 23.67 -13.89
C PRO B 660 18.49 24.89 -13.94
N ALA B 661 19.15 25.18 -12.83
CA ALA B 661 20.04 26.34 -12.72
C ALA B 661 21.38 26.07 -13.37
N ALA B 662 21.93 27.11 -13.98
CA ALA B 662 23.23 27.05 -14.64
C ALA B 662 24.34 26.88 -13.62
N ASP B 663 25.10 25.80 -13.78
CA ASP B 663 26.23 25.51 -12.88
C ASP B 663 25.78 25.38 -11.42
N SER B 664 24.90 24.43 -11.14
CA SER B 664 24.40 24.19 -9.79
C SER B 664 23.81 22.80 -9.72
N GLU B 665 24.08 22.08 -8.64
CA GLU B 665 23.60 20.71 -8.47
C GLU B 665 22.14 20.59 -8.02
N HIS B 666 21.79 21.30 -6.95
CA HIS B 666 20.42 21.25 -6.40
C HIS B 666 19.52 22.41 -6.83
N ARG B 667 20.09 23.43 -7.45
CA ARG B 667 19.29 24.59 -7.82
C ARG B 667 18.46 24.55 -9.11
N TYR B 668 17.27 25.12 -9.02
CA TYR B 668 16.32 25.24 -10.12
C TYR B 668 15.81 26.65 -10.01
N LYS B 669 15.55 27.31 -11.14
CA LYS B 669 15.03 28.67 -11.10
C LYS B 669 13.63 28.73 -11.69
N GLY B 670 12.79 29.53 -11.06
CA GLY B 670 11.43 29.71 -11.51
C GLY B 670 11.32 31.07 -12.19
N LEU B 671 11.28 31.05 -13.51
CA LEU B 671 11.19 32.26 -14.32
C LEU B 671 9.73 32.63 -14.60
N ASP B 672 9.52 33.82 -15.15
CA ASP B 672 8.19 34.25 -15.50
C ASP B 672 7.97 33.84 -16.95
N ARG B 673 7.03 32.93 -17.18
CA ARG B 673 6.75 32.44 -18.53
C ARG B 673 6.69 33.61 -19.49
N ASP B 674 6.08 34.70 -19.04
CA ASP B 674 5.92 35.89 -19.87
C ASP B 674 7.20 36.72 -20.06
N THR B 675 7.64 37.41 -19.00
CA THR B 675 8.84 38.26 -19.04
C THR B 675 10.15 37.48 -19.16
N GLY B 676 10.33 36.51 -18.26
CA GLY B 676 11.54 35.72 -18.25
C GLY B 676 12.35 36.11 -17.03
N GLU B 677 11.78 37.03 -16.26
CA GLU B 677 12.44 37.49 -15.05
C GLU B 677 12.43 36.34 -14.05
N VAL B 678 13.46 36.29 -13.22
CA VAL B 678 13.60 35.25 -12.22
C VAL B 678 12.65 35.53 -11.06
N LYS B 679 11.64 34.67 -10.91
CA LYS B 679 10.65 34.79 -9.85
C LYS B 679 11.03 34.09 -8.54
N TRP B 680 11.48 32.84 -8.62
CA TRP B 680 11.86 32.10 -7.42
C TRP B 680 13.03 31.16 -7.70
N GLU B 681 13.49 30.51 -6.63
CA GLU B 681 14.55 29.54 -6.72
C GLU B 681 14.11 28.39 -5.85
N ALA B 682 14.51 27.18 -6.20
CA ALA B 682 14.10 26.01 -5.45
C ALA B 682 15.01 24.82 -5.71
N THR B 683 14.73 23.73 -5.01
CA THR B 683 15.47 22.47 -5.15
C THR B 683 14.45 21.36 -5.39
N ARG B 684 14.93 20.18 -5.75
CA ARG B 684 14.06 19.04 -6.01
C ARG B 684 13.07 18.78 -4.85
N ILE B 685 13.46 19.15 -3.64
CA ILE B 685 12.59 18.96 -2.50
C ILE B 685 11.35 19.82 -2.61
N ASP B 686 11.52 21.00 -3.20
CA ASP B 686 10.43 21.94 -3.38
C ASP B 686 9.57 21.59 -4.56
N LEU B 687 10.26 21.27 -5.65
CA LEU B 687 9.59 20.96 -6.89
C LEU B 687 8.94 19.61 -6.98
N ILE B 688 9.36 18.69 -6.12
CA ILE B 688 8.76 17.38 -6.19
C ILE B 688 7.25 17.49 -5.90
N PHE B 689 6.87 18.32 -4.93
CA PHE B 689 5.45 18.45 -4.62
C PHE B 689 4.62 18.99 -5.77
N GLY B 690 5.29 19.41 -6.82
CA GLY B 690 4.58 19.91 -7.99
C GLY B 690 4.75 18.98 -9.18
N SER B 691 5.63 17.99 -9.07
CA SER B 691 5.87 17.03 -10.17
C SER B 691 5.21 15.67 -9.96
N ASN B 692 5.50 15.02 -8.84
CA ASN B 692 4.93 13.70 -8.56
C ASN B 692 3.41 13.81 -8.58
N ASP B 693 2.79 12.85 -9.26
CA ASP B 693 1.34 12.81 -9.43
C ASP B 693 0.55 12.88 -8.13
N ARG B 694 0.85 11.99 -7.19
CA ARG B 694 0.17 11.95 -5.92
C ARG B 694 0.44 13.14 -5.04
N LEU B 695 1.68 13.56 -4.97
CA LEU B 695 2.02 14.72 -4.15
C LEU B 695 1.33 15.95 -4.71
N ARG B 696 1.37 16.11 -6.02
CA ARG B 696 0.73 17.25 -6.65
C ARG B 696 -0.75 17.28 -6.30
N ALA B 697 -1.39 16.12 -6.22
CA ALA B 697 -2.81 16.04 -5.90
C ALA B 697 -3.09 16.72 -4.56
N ILE B 698 -2.17 16.56 -3.62
CA ILE B 698 -2.31 17.15 -2.28
C ILE B 698 -2.04 18.65 -2.32
N SER B 699 -1.06 19.06 -3.13
CA SER B 699 -0.67 20.45 -3.28
C SER B 699 -1.82 21.29 -3.85
N GLU B 700 -2.61 20.67 -4.72
CA GLU B 700 -3.74 21.37 -5.32
C GLU B 700 -4.79 21.63 -4.25
N VAL B 701 -4.89 20.73 -3.28
CA VAL B 701 -5.87 20.88 -2.22
C VAL B 701 -5.54 22.08 -1.35
N TYR B 702 -4.30 22.12 -0.86
CA TYR B 702 -3.78 23.16 0.00
C TYR B 702 -3.64 24.52 -0.71
N GLY B 703 -3.43 24.48 -2.02
CA GLY B 703 -3.29 25.71 -2.79
C GLY B 703 -4.61 26.27 -3.32
N SER B 704 -5.71 25.70 -2.89
CA SER B 704 -7.00 26.19 -3.32
C SER B 704 -7.30 27.46 -2.55
N ALA B 705 -8.34 28.18 -2.98
CA ALA B 705 -8.72 29.43 -2.33
C ALA B 705 -9.57 29.15 -1.12
N ASP B 706 -9.30 28.09 -0.38
CA ASP B 706 -10.13 27.84 0.76
C ASP B 706 -9.41 26.84 1.62
N ALA B 707 -8.19 26.51 1.22
CA ALA B 707 -7.46 25.52 1.95
C ALA B 707 -6.53 26.06 3.03
N GLU B 708 -6.13 27.33 2.92
CA GLU B 708 -5.21 27.93 3.89
C GLU B 708 -5.41 27.57 5.36
N LYS B 709 -6.62 27.78 5.87
CA LYS B 709 -6.89 27.45 7.26
C LYS B 709 -6.65 25.97 7.49
N LYS B 710 -7.03 25.14 6.52
CA LYS B 710 -6.82 23.72 6.67
C LYS B 710 -5.33 23.43 6.73
N LEU B 711 -4.57 24.01 5.81
CA LEU B 711 -3.14 23.79 5.80
C LEU B 711 -2.48 24.20 7.12
N VAL B 712 -2.90 25.34 7.66
CA VAL B 712 -2.35 25.85 8.91
C VAL B 712 -2.61 24.82 10.00
N HIS B 713 -3.84 24.31 10.04
CA HIS B 713 -4.14 23.31 11.06
C HIS B 713 -3.44 21.98 10.78
N ASP B 714 -3.34 21.59 9.51
CA ASP B 714 -2.68 20.33 9.22
C ASP B 714 -1.19 20.48 9.53
N PHE B 715 -0.67 21.68 9.31
CA PHE B 715 0.74 21.96 9.58
C PHE B 715 1.07 21.85 11.07
N VAL B 716 0.27 22.53 11.88
CA VAL B 716 0.46 22.53 13.31
C VAL B 716 0.41 21.11 13.84
N ASP B 717 -0.64 20.38 13.47
CA ASP B 717 -0.79 19.00 13.92
C ASP B 717 0.42 18.14 13.53
N THR B 718 0.98 18.36 12.34
CA THR B 718 2.13 17.56 11.93
C THR B 718 3.36 17.98 12.73
N TRP B 719 3.53 19.28 12.89
CA TRP B 719 4.65 19.81 13.64
C TRP B 719 4.54 19.36 15.10
N SER B 720 3.33 19.45 15.65
CA SER B 720 3.10 19.04 17.03
C SER B 720 3.39 17.57 17.19
N LYS B 721 3.07 16.79 16.18
CA LYS B 721 3.31 15.36 16.26
C LYS B 721 4.80 15.10 16.36
N VAL B 722 5.57 15.55 15.36
CA VAL B 722 7.01 15.32 15.36
C VAL B 722 7.68 15.68 16.66
N MET B 723 7.27 16.79 17.26
CA MET B 723 7.83 17.24 18.53
C MET B 723 7.64 16.23 19.66
N LYS B 724 6.65 15.35 19.51
CA LYS B 724 6.37 14.39 20.57
C LYS B 724 6.69 12.94 20.23
N LEU B 725 7.30 12.70 19.07
CA LEU B 725 7.63 11.36 18.65
C LEU B 725 8.33 10.49 19.70
N ASP B 726 9.22 11.07 20.48
CA ASP B 726 9.97 10.33 21.50
C ASP B 726 9.31 10.26 22.87
N ARG B 727 8.19 10.96 23.06
CA ARG B 727 7.50 10.95 24.34
C ARG B 727 6.80 9.61 24.56
N PHE B 728 7.57 8.56 24.83
CA PHE B 728 7.00 7.23 25.07
C PHE B 728 6.41 7.22 26.46
N ASP B 729 7.07 7.95 27.36
CA ASP B 729 6.68 8.07 28.75
C ASP B 729 5.20 8.43 28.92
N LEU B 730 4.65 9.14 27.95
CA LEU B 730 3.24 9.53 27.99
C LEU B 730 2.35 8.42 27.46
N GLU B 731 2.93 7.58 26.61
CA GLU B 731 2.22 6.45 25.99
C GLU B 731 1.95 5.33 27.00
CHA HEM C . -9.95 12.74 -30.75
CHB HEM C . -10.00 8.52 -31.76
CHC HEM C . -13.93 8.16 -29.98
CHD HEM C . -13.96 12.49 -29.39
C1A HEM C . -9.11 11.76 -31.22
C2A HEM C . -7.88 11.31 -31.83
C3A HEM C . -7.82 10.00 -32.18
C4A HEM C . -9.15 9.60 -31.76
CMA HEM C . -6.68 9.17 -32.67
CAA HEM C . -6.83 12.38 -31.96
CBA HEM C . -6.05 12.94 -30.75
CGA HEM C . -4.99 13.77 -31.11
O1A HEM C . -4.01 13.44 -31.88
O2A HEM C . -5.01 14.91 -30.61
C1B HEM C . -10.93 7.55 -31.42
C2B HEM C . -11.34 6.17 -31.66
C3B HEM C . -12.56 6.04 -31.07
C4B HEM C . -12.90 7.34 -30.46
CMB HEM C . -10.22 5.19 -31.94
CAB HEM C . -13.30 4.85 -30.57
CBB HEM C . -13.74 3.83 -31.67
C1C HEM C . -14.63 9.12 -29.24
C2C HEM C . -15.90 9.47 -28.66
C3C HEM C . -16.00 10.80 -28.61
C4C HEM C . -14.83 11.45 -29.13
CMC HEM C . -16.57 8.19 -28.18
CAC HEM C . -16.82 11.70 -27.69
CBC HEM C . -18.29 11.42 -27.24
C1D HEM C . -13.09 13.50 -29.78
C2D HEM C . -12.90 14.93 -30.00
C3D HEM C . -11.63 14.95 -30.48
C4D HEM C . -11.03 13.63 -30.55
CMD HEM C . -13.78 16.06 -29.58
CAD HEM C . -10.68 16.01 -30.93
CBD HEM C . -9.99 16.88 -29.78
CGD HEM C . -9.29 18.03 -30.18
O1D HEM C . -8.46 18.35 -29.28
O2D HEM C . -9.54 18.59 -31.29
NA HEM C . -9.89 10.62 -31.21
NB HEM C . -11.88 8.25 -30.68
NC HEM C . -14.06 10.38 -29.48
ND HEM C . -11.98 12.76 -30.11
FE HEM C . -12.07 10.55 -30.76
CHA HEM D . 24.09 -21.79 12.90
CHB HEM D . 26.60 -19.14 10.42
CHC HEM D . 26.84 -16.47 13.87
CHD HEM D . 24.35 -19.14 16.34
C1A HEM D . 24.58 -21.67 11.60
C2A HEM D . 24.61 -22.11 10.22
C3A HEM D . 25.33 -21.27 9.42
C4A HEM D . 25.77 -20.24 10.36
CMA HEM D . 25.76 -21.49 8.00
CAA HEM D . 23.86 -23.41 10.00
CBA HEM D . 22.44 -23.42 9.39
CGA HEM D . 22.19 -24.79 9.19
O1A HEM D . 22.73 -25.71 8.45
O2A HEM D . 21.27 -25.32 9.85
C1B HEM D . 26.94 -17.84 10.78
C2B HEM D . 27.77 -16.79 10.23
C3B HEM D . 27.88 -16.00 11.34
C4B HEM D . 27.19 -16.49 12.53
CMB HEM D . 27.88 -16.52 8.75
CAB HEM D . 28.33 -14.57 11.42
CBB HEM D . 29.65 -13.98 10.84
C1C HEM D . 26.16 -16.53 15.06
C2C HEM D . 25.60 -15.83 16.19
C3C HEM D . 24.77 -16.59 16.92
C4C HEM D . 24.79 -17.84 16.23
CMC HEM D . 26.06 -14.41 16.47
CAC HEM D . 23.85 -16.39 18.13
CBC HEM D . 24.33 -15.80 19.48
C1D HEM D . 23.91 -20.39 15.92
C2D HEM D . 23.36 -21.62 16.46
C3D HEM D . 23.43 -22.53 15.45
C4D HEM D . 24.02 -21.88 14.28
CMD HEM D . 22.94 -21.88 17.88
CAD HEM D . 23.04 -23.95 15.17
CBD HEM D . 21.49 -24.18 14.95
CGD HEM D . 21.15 -25.55 15.03
O1D HEM D . 21.42 -26.65 15.61
O2D HEM D . 20.23 -26.07 14.33
NA HEM D . 25.31 -20.51 11.63
NB HEM D . 26.60 -17.67 12.11
NC HEM D . 25.61 -17.82 15.13
ND HEM D . 24.29 -20.59 14.60
FE HEM D . 25.62 -19.22 13.26
#